data_3R15
# 
_entry.id   3R15 
# 
_audit_conform.dict_name       mmcif_pdbx.dic 
_audit_conform.dict_version    5.379 
_audit_conform.dict_location   http://mmcif.pdb.org/dictionaries/ascii/mmcif_pdbx.dic 
# 
loop_
_database_2.database_id 
_database_2.database_code 
_database_2.pdbx_database_accession 
_database_2.pdbx_DOI 
PDB   3R15         pdb_00003r15 10.2210/pdb3r15/pdb 
RCSB  RCSB064358   ?            ?                   
WWPDB D_1000064358 ?            ?                   
# 
_pdbx_database_related.db_name        PDB 
_pdbx_database_related.db_id          3QZ0 
_pdbx_database_related.details        'SeMet derivative of FHbB' 
_pdbx_database_related.content_type   unspecified 
# 
_pdbx_database_status.status_code                     REL 
_pdbx_database_status.entry_id                        3R15 
_pdbx_database_status.recvd_initial_deposition_date   2011-03-09 
_pdbx_database_status.deposit_site                    RCSB 
_pdbx_database_status.process_site                    RCSB 
_pdbx_database_status.status_code_sf                  REL 
_pdbx_database_status.status_code_mr                  ? 
_pdbx_database_status.SG_entry                        ? 
_pdbx_database_status.status_code_cs                  ? 
_pdbx_database_status.pdb_format_compatible           Y 
_pdbx_database_status.status_code_nmr_data            ? 
_pdbx_database_status.methods_development_category    ? 
# 
loop_
_audit_author.name 
_audit_author.pdbx_ordinal 
'Miller, D.P.'   1 
'McDowell, J.V.' 2 
'Burgner, J.'    3 
'Heroux, A.'     4 
'Bell, J.K.'     5 
'Marconi, R.T.'  6 
# 
loop_
_citation.id 
_citation.title 
_citation.journal_abbrev 
_citation.journal_volume 
_citation.page_first 
_citation.page_last 
_citation.year 
_citation.journal_id_ASTM 
_citation.country 
_citation.journal_id_ISSN 
_citation.journal_id_CSD 
_citation.book_publisher 
_citation.pdbx_database_id_PubMed 
_citation.pdbx_database_id_DOI 
primary 'Structure Treponema Denticola Factor H Binding Protein' 'To be Published' ?  ?    ?    ?    ? ?  ?         0353 ? ? ? 
1       'Crystallization of the Factor H binding protein, FhbB, of the periopathogen Treponema denticola' 'To be Published' ?  ? ? 
?    ? ?  ?         0353 ? ? ? 
2       
;Analysis of a unique interaction between the complement regulatory protein factor H and the periodontal pathogen Treponema denticola
;
Infect.Immun.     77 1417 1425 2009 ? US 0019-9567 999  ? ? ? 
# 
loop_
_citation_author.citation_id 
_citation_author.name 
_citation_author.ordinal 
_citation_author.identifier_ORCID 
primary 'Miller, D.P.'   1  ? 
primary 'McDowell, J.V.' 2  ? 
primary 'Burgner, J.'    3  ? 
primary 'Heroux, A.'     4  ? 
primary 'Bell, J.K.'     5  ? 
primary 'Marconi, R.T.'  6  ? 
1       'Miller, D.P.'   7  ? 
1       'McDowell, J.V.' 8  ? 
1       'Bell, J.K.'     9  ? 
1       'Marconi, R.T.'  10 ? 
2       'McDowell, J.V.' 11 ? 
2       'Huang, B.'      12 ? 
2       'Fenno, J.C.'    13 ? 
2       'Marconi, R.T.'  14 ? 
# 
_cell.entry_id           3R15 
_cell.length_a           46.988 
_cell.length_b           46.988 
_cell.length_c           168.948 
_cell.angle_alpha        90.00 
_cell.angle_beta         90.00 
_cell.angle_gamma        90.00 
_cell.Z_PDB              16 
_cell.pdbx_unique_axis   ? 
_cell.length_a_esd       ? 
_cell.length_b_esd       ? 
_cell.length_c_esd       ? 
_cell.angle_alpha_esd    ? 
_cell.angle_beta_esd     ? 
_cell.angle_gamma_esd    ? 
# 
_symmetry.entry_id                         3R15 
_symmetry.space_group_name_H-M             'P 43 21 2' 
_symmetry.pdbx_full_space_group_name_H-M   ? 
_symmetry.cell_setting                     ? 
_symmetry.Int_Tables_number                96 
_symmetry.space_group_name_Hall            ? 
# 
loop_
_entity.id 
_entity.type 
_entity.src_method 
_entity.pdbx_description 
_entity.formula_weight 
_entity.pdbx_number_of_molecules 
_entity.pdbx_ec 
_entity.pdbx_mutation 
_entity.pdbx_fragment 
_entity.details 
1 polymer     man 'Factor H binding protein' 10560.178 2   ? ? 'residues 24-102' ? 
2 non-polymer syn 'THIOCYANATE ION'          58.082    2   ? ? ?                 ? 
3 water       nat water                      18.015    117 ? ? ?                 ? 
# 
_entity_poly.entity_id                      1 
_entity_poly.type                           'polypeptide(L)' 
_entity_poly.nstd_linkage                   no 
_entity_poly.nstd_monomer                   no 
_entity_poly.pdbx_seq_one_letter_code       
;MAHHHHHHVDDDDKTFKMNTAQKAHYEKFINALENELKTRHIPAGAVIDMLAEINTEALALDYQIVDKKPGTSIAQGTKA
AALRKRFIPKKIK
;
_entity_poly.pdbx_seq_one_letter_code_can   
;MAHHHHHHVDDDDKTFKMNTAQKAHYEKFINALENELKTRHIPAGAVIDMLAEINTEALALDYQIVDKKPGTSIAQGTKA
AALRKRFIPKKIK
;
_entity_poly.pdbx_strand_id                 A,B 
_entity_poly.pdbx_target_identifier         ? 
# 
loop_
_entity_poly_seq.entity_id 
_entity_poly_seq.num 
_entity_poly_seq.mon_id 
_entity_poly_seq.hetero 
1 1  MET n 
1 2  ALA n 
1 3  HIS n 
1 4  HIS n 
1 5  HIS n 
1 6  HIS n 
1 7  HIS n 
1 8  HIS n 
1 9  VAL n 
1 10 ASP n 
1 11 ASP n 
1 12 ASP n 
1 13 ASP n 
1 14 LYS n 
1 15 THR n 
1 16 PHE n 
1 17 LYS n 
1 18 MET n 
1 19 ASN n 
1 20 THR n 
1 21 ALA n 
1 22 GLN n 
1 23 LYS n 
1 24 ALA n 
1 25 HIS n 
1 26 TYR n 
1 27 GLU n 
1 28 LYS n 
1 29 PHE n 
1 30 ILE n 
1 31 ASN n 
1 32 ALA n 
1 33 LEU n 
1 34 GLU n 
1 35 ASN n 
1 36 GLU n 
1 37 LEU n 
1 38 LYS n 
1 39 THR n 
1 40 ARG n 
1 41 HIS n 
1 42 ILE n 
1 43 PRO n 
1 44 ALA n 
1 45 GLY n 
1 46 ALA n 
1 47 VAL n 
1 48 ILE n 
1 49 ASP n 
1 50 MET n 
1 51 LEU n 
1 52 ALA n 
1 53 GLU n 
1 54 ILE n 
1 55 ASN n 
1 56 THR n 
1 57 GLU n 
1 58 ALA n 
1 59 LEU n 
1 60 ALA n 
1 61 LEU n 
1 62 ASP n 
1 63 TYR n 
1 64 GLN n 
1 65 ILE n 
1 66 VAL n 
1 67 ASP n 
1 68 LYS n 
1 69 LYS n 
1 70 PRO n 
1 71 GLY n 
1 72 THR n 
1 73 SER n 
1 74 ILE n 
1 75 ALA n 
1 76 GLN n 
1 77 GLY n 
1 78 THR n 
1 79 LYS n 
1 80 ALA n 
1 81 ALA n 
1 82 ALA n 
1 83 LEU n 
1 84 ARG n 
1 85 LYS n 
1 86 ARG n 
1 87 PHE n 
1 88 ILE n 
1 89 PRO n 
1 90 LYS n 
1 91 LYS n 
1 92 ILE n 
1 93 LYS n 
# 
_entity_src_gen.entity_id                          1 
_entity_src_gen.pdbx_src_id                        1 
_entity_src_gen.pdbx_alt_source_flag               sample 
_entity_src_gen.pdbx_seq_type                      ? 
_entity_src_gen.pdbx_beg_seq_num                   ? 
_entity_src_gen.pdbx_end_seq_num                   ? 
_entity_src_gen.gene_src_common_name               ? 
_entity_src_gen.gene_src_genus                     ? 
_entity_src_gen.pdbx_gene_src_gene                 'fhbB, TDE_0108' 
_entity_src_gen.gene_src_species                   ? 
_entity_src_gen.gene_src_strain                    'ATCC 35405' 
_entity_src_gen.gene_src_tissue                    ? 
_entity_src_gen.gene_src_tissue_fraction           ? 
_entity_src_gen.gene_src_details                   ? 
_entity_src_gen.pdbx_gene_src_fragment             ? 
_entity_src_gen.pdbx_gene_src_scientific_name      'Treponema denticola' 
_entity_src_gen.pdbx_gene_src_ncbi_taxonomy_id     158 
_entity_src_gen.pdbx_gene_src_variant              ? 
_entity_src_gen.pdbx_gene_src_cell_line            ? 
_entity_src_gen.pdbx_gene_src_atcc                 ? 
_entity_src_gen.pdbx_gene_src_organ                ? 
_entity_src_gen.pdbx_gene_src_organelle            ? 
_entity_src_gen.pdbx_gene_src_cell                 ? 
_entity_src_gen.pdbx_gene_src_cellular_location    ? 
_entity_src_gen.host_org_common_name               ? 
_entity_src_gen.pdbx_host_org_scientific_name      'Escherichia coli' 
_entity_src_gen.pdbx_host_org_ncbi_taxonomy_id     562 
_entity_src_gen.host_org_genus                     ? 
_entity_src_gen.pdbx_host_org_gene                 ? 
_entity_src_gen.pdbx_host_org_organ                ? 
_entity_src_gen.host_org_species                   ? 
_entity_src_gen.pdbx_host_org_tissue               ? 
_entity_src_gen.pdbx_host_org_tissue_fraction      ? 
_entity_src_gen.pdbx_host_org_strain               ? 
_entity_src_gen.pdbx_host_org_variant              ? 
_entity_src_gen.pdbx_host_org_cell_line            ? 
_entity_src_gen.pdbx_host_org_atcc                 ? 
_entity_src_gen.pdbx_host_org_culture_collection   ? 
_entity_src_gen.pdbx_host_org_cell                 ? 
_entity_src_gen.pdbx_host_org_organelle            ? 
_entity_src_gen.pdbx_host_org_cellular_location    ? 
_entity_src_gen.pdbx_host_org_vector_type          ? 
_entity_src_gen.pdbx_host_org_vector               ? 
_entity_src_gen.host_org_details                   ? 
_entity_src_gen.expression_system_id               ? 
_entity_src_gen.plasmid_name                       ? 
_entity_src_gen.plasmid_details                    ? 
_entity_src_gen.pdbx_description                   ? 
# 
_struct_ref.id                         1 
_struct_ref.db_name                    UNP 
_struct_ref.db_code                    Q73RI0_TREDE 
_struct_ref.pdbx_db_accession          Q73RI0 
_struct_ref.entity_id                  1 
_struct_ref.pdbx_seq_one_letter_code   TFKMNTAQKAHYEKFINALENELKTRHIPAGAVIDMLAEINTEALALDYQIVDKKPGTSIAQGTKAAALRKRFIPKKIK 
_struct_ref.pdbx_align_begin           24 
_struct_ref.pdbx_db_isoform            ? 
# 
loop_
_struct_ref_seq.align_id 
_struct_ref_seq.ref_id 
_struct_ref_seq.pdbx_PDB_id_code 
_struct_ref_seq.pdbx_strand_id 
_struct_ref_seq.seq_align_beg 
_struct_ref_seq.pdbx_seq_align_beg_ins_code 
_struct_ref_seq.seq_align_end 
_struct_ref_seq.pdbx_seq_align_end_ins_code 
_struct_ref_seq.pdbx_db_accession 
_struct_ref_seq.db_align_beg 
_struct_ref_seq.pdbx_db_align_beg_ins_code 
_struct_ref_seq.db_align_end 
_struct_ref_seq.pdbx_db_align_end_ins_code 
_struct_ref_seq.pdbx_auth_seq_align_beg 
_struct_ref_seq.pdbx_auth_seq_align_end 
1 1 3R15 A 15 ? 93 ? Q73RI0 24 ? 102 ? 24 102 
2 1 3R15 B 15 ? 93 ? Q73RI0 24 ? 102 ? 24 102 
# 
loop_
_struct_ref_seq_dif.align_id 
_struct_ref_seq_dif.pdbx_pdb_id_code 
_struct_ref_seq_dif.mon_id 
_struct_ref_seq_dif.pdbx_pdb_strand_id 
_struct_ref_seq_dif.seq_num 
_struct_ref_seq_dif.pdbx_pdb_ins_code 
_struct_ref_seq_dif.pdbx_seq_db_name 
_struct_ref_seq_dif.pdbx_seq_db_accession_code 
_struct_ref_seq_dif.db_mon_id 
_struct_ref_seq_dif.pdbx_seq_db_seq_num 
_struct_ref_seq_dif.details 
_struct_ref_seq_dif.pdbx_auth_seq_num 
_struct_ref_seq_dif.pdbx_ordinal 
1 3R15 MET A 1  ? UNP Q73RI0 ? ? 'expression tag' 10 1  
1 3R15 ALA A 2  ? UNP Q73RI0 ? ? 'expression tag' 11 2  
1 3R15 HIS A 3  ? UNP Q73RI0 ? ? 'expression tag' 12 3  
1 3R15 HIS A 4  ? UNP Q73RI0 ? ? 'expression tag' 13 4  
1 3R15 HIS A 5  ? UNP Q73RI0 ? ? 'expression tag' 14 5  
1 3R15 HIS A 6  ? UNP Q73RI0 ? ? 'expression tag' 15 6  
1 3R15 HIS A 7  ? UNP Q73RI0 ? ? 'expression tag' 16 7  
1 3R15 HIS A 8  ? UNP Q73RI0 ? ? 'expression tag' 17 8  
1 3R15 VAL A 9  ? UNP Q73RI0 ? ? 'expression tag' 18 9  
1 3R15 ASP A 10 ? UNP Q73RI0 ? ? 'expression tag' 19 10 
1 3R15 ASP A 11 ? UNP Q73RI0 ? ? 'expression tag' 20 11 
1 3R15 ASP A 12 ? UNP Q73RI0 ? ? 'expression tag' 21 12 
1 3R15 ASP A 13 ? UNP Q73RI0 ? ? 'expression tag' 22 13 
1 3R15 LYS A 14 ? UNP Q73RI0 ? ? 'expression tag' 23 14 
2 3R15 MET B 1  ? UNP Q73RI0 ? ? 'expression tag' 10 15 
2 3R15 ALA B 2  ? UNP Q73RI0 ? ? 'expression tag' 11 16 
2 3R15 HIS B 3  ? UNP Q73RI0 ? ? 'expression tag' 12 17 
2 3R15 HIS B 4  ? UNP Q73RI0 ? ? 'expression tag' 13 18 
2 3R15 HIS B 5  ? UNP Q73RI0 ? ? 'expression tag' 14 19 
2 3R15 HIS B 6  ? UNP Q73RI0 ? ? 'expression tag' 15 20 
2 3R15 HIS B 7  ? UNP Q73RI0 ? ? 'expression tag' 16 21 
2 3R15 HIS B 8  ? UNP Q73RI0 ? ? 'expression tag' 17 22 
2 3R15 VAL B 9  ? UNP Q73RI0 ? ? 'expression tag' 18 23 
2 3R15 ASP B 10 ? UNP Q73RI0 ? ? 'expression tag' 19 24 
2 3R15 ASP B 11 ? UNP Q73RI0 ? ? 'expression tag' 20 25 
2 3R15 ASP B 12 ? UNP Q73RI0 ? ? 'expression tag' 21 26 
2 3R15 ASP B 13 ? UNP Q73RI0 ? ? 'expression tag' 22 27 
2 3R15 LYS B 14 ? UNP Q73RI0 ? ? 'expression tag' 23 28 
# 
loop_
_chem_comp.id 
_chem_comp.type 
_chem_comp.mon_nstd_flag 
_chem_comp.name 
_chem_comp.pdbx_synonyms 
_chem_comp.formula 
_chem_comp.formula_weight 
ALA 'L-peptide linking' y ALANINE           ? 'C3 H7 N O2'     89.093  
ARG 'L-peptide linking' y ARGININE          ? 'C6 H15 N4 O2 1' 175.209 
ASN 'L-peptide linking' y ASPARAGINE        ? 'C4 H8 N2 O3'    132.118 
ASP 'L-peptide linking' y 'ASPARTIC ACID'   ? 'C4 H7 N O4'     133.103 
GLN 'L-peptide linking' y GLUTAMINE         ? 'C5 H10 N2 O3'   146.144 
GLU 'L-peptide linking' y 'GLUTAMIC ACID'   ? 'C5 H9 N O4'     147.129 
GLY 'peptide linking'   y GLYCINE           ? 'C2 H5 N O2'     75.067  
HIS 'L-peptide linking' y HISTIDINE         ? 'C6 H10 N3 O2 1' 156.162 
HOH non-polymer         . WATER             ? 'H2 O'           18.015  
ILE 'L-peptide linking' y ISOLEUCINE        ? 'C6 H13 N O2'    131.173 
LEU 'L-peptide linking' y LEUCINE           ? 'C6 H13 N O2'    131.173 
LYS 'L-peptide linking' y LYSINE            ? 'C6 H15 N2 O2 1' 147.195 
MET 'L-peptide linking' y METHIONINE        ? 'C5 H11 N O2 S'  149.211 
PHE 'L-peptide linking' y PHENYLALANINE     ? 'C9 H11 N O2'    165.189 
PRO 'L-peptide linking' y PROLINE           ? 'C5 H9 N O2'     115.130 
SCN non-polymer         . 'THIOCYANATE ION' ? 'C N S -1'       58.082  
SER 'L-peptide linking' y SERINE            ? 'C3 H7 N O3'     105.093 
THR 'L-peptide linking' y THREONINE         ? 'C4 H9 N O3'     119.119 
TYR 'L-peptide linking' y TYROSINE          ? 'C9 H11 N O3'    181.189 
VAL 'L-peptide linking' y VALINE            ? 'C5 H11 N O2'    117.146 
# 
_exptl.entry_id          3R15 
_exptl.method            'X-RAY DIFFRACTION' 
_exptl.crystals_number   1 
# 
_exptl_crystal.id                    1 
_exptl_crystal.density_meas          ? 
_exptl_crystal.density_Matthews      2.21 
_exptl_crystal.density_percent_sol   44.28 
_exptl_crystal.description           ? 
_exptl_crystal.F_000                 ? 
_exptl_crystal.preparation           ? 
# 
_exptl_crystal_grow.crystal_id      1 
_exptl_crystal_grow.method          'VAPOR DIFFUSION, HANGING DROP' 
_exptl_crystal_grow.temp            291 
_exptl_crystal_grow.temp_details    ? 
_exptl_crystal_grow.pH              7.5 
_exptl_crystal_grow.pdbx_details    
;0.1 M HEPES, 1.2 M sodium citrate tribasic dihydrate, 0.2 M sodium thiocyanate, 2.5% glycerol, pH 7.5, VAPOR DIFFUSION, HANGING DROP, temperature 291K
;
_exptl_crystal_grow.pdbx_pH_range   ? 
# 
_diffrn.id                     1 
_diffrn.ambient_temp           170 
_diffrn.ambient_temp_details   ? 
_diffrn.crystal_id             1 
# 
_diffrn_detector.diffrn_id              1 
_diffrn_detector.detector               CCD 
_diffrn_detector.type                   'ADSC QUANTUM 315' 
_diffrn_detector.pdbx_collection_date   2010-03-18 
_diffrn_detector.details                ? 
# 
_diffrn_radiation.diffrn_id                        1 
_diffrn_radiation.wavelength_id                    1 
_diffrn_radiation.pdbx_monochromatic_or_laue_m_l   M 
_diffrn_radiation.monochromator                    
;Double silicon(111) crystal monochromator with cryogenically-cooled first crystal and sagittally-bent second crystal horizontally-focusing at 3.3:1 demagnification
;
_diffrn_radiation.pdbx_diffrn_protocol             'SINGLE WAVELENGTH' 
_diffrn_radiation.pdbx_scattering_type             x-ray 
# 
_diffrn_radiation_wavelength.id           1 
_diffrn_radiation_wavelength.wavelength   1.5 
_diffrn_radiation_wavelength.wt           1.0 
# 
_diffrn_source.diffrn_id                   1 
_diffrn_source.source                      SYNCHROTRON 
_diffrn_source.type                        'NSLS BEAMLINE X25' 
_diffrn_source.pdbx_synchrotron_site       NSLS 
_diffrn_source.pdbx_synchrotron_beamline   X25 
_diffrn_source.pdbx_wavelength             ? 
_diffrn_source.pdbx_wavelength_list        1.5 
# 
_reflns.entry_id                     3R15 
_reflns.observed_criterion_sigma_I   2 
_reflns.observed_criterion_sigma_F   2 
_reflns.d_resolution_low             40.0 
_reflns.d_resolution_high            1.7 
_reflns.number_obs                   39492 
_reflns.number_all                   39634 
_reflns.percent_possible_obs         99.6 
_reflns.pdbx_Rmerge_I_obs            ? 
_reflns.pdbx_Rsym_value              ? 
_reflns.pdbx_netI_over_sigmaI        ? 
_reflns.B_iso_Wilson_estimate        ? 
_reflns.pdbx_redundancy              5.4 
_reflns.R_free_details               ? 
_reflns.limit_h_max                  ? 
_reflns.limit_h_min                  ? 
_reflns.limit_k_max                  ? 
_reflns.limit_k_min                  ? 
_reflns.limit_l_max                  ? 
_reflns.limit_l_min                  ? 
_reflns.observed_criterion_F_max     ? 
_reflns.observed_criterion_F_min     ? 
_reflns.pdbx_chi_squared             ? 
_reflns.pdbx_scaling_rejects         ? 
_reflns.pdbx_ordinal                 1 
_reflns.pdbx_diffrn_id               1 
# 
_refine.entry_id                                 3R15 
_refine.ls_number_reflns_obs                     20883 
_refine.ls_number_reflns_all                     21812 
_refine.pdbx_ls_sigma_I                          ? 
_refine.pdbx_ls_sigma_F                          0.15 
_refine.pdbx_data_cutoff_high_absF               ? 
_refine.pdbx_data_cutoff_low_absF                ? 
_refine.pdbx_data_cutoff_high_rms_absF           ? 
_refine.ls_d_res_low                             36.079 
_refine.ls_d_res_high                            1.701 
_refine.ls_percent_reflns_obs                    95.74 
_refine.ls_R_factor_obs                          0.2128 
_refine.ls_R_factor_all                          ? 
_refine.ls_R_factor_R_work                       0.2101 
_refine.ls_R_factor_R_free                       0.2359 
_refine.ls_R_factor_R_free_error                 ? 
_refine.ls_R_factor_R_free_error_details         ? 
_refine.ls_percent_reflns_R_free                 10.16 
_refine.ls_number_reflns_R_free                  2122 
_refine.ls_number_parameters                     ? 
_refine.ls_number_restraints                     ? 
_refine.occupancy_min                            ? 
_refine.occupancy_max                            ? 
_refine.correlation_coeff_Fo_to_Fc               ? 
_refine.correlation_coeff_Fo_to_Fc_free          ? 
_refine.B_iso_mean                               ? 
_refine.aniso_B[1][1]                            0.3186 
_refine.aniso_B[2][2]                            0.3186 
_refine.aniso_B[3][3]                            -0.6373 
_refine.aniso_B[1][2]                            -0.0000 
_refine.aniso_B[1][3]                            -0.0000 
_refine.aniso_B[2][3]                            0.0000 
_refine.solvent_model_details                    'FLAT BULK SOLVENT MODEL' 
_refine.solvent_model_param_ksol                 0.383 
_refine.solvent_model_param_bsol                 43.074 
_refine.pdbx_solvent_vdw_probe_radii             1.11 
_refine.pdbx_solvent_ion_probe_radii             ? 
_refine.pdbx_solvent_shrinkage_radii             0.90 
_refine.pdbx_ls_cross_valid_method               ? 
_refine.details                                  ? 
_refine.pdbx_starting_model                      3QZ0 
_refine.pdbx_method_to_determine_struct          'MOLECULAR REPLACEMENT' 
_refine.pdbx_isotropic_thermal_model             ? 
_refine.pdbx_stereochemistry_target_values       ML 
_refine.pdbx_stereochem_target_val_spec_case     ? 
_refine.pdbx_R_Free_selection_details            Random 
_refine.pdbx_overall_ESU_R_Free                  ? 
_refine.overall_SU_ML                            0.19 
_refine.overall_SU_B                             ? 
_refine.overall_SU_R_Cruickshank_DPI             ? 
_refine.ls_redundancy_reflns_obs                 ? 
_refine.B_iso_min                                ? 
_refine.B_iso_max                                ? 
_refine.overall_SU_R_free                        ? 
_refine.ls_wR_factor_R_free                      ? 
_refine.ls_wR_factor_R_work                      ? 
_refine.overall_FOM_free_R_set                   ? 
_refine.overall_FOM_work_R_set                   ? 
_refine.pdbx_overall_phase_error                 ? 
_refine.pdbx_refine_id                           'X-RAY DIFFRACTION' 
_refine.pdbx_overall_ESU_R                       ? 
_refine.pdbx_diffrn_id                           1 
_refine.pdbx_TLS_residual_ADP_flag               ? 
_refine.pdbx_overall_SU_R_free_Cruickshank_DPI   ? 
_refine.pdbx_overall_SU_R_Blow_DPI               ? 
_refine.pdbx_overall_SU_R_free_Blow_DPI          ? 
# 
_refine_hist.pdbx_refine_id                   'X-RAY DIFFRACTION' 
_refine_hist.cycle_id                         LAST 
_refine_hist.pdbx_number_atoms_protein        1222 
_refine_hist.pdbx_number_atoms_nucleic_acid   0 
_refine_hist.pdbx_number_atoms_ligand         6 
_refine_hist.number_atoms_solvent             117 
_refine_hist.number_atoms_total               1345 
_refine_hist.d_res_high                       1.701 
_refine_hist.d_res_low                        36.079 
# 
loop_
_refine_ls_restr.type 
_refine_ls_restr.dev_ideal 
_refine_ls_restr.dev_ideal_target 
_refine_ls_restr.weight 
_refine_ls_restr.number 
_refine_ls_restr.pdbx_restraint_function 
_refine_ls_restr.pdbx_refine_id 
f_bond_d           0.007  ? ? 1244 ? 'X-RAY DIFFRACTION' 
f_angle_d          0.984  ? ? 1668 ? 'X-RAY DIFFRACTION' 
f_dihedral_angle_d 12.428 ? ? 476  ? 'X-RAY DIFFRACTION' 
f_chiral_restr     0.066  ? ? 194  ? 'X-RAY DIFFRACTION' 
f_plane_restr      0.004  ? ? 210  ? 'X-RAY DIFFRACTION' 
# 
loop_
_refine_ls_shell.pdbx_total_number_of_bins_used 
_refine_ls_shell.d_res_high 
_refine_ls_shell.d_res_low 
_refine_ls_shell.number_reflns_R_work 
_refine_ls_shell.R_factor_R_work 
_refine_ls_shell.percent_reflns_obs 
_refine_ls_shell.R_factor_R_free 
_refine_ls_shell.R_factor_R_free_error 
_refine_ls_shell.percent_reflns_R_free 
_refine_ls_shell.number_reflns_R_free 
_refine_ls_shell.number_reflns_all 
_refine_ls_shell.R_factor_all 
_refine_ls_shell.number_reflns_obs 
_refine_ls_shell.redundancy_reflns_obs 
_refine_ls_shell.pdbx_refine_id 
. 1.7005 1.7613  1700 0.2021 88.00 0.2381 . . 175 . . . . 'X-RAY DIFFRACTION' 
. 1.7613 1.8318  1773 0.1873 93.00 0.2344 . . 191 . . . . 'X-RAY DIFFRACTION' 
. 1.8318 1.9152  1811 0.2005 95.00 0.2076 . . 215 . . . . 'X-RAY DIFFRACTION' 
. 1.9152 2.0162  1846 0.2021 96.00 0.2480 . . 195 . . . . 'X-RAY DIFFRACTION' 
. 2.0162 2.1425  1870 0.1932 97.00 0.2280 . . 230 . . . . 'X-RAY DIFFRACTION' 
. 2.1425 2.3079  1820 0.1975 97.00 0.2233 . . 232 . . . . 'X-RAY DIFFRACTION' 
. 2.3079 2.5401  1904 0.2099 97.00 0.2434 . . 224 . . . . 'X-RAY DIFFRACTION' 
. 2.5401 2.9075  1933 0.2301 98.00 0.2824 . . 222 . . . . 'X-RAY DIFFRACTION' 
. 2.9075 3.6626  1994 0.2167 98.00 0.2486 . . 210 . . . . 'X-RAY DIFFRACTION' 
. 3.6626 36.0870 2110 0.2043 98.00 0.2068 . . 228 . . . . 'X-RAY DIFFRACTION' 
# 
_struct.entry_id                  3R15 
_struct.title                     'Structure Treponema Denticola Factor H Binding Protein' 
_struct.pdbx_model_details        ? 
_struct.pdbx_CASP_flag            ? 
_struct.pdbx_model_type_details   ? 
# 
_struct_keywords.entry_id        3R15 
_struct_keywords.pdbx_keywords   'PROTEIN BINDING' 
_struct_keywords.text            'Factor H binding protein, Factor H, PROTEIN BINDING' 
# 
loop_
_struct_asym.id 
_struct_asym.pdbx_blank_PDB_chainid_flag 
_struct_asym.pdbx_modified 
_struct_asym.entity_id 
_struct_asym.details 
A N N 1 ? 
B N N 1 ? 
C N N 2 ? 
D N N 2 ? 
E N N 3 ? 
F N N 3 ? 
# 
_struct_biol.id        1 
_struct_biol.details   ? 
# 
loop_
_struct_conf.conf_type_id 
_struct_conf.id 
_struct_conf.pdbx_PDB_helix_id 
_struct_conf.beg_label_comp_id 
_struct_conf.beg_label_asym_id 
_struct_conf.beg_label_seq_id 
_struct_conf.pdbx_beg_PDB_ins_code 
_struct_conf.end_label_comp_id 
_struct_conf.end_label_asym_id 
_struct_conf.end_label_seq_id 
_struct_conf.pdbx_end_PDB_ins_code 
_struct_conf.beg_auth_comp_id 
_struct_conf.beg_auth_asym_id 
_struct_conf.beg_auth_seq_id 
_struct_conf.end_auth_comp_id 
_struct_conf.end_auth_asym_id 
_struct_conf.end_auth_seq_id 
_struct_conf.pdbx_PDB_helix_class 
_struct_conf.details 
_struct_conf.pdbx_PDB_helix_length 
HELX_P HELX_P1 1 ASN A 19 ? LEU A 37 ? ASN A 28 LEU A 46 1 ? 19 
HELX_P HELX_P2 2 PRO A 43 ? ALA A 60 ? PRO A 52 ALA A 69 1 ? 18 
HELX_P HELX_P3 3 LYS A 79 ? ARG A 86 ? LYS A 88 ARG A 95 1 ? 8  
HELX_P HELX_P4 4 ASN B 19 ? LYS B 38 ? ASN B 28 LYS B 47 1 ? 20 
HELX_P HELX_P5 5 PRO B 43 ? LEU B 61 ? PRO B 52 LEU B 70 1 ? 19 
HELX_P HELX_P6 6 LYS B 79 ? ARG B 86 ? LYS B 88 ARG B 95 1 ? 8  
# 
_struct_conf_type.id          HELX_P 
_struct_conf_type.criteria    ? 
_struct_conf_type.reference   ? 
# 
loop_
_struct_sheet.id 
_struct_sheet.type 
_struct_sheet.number_strands 
_struct_sheet.details 
A ? 2 ? 
B ? 2 ? 
# 
loop_
_struct_sheet_order.sheet_id 
_struct_sheet_order.range_id_1 
_struct_sheet_order.range_id_2 
_struct_sheet_order.offset 
_struct_sheet_order.sense 
A 1 2 ? anti-parallel 
B 1 2 ? anti-parallel 
# 
loop_
_struct_sheet_range.sheet_id 
_struct_sheet_range.id 
_struct_sheet_range.beg_label_comp_id 
_struct_sheet_range.beg_label_asym_id 
_struct_sheet_range.beg_label_seq_id 
_struct_sheet_range.pdbx_beg_PDB_ins_code 
_struct_sheet_range.end_label_comp_id 
_struct_sheet_range.end_label_asym_id 
_struct_sheet_range.end_label_seq_id 
_struct_sheet_range.pdbx_end_PDB_ins_code 
_struct_sheet_range.beg_auth_comp_id 
_struct_sheet_range.beg_auth_asym_id 
_struct_sheet_range.beg_auth_seq_id 
_struct_sheet_range.end_auth_comp_id 
_struct_sheet_range.end_auth_asym_id 
_struct_sheet_range.end_auth_seq_id 
A 1 TYR A 63 ? ASP A 67 ? TYR A 72 ASP A 76  
A 2 PHE A 87 ? LYS A 91 ? PHE A 96 LYS A 100 
B 1 TYR B 63 ? ASP B 67 ? TYR B 72 ASP B 76  
B 2 PHE B 87 ? LYS B 91 ? PHE B 96 LYS B 100 
# 
loop_
_pdbx_struct_sheet_hbond.sheet_id 
_pdbx_struct_sheet_hbond.range_id_1 
_pdbx_struct_sheet_hbond.range_id_2 
_pdbx_struct_sheet_hbond.range_1_label_atom_id 
_pdbx_struct_sheet_hbond.range_1_label_comp_id 
_pdbx_struct_sheet_hbond.range_1_label_asym_id 
_pdbx_struct_sheet_hbond.range_1_label_seq_id 
_pdbx_struct_sheet_hbond.range_1_PDB_ins_code 
_pdbx_struct_sheet_hbond.range_1_auth_atom_id 
_pdbx_struct_sheet_hbond.range_1_auth_comp_id 
_pdbx_struct_sheet_hbond.range_1_auth_asym_id 
_pdbx_struct_sheet_hbond.range_1_auth_seq_id 
_pdbx_struct_sheet_hbond.range_2_label_atom_id 
_pdbx_struct_sheet_hbond.range_2_label_comp_id 
_pdbx_struct_sheet_hbond.range_2_label_asym_id 
_pdbx_struct_sheet_hbond.range_2_label_seq_id 
_pdbx_struct_sheet_hbond.range_2_PDB_ins_code 
_pdbx_struct_sheet_hbond.range_2_auth_atom_id 
_pdbx_struct_sheet_hbond.range_2_auth_comp_id 
_pdbx_struct_sheet_hbond.range_2_auth_asym_id 
_pdbx_struct_sheet_hbond.range_2_auth_seq_id 
A 1 2 N VAL A 66 ? N VAL A 75 O ILE A 88 ? O ILE A 97 
B 1 2 N VAL B 66 ? N VAL B 75 O ILE B 88 ? O ILE B 97 
# 
loop_
_struct_site.id 
_struct_site.pdbx_evidence_code 
_struct_site.pdbx_auth_asym_id 
_struct_site.pdbx_auth_comp_id 
_struct_site.pdbx_auth_seq_id 
_struct_site.pdbx_auth_ins_code 
_struct_site.pdbx_num_residues 
_struct_site.details 
AC1 Software B SCN 1   ? 5 'BINDING SITE FOR RESIDUE SCN B 1'   
AC2 Software B SCN 103 ? 4 'BINDING SITE FOR RESIDUE SCN B 103' 
# 
loop_
_struct_site_gen.id 
_struct_site_gen.site_id 
_struct_site_gen.pdbx_num_res 
_struct_site_gen.label_comp_id 
_struct_site_gen.label_asym_id 
_struct_site_gen.label_seq_id 
_struct_site_gen.pdbx_auth_ins_code 
_struct_site_gen.auth_comp_id 
_struct_site_gen.auth_asym_id 
_struct_site_gen.auth_seq_id 
_struct_site_gen.label_atom_id 
_struct_site_gen.label_alt_id 
_struct_site_gen.symmetry 
_struct_site_gen.details 
1 AC1 5 GLY B 45 ? GLY B 54  . ? 8_555 ? 
2 AC1 5 ALA B 46 ? ALA B 55  . ? 8_555 ? 
3 AC1 5 ALA B 46 ? ALA B 55  . ? 1_555 ? 
4 AC1 5 SCN D .  ? SCN B 103 . ? 8_555 ? 
5 AC1 5 SCN D .  ? SCN B 103 . ? 1_555 ? 
6 AC2 4 SCN C .  ? SCN B 1   . ? 1_555 ? 
7 AC2 4 SCN C .  ? SCN B 1   . ? 8_555 ? 
8 AC2 4 GLY B 45 ? GLY B 54  . ? 1_555 ? 
9 AC2 4 GLY B 45 ? GLY B 54  . ? 8_555 ? 
# 
_atom_sites.entry_id                    3R15 
_atom_sites.fract_transf_matrix[1][1]   0.02116831 
_atom_sites.fract_transf_matrix[1][2]   0.00219615 
_atom_sites.fract_transf_matrix[1][3]   0.00005655 
_atom_sites.fract_transf_matrix[2][1]   -0.00207357 
_atom_sites.fract_transf_matrix[2][2]   0.01979262 
_atom_sites.fract_transf_matrix[2][3]   0.00754163 
_atom_sites.fract_transf_matrix[3][1]   0.00020182 
_atom_sites.fract_transf_matrix[3][2]   -0.00208782 
_atom_sites.fract_transf_matrix[3][3]   0.00553487 
_atom_sites.fract_transf_vector[1]      0.033897 
_atom_sites.fract_transf_vector[2]      0.157830 
_atom_sites.fract_transf_vector[3]      0.168709 
# 
loop_
_atom_type.symbol 
C 
N 
O 
S 
# 
loop_
_atom_site.group_PDB 
_atom_site.id 
_atom_site.type_symbol 
_atom_site.label_atom_id 
_atom_site.label_alt_id 
_atom_site.label_comp_id 
_atom_site.label_asym_id 
_atom_site.label_entity_id 
_atom_site.label_seq_id 
_atom_site.pdbx_PDB_ins_code 
_atom_site.Cartn_x 
_atom_site.Cartn_y 
_atom_site.Cartn_z 
_atom_site.occupancy 
_atom_site.B_iso_or_equiv 
_atom_site.pdbx_formal_charge 
_atom_site.auth_seq_id 
_atom_site.auth_comp_id 
_atom_site.auth_asym_id 
_atom_site.auth_atom_id 
_atom_site.pdbx_PDB_model_num 
ATOM   1    N N   . THR A 1 15 ? 11.550  -12.165 -9.370  0.00 47.48 ? 24  THR A N   1 
ATOM   2    C CA  . THR A 1 15 ? 10.775  -12.973 -8.438  1.00 46.93 ? 24  THR A CA  1 
ATOM   3    C C   . THR A 1 15 ? 11.546  -14.211 -7.993  1.00 44.77 ? 24  THR A C   1 
ATOM   4    O O   . THR A 1 15 ? 10.961  -15.156 -7.455  1.00 44.00 ? 24  THR A O   1 
ATOM   5    C CB  . THR A 1 15 ? 9.438   -13.428 -9.055  0.00 45.15 ? 24  THR A CB  1 
ATOM   6    O OG1 . THR A 1 15 ? 9.692   -14.162 -10.260 1.00 48.80 ? 24  THR A OG1 1 
ATOM   7    C CG2 . THR A 1 15 ? 8.554   -12.227 -9.364  1.00 45.97 ? 24  THR A CG2 1 
ATOM   8    N N   . PHE A 1 16 ? 12.857  -14.206 -8.216  1.00 47.60 ? 25  PHE A N   1 
ATOM   9    C CA  . PHE A 1 16 ? 13.685  -15.369 -7.896  1.00 45.56 ? 25  PHE A CA  1 
ATOM   10   C C   . PHE A 1 16 ? 13.775  -15.652 -6.398  1.00 44.41 ? 25  PHE A C   1 
ATOM   11   O O   . PHE A 1 16 ? 14.179  -16.743 -5.996  1.00 46.44 ? 25  PHE A O   1 
ATOM   12   C CB  . PHE A 1 16 ? 15.095  -15.221 -8.479  1.00 42.18 ? 25  PHE A CB  1 
ATOM   13   C CG  . PHE A 1 16 ? 15.168  -15.415 -9.972  1.00 41.48 ? 25  PHE A CG  1 
ATOM   14   C CD1 . PHE A 1 16 ? 16.365  -15.237 -10.644 1.00 39.53 ? 25  PHE A CD1 1 
ATOM   15   C CD2 . PHE A 1 16 ? 14.041  -15.769 -10.703 1.00 42.82 ? 25  PHE A CD2 1 
ATOM   16   C CE1 . PHE A 1 16 ? 16.447  -15.411 -12.017 1.00 38.61 ? 25  PHE A CE1 1 
ATOM   17   C CE2 . PHE A 1 16 ? 14.115  -15.945 -12.083 1.00 38.44 ? 25  PHE A CE2 1 
ATOM   18   C CZ  . PHE A 1 16 ? 15.324  -15.765 -12.738 1.00 36.36 ? 25  PHE A CZ  1 
ATOM   19   N N   . LYS A 1 17 ? 13.415  -14.671 -5.575  1.00 42.13 ? 26  LYS A N   1 
ATOM   20   C CA  . LYS A 1 17 ? 13.461  -14.844 -4.126  1.00 39.90 ? 26  LYS A CA  1 
ATOM   21   C C   . LYS A 1 17 ? 12.171  -15.487 -3.626  1.00 39.75 ? 26  LYS A C   1 
ATOM   22   O O   . LYS A 1 17 ? 12.119  -16.038 -2.520  1.00 42.29 ? 26  LYS A O   1 
ATOM   23   C CB  . LYS A 1 17 ? 13.685  -13.502 -3.424  0.00 43.03 ? 26  LYS A CB  1 
ATOM   24   C CG  . LYS A 1 17 ? 15.041  -12.869 -3.691  0.00 46.51 ? 26  LYS A CG  1 
ATOM   25   C CD  . LYS A 1 17 ? 15.197  -11.564 -2.925  0.00 50.14 ? 26  LYS A CD  1 
ATOM   26   C CE  . LYS A 1 17 ? 16.558  -10.931 -3.170  0.00 52.92 ? 26  LYS A CE  1 
ATOM   27   N NZ  . LYS A 1 17 ? 16.713  -9.645  -2.434  0.00 54.87 ? 26  LYS A NZ  1 
ATOM   28   N N   . MET A 1 18 ? 11.129  -15.416 -4.451  1.00 39.34 ? 27  MET A N   1 
ATOM   29   C CA  . MET A 1 18 ? 9.810   -15.903 -4.059  1.00 38.08 ? 27  MET A CA  1 
ATOM   30   C C   . MET A 1 18 ? 9.647   -17.384 -4.304  1.00 34.76 ? 27  MET A C   1 
ATOM   31   O O   . MET A 1 18 ? 10.187  -17.926 -5.264  1.00 39.32 ? 27  MET A O   1 
ATOM   32   C CB  . MET A 1 18 ? 8.721   -15.159 -4.818  1.00 37.04 ? 27  MET A CB  1 
ATOM   33   C CG  . MET A 1 18 ? 8.429   -13.785 -4.273  1.00 37.30 ? 27  MET A CG  1 
ATOM   34   S SD  . MET A 1 18 ? 7.642   -12.797 -5.540  1.00 46.91 ? 27  MET A SD  1 
ATOM   35   C CE  . MET A 1 18 ? 6.016   -13.549 -5.678  1.00 30.05 ? 27  MET A CE  1 
ATOM   36   N N   . ASN A 1 19 ? 8.877   -18.028 -3.437  1.00 27.19 ? 28  ASN A N   1 
ATOM   37   C CA  . ASN A 1 19 ? 8.601   -19.446 -3.580  1.00 24.99 ? 28  ASN A CA  1 
ATOM   38   C C   . ASN A 1 19 ? 7.433   -19.674 -4.531  1.00 23.43 ? 28  ASN A C   1 
ATOM   39   O O   . ASN A 1 19 ? 6.818   -18.713 -5.009  1.00 22.84 ? 28  ASN A O   1 
ATOM   40   C CB  . ASN A 1 19 ? 8.370   -20.107 -2.214  1.00 24.82 ? 28  ASN A CB  1 
ATOM   41   C CG  . ASN A 1 19 ? 7.132   -19.586 -1.498  1.00 23.80 ? 28  ASN A CG  1 
ATOM   42   O OD1 . ASN A 1 19 ? 6.082   -19.390 -2.102  1.00 22.73 ? 28  ASN A OD1 1 
ATOM   43   N ND2 . ASN A 1 19 ? 7.253   -19.385 -0.190  1.00 23.50 ? 28  ASN A ND2 1 
ATOM   44   N N   . THR A 1 20 ? 7.126   -20.934 -4.813  1.00 25.06 ? 29  THR A N   1 
ATOM   45   C CA  . THR A 1 20 ? 6.106   -21.233 -5.815  1.00 21.53 ? 29  THR A CA  1 
ATOM   46   C C   . THR A 1 20 ? 4.709   -20.755 -5.416  1.00 22.13 ? 29  THR A C   1 
ATOM   47   O O   . THR A 1 20 ? 3.921   -20.365 -6.279  1.00 22.43 ? 29  THR A O   1 
ATOM   48   C CB  . THR A 1 20 ? 6.095   -22.736 -6.217  1.00 25.29 ? 29  THR A CB  1 
ATOM   49   O OG1 . THR A 1 20 ? 5.648   -23.542 -5.114  1.00 30.91 ? 29  THR A OG1 1 
ATOM   50   C CG2 . THR A 1 20 ? 7.488   -23.163 -6.632  1.00 23.87 ? 29  THR A CG2 1 
ATOM   51   N N   . ALA A 1 21 ? 4.399   -20.790 -4.121  1.00 18.17 ? 30  ALA A N   1 
ATOM   52   C CA  . ALA A 1 21 ? 3.077   -20.395 -3.641  1.00 17.62 ? 30  ALA A CA  1 
ATOM   53   C C   . ALA A 1 21 ? 2.891   -18.891 -3.802  1.00 18.73 ? 30  ALA A C   1 
ATOM   54   O O   . ALA A 1 21 ? 1.829   -18.412 -4.208  1.00 19.06 ? 30  ALA A O   1 
ATOM   55   C CB  . ALA A 1 21 ? 2.920   -20.781 -2.177  1.00 20.63 ? 30  ALA A CB  1 
ATOM   56   N N   . GLN A 1 22 ? 3.938   -18.152 -3.460  1.00 17.88 ? 31  GLN A N   1 
ATOM   57   C CA  . GLN A 1 22 ? 3.914   -16.704 -3.582  1.00 16.57 ? 31  GLN A CA  1 
ATOM   58   C C   . GLN A 1 22 ? 3.780   -16.314 -5.047  1.00 18.95 ? 31  GLN A C   1 
ATOM   59   O O   . GLN A 1 22 ? 2.962   -15.475 -5.398  1.00 16.07 ? 31  GLN A O   1 
ATOM   60   C CB  . GLN A 1 22 ? 5.179   -16.109 -2.974  1.00 19.29 ? 31  GLN A CB  1 
ATOM   61   C CG  . GLN A 1 22 ? 5.283   -16.377 -1.480  1.00 18.67 ? 31  GLN A CG  1 
ATOM   62   C CD  . GLN A 1 22 ? 6.654   -16.052 -0.896  1.00 22.09 ? 31  GLN A CD  1 
ATOM   63   O OE1 . GLN A 1 22 ? 7.676   -16.156 -1.577  1.00 21.32 ? 31  GLN A OE1 1 
ATOM   64   N NE2 . GLN A 1 22 ? 6.675   -15.650 0.384   1.00 22.29 ? 31  GLN A NE2 1 
ATOM   65   N N   . LYS A 1 23 ? 4.565   -16.957 -5.905  1.00 17.43 ? 32  LYS A N   1 
ATOM   66   C CA  . LYS A 1 23 ? 4.543   -16.636 -7.332  1.00 21.04 ? 32  LYS A CA  1 
ATOM   67   C C   . LYS A 1 23 ? 3.214   -16.980 -7.987  1.00 20.30 ? 32  LYS A C   1 
ATOM   68   O O   . LYS A 1 23 ? 2.752   -16.264 -8.881  1.00 18.30 ? 32  LYS A O   1 
ATOM   69   C CB  . LYS A 1 23 ? 5.703   -17.340 -8.050  1.00 20.07 ? 32  LYS A CB  1 
ATOM   70   C CG  . LYS A 1 23 ? 5.869   -16.933 -9.514  1.00 26.98 ? 32  LYS A CG  1 
ATOM   71   C CD  . LYS A 1 23 ? 6.091   -15.438 -9.668  0.00 26.71 ? 32  LYS A CD  1 
ATOM   72   C CE  . LYS A 1 23 ? 6.259   -15.063 -11.132 0.00 28.15 ? 32  LYS A CE  1 
ATOM   73   N NZ  . LYS A 1 23 ? 6.405   -13.594 -11.322 0.00 30.02 ? 32  LYS A NZ  1 
ATOM   74   N N   . ALA A 1 24 ? 2.602   -18.079 -7.559  1.00 18.37 ? 33  ALA A N   1 
ATOM   75   C CA  . ALA A 1 24 ? 1.323   -18.501 -8.119  1.00 17.80 ? 33  ALA A CA  1 
ATOM   76   C C   . ALA A 1 24 ? 0.237   -17.499 -7.760  1.00 17.59 ? 33  ALA A C   1 
ATOM   77   O O   . ALA A 1 24 ? -0.601  -17.140 -8.592  1.00 19.17 ? 33  ALA A O   1 
ATOM   78   C CB  . ALA A 1 24 ? 0.952   -19.898 -7.623  1.00 20.18 ? 33  ALA A CB  1 
ATOM   79   N N   . HIS A 1 25 ? 0.260   -17.051 -6.513  1.00 18.27 ? 34  HIS A N   1 
ATOM   80   C CA  . HIS A 1 25 ? -0.720  -16.083 -6.041  1.00 17.31 ? 34  HIS A CA  1 
ATOM   81   C C   . HIS A 1 25 ? -0.551  -14.757 -6.763  1.00 17.51 ? 34  HIS A C   1 
ATOM   82   O O   . HIS A 1 25 ? -1.535  -14.155 -7.191  1.00 16.16 ? 34  HIS A O   1 
ATOM   83   C CB  . HIS A 1 25 ? -0.593  -15.885 -4.535  1.00 17.88 ? 34  HIS A CB  1 
ATOM   84   C CG  . HIS A 1 25 ? -1.626  -14.970 -3.958  1.00 18.58 ? 34  HIS A CG  1 
ATOM   85   N ND1 . HIS A 1 25 ? -1.369  -13.648 -3.666  1.00 20.34 ? 34  HIS A ND1 1 
ATOM   86   C CD2 . HIS A 1 25 ? -2.912  -15.191 -3.598  1.00 17.60 ? 34  HIS A CD2 1 
ATOM   87   C CE1 . HIS A 1 25 ? -2.457  -13.090 -3.162  1.00 19.01 ? 34  HIS A CE1 1 
ATOM   88   N NE2 . HIS A 1 25 ? -3.404  -14.007 -3.102  1.00 20.12 ? 34  HIS A NE2 1 
ATOM   89   N N   . TYR A 1 26 ? 0.701   -14.329 -6.912  1.00 17.48 ? 35  TYR A N   1 
ATOM   90   C CA  . TYR A 1 26 ? 1.025   -13.065 -7.556  1.00 18.01 ? 35  TYR A CA  1 
ATOM   91   C C   . TYR A 1 26 ? 0.636   -13.095 -9.028  1.00 18.06 ? 35  TYR A C   1 
ATOM   92   O O   . TYR A 1 26 ? 0.009   -12.166 -9.534  1.00 16.21 ? 35  TYR A O   1 
ATOM   93   C CB  . TYR A 1 26 ? 2.511   -12.745 -7.394  1.00 16.99 ? 35  TYR A CB  1 
ATOM   94   C CG  . TYR A 1 26 ? 2.968   -11.556 -8.199  1.00 18.48 ? 35  TYR A CG  1 
ATOM   95   C CD1 . TYR A 1 26 ? 2.642   -10.265 -7.809  1.00 17.22 ? 35  TYR A CD1 1 
ATOM   96   C CD2 . TYR A 1 26 ? 3.719   -11.724 -9.358  1.00 18.72 ? 35  TYR A CD2 1 
ATOM   97   C CE1 . TYR A 1 26 ? 3.054   -9.171  -8.553  1.00 17.95 ? 35  TYR A CE1 1 
ATOM   98   C CE2 . TYR A 1 26 ? 4.141   -10.643 -10.104 1.00 20.10 ? 35  TYR A CE2 1 
ATOM   99   C CZ  . TYR A 1 26 ? 3.805   -9.368  -9.702  1.00 19.28 ? 35  TYR A CZ  1 
ATOM   100  O OH  . TYR A 1 26 ? 4.221   -8.295  -10.445 1.00 18.93 ? 35  TYR A OH  1 
ATOM   101  N N   . GLU A 1 27 ? 0.981   -14.179 -9.715  1.00 18.16 ? 36  GLU A N   1 
ATOM   102  C CA  . GLU A 1 27 ? 0.623   -14.279 -11.127 1.00 19.95 ? 36  GLU A CA  1 
ATOM   103  C C   . GLU A 1 27 ? -0.887  -14.382 -11.349 1.00 18.80 ? 36  GLU A C   1 
ATOM   104  O O   . GLU A 1 27 ? -1.417  -13.836 -12.322 1.00 21.47 ? 36  GLU A O   1 
ATOM   105  C CB  . GLU A 1 27 ? 1.366   -15.443 -11.773 1.00 20.17 ? 36  GLU A CB  1 
ATOM   106  C CG  . GLU A 1 27 ? 2.771   -15.074 -12.115 1.00 24.42 ? 36  GLU A CG  1 
ATOM   107  C CD  . GLU A 1 27 ? 2.809   -13.915 -13.109 1.00 33.29 ? 36  GLU A CD  1 
ATOM   108  O OE1 . GLU A 1 27 ? 2.019   -13.938 -14.085 1.00 35.98 ? 36  GLU A OE1 1 
ATOM   109  O OE2 . GLU A 1 27 ? 3.611   -12.977 -12.912 1.00 31.96 ? 36  GLU A OE2 1 
ATOM   110  N N   . LYS A 1 28 ? -1.582  -15.064 -10.442 1.00 20.33 ? 37  LYS A N   1 
ATOM   111  C CA  . LYS A 1 28 ? -3.036  -15.138 -10.502 1.00 22.54 ? 37  LYS A CA  1 
ATOM   112  C C   . LYS A 1 28 ? -3.617  -13.726 -10.387 1.00 20.13 ? 37  LYS A C   1 
ATOM   113  O O   . LYS A 1 28 ? -4.567  -13.377 -11.082 1.00 20.57 ? 37  LYS A O   1 
ATOM   114  C CB  . LYS A 1 28 ? -3.573  -16.038 -9.392  1.00 21.74 ? 37  LYS A CB  1 
ATOM   115  C CG  . LYS A 1 28 ? -5.085  -16.062 -9.267  1.00 26.06 ? 37  LYS A CG  1 
ATOM   116  C CD  . LYS A 1 28 ? -5.521  -16.879 -8.062  0.00 24.13 ? 37  LYS A CD  1 
ATOM   117  C CE  . LYS A 1 28 ? -7.031  -16.849 -7.887  0.00 24.86 ? 37  LYS A CE  1 
ATOM   118  N NZ  . LYS A 1 28 ? -7.462  -17.613 -6.684  0.00 24.94 ? 37  LYS A NZ  1 
ATOM   119  N N   . PHE A 1 29 ? -3.019  -12.913 -9.522  1.00 19.52 ? 38  PHE A N   1 
ATOM   120  C CA  . PHE A 1 29 ? -3.464  -11.532 -9.362  1.00 19.21 ? 38  PHE A CA  1 
ATOM   121  C C   . PHE A 1 29 ? -3.199  -10.715 -10.625 1.00 18.93 ? 38  PHE A C   1 
ATOM   122  O O   . PHE A 1 29 ? -4.092  -10.034 -11.136 1.00 18.31 ? 38  PHE A O   1 
ATOM   123  C CB  . PHE A 1 29 ? -2.784  -10.876 -8.157  1.00 16.46 ? 38  PHE A CB  1 
ATOM   124  C CG  . PHE A 1 29 ? -2.901  -9.382  -8.150  1.00 20.59 ? 38  PHE A CG  1 
ATOM   125  C CD1 . PHE A 1 29 ? -4.125  -8.779  -7.903  1.00 24.03 ? 38  PHE A CD1 1 
ATOM   126  C CD2 . PHE A 1 29 ? -1.808  -8.586  -8.419  1.00 21.34 ? 38  PHE A CD2 1 
ATOM   127  C CE1 . PHE A 1 29 ? -4.251  -7.397  -7.917  1.00 22.45 ? 38  PHE A CE1 1 
ATOM   128  C CE2 . PHE A 1 29 ? -1.933  -7.193  -8.428  1.00 22.59 ? 38  PHE A CE2 1 
ATOM   129  C CZ  . PHE A 1 29 ? -3.161  -6.613  -8.177  1.00 20.60 ? 38  PHE A CZ  1 
ATOM   130  N N   . ILE A 1 30 ? -1.967  -10.773 -11.128 1.00 15.34 ? 39  ILE A N   1 
ATOM   131  C CA  . ILE A 1 30 ? -1.608  -9.986  -12.311 1.00 17.25 ? 39  ILE A CA  1 
ATOM   132  C C   . ILE A 1 30 ? -2.509  -10.349 -13.499 1.00 20.02 ? 39  ILE A C   1 
ATOM   133  O O   . ILE A 1 30 ? -3.012  -9.472  -14.212 1.00 17.76 ? 39  ILE A O   1 
ATOM   134  C CB  . ILE A 1 30 ? -0.102  -10.151 -12.692 1.00 20.12 ? 39  ILE A CB  1 
ATOM   135  C CG1 . ILE A 1 30 ? 0.816   -9.510  -11.640 1.00 16.91 ? 39  ILE A CG1 1 
ATOM   136  C CG2 . ILE A 1 30 ? 0.191   -9.528  -14.064 1.00 21.40 ? 39  ILE A CG2 1 
ATOM   137  C CD1 . ILE A 1 30 ? 0.725   -7.972  -11.587 1.00 16.84 ? 39  ILE A CD1 1 
ATOM   138  N N   . ASN A 1 31 ? -2.726  -11.642 -13.709 1.00 18.97 ? 40  ASN A N   1 
ATOM   139  C CA  . ASN A 1 31 ? -3.577  -12.079 -14.819 1.00 22.60 ? 40  ASN A CA  1 
ATOM   140  C C   . ASN A 1 31 ? -5.035  -11.647 -14.657 1.00 19.33 ? 40  ASN A C   1 
ATOM   141  O O   . ASN A 1 31 ? -5.689  -11.253 -15.628 1.00 19.70 ? 40  ASN A O   1 
ATOM   142  C CB  . ASN A 1 31 ? -3.481  -13.591 -15.012 1.00 25.12 ? 40  ASN A CB  1 
ATOM   143  C CG  . ASN A 1 31 ? -2.104  -14.024 -15.468 1.00 28.71 ? 40  ASN A CG  1 
ATOM   144  O OD1 . ASN A 1 31 ? -1.438  -13.318 -16.234 1.00 33.76 ? 40  ASN A OD1 1 
ATOM   145  N ND2 . ASN A 1 31 ? -1.666  -15.191 -15.005 1.00 31.43 ? 40  ASN A ND2 1 
ATOM   146  N N   . ALA A 1 32 ? -5.540  -11.713 -13.429 1.00 17.11 ? 41  ALA A N   1 
ATOM   147  C CA  . ALA A 1 32 ? -6.916  -11.308 -13.151 1.00 18.10 ? 41  ALA A CA  1 
ATOM   148  C C   . ALA A 1 32 ? -7.059  -9.808  -13.366 1.00 17.13 ? 41  ALA A C   1 
ATOM   149  O O   . ALA A 1 32 ? -8.030  -9.339  -13.960 1.00 18.65 ? 41  ALA A O   1 
ATOM   150  C CB  . ALA A 1 32 ? -7.320  -11.693 -11.727 1.00 20.85 ? 41  ALA A CB  1 
ATOM   151  N N   . LEU A 1 33 ? -6.111  -9.055  -12.844 1.00 14.33 ? 42  LEU A N   1 
ATOM   152  C CA  . LEU A 1 33 ? -6.081  -7.617  -13.059 1.00 15.41 ? 42  LEU A CA  1 
ATOM   153  C C   . LEU A 1 33 ? -6.064  -7.243  -14.569 1.00 18.98 ? 42  LEU A C   1 
ATOM   154  O O   . LEU A 1 33 ? -6.891  -6.485  -15.015 1.00 17.25 ? 42  LEU A O   1 
ATOM   155  C CB  . LEU A 1 33 ? -4.929  -6.983  -12.281 1.00 15.43 ? 42  LEU A CB  1 
ATOM   156  C CG  . LEU A 1 33 ? -4.733  -5.496  -12.384 1.00 15.72 ? 42  LEU A CG  1 
ATOM   157  C CD1 . LEU A 1 33 ? -6.032  -4.744  -12.160 1.00 14.56 ? 42  LEU A CD1 1 
ATOM   158  C CD2 . LEU A 1 33 ? -3.703  -5.101  -11.436 1.00 14.18 ? 42  LEU A CD2 1 
ATOM   159  N N   . GLU A 1 34 ? -5.143  -7.829  -15.330 1.00 16.07 ? 43  GLU A N   1 
ATOM   160  C CA  . GLU A 1 34 ? -5.124  -7.626  -16.781 1.00 16.90 ? 43  GLU A CA  1 
ATOM   161  C C   . GLU A 1 34 ? -6.496  -7.916  -17.387 1.00 18.40 ? 43  GLU A C   1 
ATOM   162  O O   . GLU A 1 34 ? -6.985  -7.163  -18.233 1.00 16.84 ? 43  GLU A O   1 
ATOM   163  C CB  . GLU A 1 34 ? -4.062  -8.508  -17.429 1.00 18.77 ? 43  GLU A CB  1 
ATOM   164  C CG  . GLU A 1 34 ? -4.040  -8.391  -18.950 1.00 19.10 ? 43  GLU A CG  1 
ATOM   165  C CD  . GLU A 1 34 ? -3.083  -9.383  -19.587 1.00 23.24 ? 43  GLU A CD  1 
ATOM   166  O OE1 . GLU A 1 34 ? -3.322  -10.599 -19.467 1.00 26.87 ? 43  GLU A OE1 1 
ATOM   167  O OE2 . GLU A 1 34 ? -2.090  -8.950  -20.191 1.00 25.88 ? 43  GLU A OE2 1 
ATOM   168  N N   . ASN A 1 35 ? -7.126  -8.991  -16.930 1.00 17.53 ? 44  ASN A N   1 
ATOM   169  C CA  . ASN A 1 35 ? -8.434  -9.374  -17.446 1.00 19.79 ? 44  ASN A CA  1 
ATOM   170  C C   . ASN A 1 35 ? -9.512  -8.326  -17.131 1.00 19.21 ? 44  ASN A C   1 
ATOM   171  O O   . ASN A 1 35 ? -10.276 -7.934  -18.020 1.00 17.88 ? 44  ASN A O   1 
ATOM   172  C CB  . ASN A 1 35 ? -8.838  -10.755 -16.949 1.00 19.87 ? 44  ASN A CB  1 
ATOM   173  C CG  . ASN A 1 35 ? -10.128 -11.242 -17.589 1.00 23.47 ? 44  ASN A CG  1 
ATOM   174  O OD1 . ASN A 1 35 ? -10.183 -11.477 -18.802 1.00 24.63 ? 44  ASN A OD1 1 
ATOM   175  N ND2 . ASN A 1 35 ? -11.166 -11.381 -16.789 1.00 23.69 ? 44  ASN A ND2 1 
ATOM   176  N N   . GLU A 1 36 ? -9.549  -7.853  -15.887 1.00 19.93 ? 45  GLU A N   1 
ATOM   177  C CA  . GLU A 1 36 ? -10.454 -6.759  -15.532 1.00 17.54 ? 45  GLU A CA  1 
ATOM   178  C C   . GLU A 1 36 ? -10.262 -5.568  -16.477 1.00 14.88 ? 45  GLU A C   1 
ATOM   179  O O   . GLU A 1 36 ? -11.238 -4.985  -16.964 1.00 17.46 ? 45  GLU A O   1 
ATOM   180  C CB  . GLU A 1 36 ? -10.262 -6.324  -14.070 1.00 17.44 ? 45  GLU A CB  1 
ATOM   181  C CG  . GLU A 1 36 ? -10.650 -7.387  -13.047 1.00 17.46 ? 45  GLU A CG  1 
ATOM   182  C CD  . GLU A 1 36 ? -12.101 -7.809  -13.182 1.00 19.04 ? 45  GLU A CD  1 
ATOM   183  O OE1 . GLU A 1 36 ? -12.992 -6.986  -12.887 1.00 19.58 ? 45  GLU A OE1 1 
ATOM   184  O OE2 . GLU A 1 36 ? -12.349 -8.962  -13.597 1.00 20.92 ? 45  GLU A OE2 1 
ATOM   185  N N   . LEU A 1 37 ? -9.004  -5.221  -16.742 1.00 17.94 ? 46  LEU A N   1 
ATOM   186  C CA  . LEU A 1 37 ? -8.667  -4.008  -17.483 1.00 15.43 ? 46  LEU A CA  1 
ATOM   187  C C   . LEU A 1 37 ? -8.964  -4.124  -18.969 1.00 19.63 ? 46  LEU A C   1 
ATOM   188  O O   . LEU A 1 37 ? -8.849  -3.147  -19.699 1.00 17.97 ? 46  LEU A O   1 
ATOM   189  C CB  . LEU A 1 37 ? -7.202  -3.627  -17.257 1.00 16.50 ? 46  LEU A CB  1 
ATOM   190  C CG  . LEU A 1 37 ? -6.880  -3.106  -15.852 1.00 17.47 ? 46  LEU A CG  1 
ATOM   191  C CD1 . LEU A 1 37 ? -5.403  -3.271  -15.519 1.00 15.01 ? 46  LEU A CD1 1 
ATOM   192  C CD2 . LEU A 1 37 ? -7.322  -1.642  -15.713 1.00 18.52 ? 46  LEU A CD2 1 
ATOM   193  N N   . LYS A 1 38 ? -9.341  -5.313  -19.425 1.00 17.30 ? 47  LYS A N   1 
ATOM   194  C CA  . LYS A 1 38 ? -9.728  -5.448  -20.831 1.00 16.42 ? 47  LYS A CA  1 
ATOM   195  C C   . LYS A 1 38 ? -10.894 -4.528  -21.189 1.00 18.43 ? 47  LYS A C   1 
ATOM   196  O O   . LYS A 1 38 ? -10.972 -4.013  -22.318 1.00 18.74 ? 47  LYS A O   1 
ATOM   197  C CB  . LYS A 1 38 ? -10.091 -6.897  -21.153 1.00 18.95 ? 47  LYS A CB  1 
ATOM   198  C CG  . LYS A 1 38 ? -8.882  -7.814  -21.182 1.00 21.47 ? 47  LYS A CG  1 
ATOM   199  C CD  . LYS A 1 38 ? -9.268  -9.219  -21.623 0.00 22.54 ? 47  LYS A CD  1 
ATOM   200  C CE  . LYS A 1 38 ? -8.060  -10.139 -21.686 0.00 23.83 ? 47  LYS A CE  1 
ATOM   201  N NZ  . LYS A 1 38 ? -7.445  -10.351 -20.347 0.00 23.02 ? 47  LYS A NZ  1 
ATOM   202  N N   . THR A 1 39 ? -11.779 -4.303  -20.217 1.00 20.00 ? 48  THR A N   1 
ATOM   203  C CA  . THR A 1 39 ? -13.068 -3.668  -20.478 1.00 19.09 ? 48  THR A CA  1 
ATOM   204  C C   . THR A 1 39 ? -13.313 -2.378  -19.699 1.00 19.34 ? 48  THR A C   1 
ATOM   205  O O   . THR A 1 39 ? -14.340 -1.720  -19.888 1.00 19.60 ? 48  THR A O   1 
ATOM   206  C CB  . THR A 1 39 ? -14.223 -4.637  -20.183 1.00 22.61 ? 48  THR A CB  1 
ATOM   207  O OG1 . THR A 1 39 ? -14.138 -5.112  -18.828 1.00 20.40 ? 48  THR A OG1 1 
ATOM   208  C CG2 . THR A 1 39 ? -14.164 -5.821  -21.138 1.00 25.75 ? 48  THR A CG2 1 
ATOM   209  N N   . ARG A 1 40 ? -12.398 -2.021  -18.807 1.00 18.13 ? 49  ARG A N   1 
ATOM   210  C CA  . ARG A 1 40 ? -12.595 -0.784  -18.044 1.00 16.54 ? 49  ARG A CA  1 
ATOM   211  C C   . ARG A 1 40 ? -11.295 -0.160  -17.545 1.00 14.60 ? 49  ARG A C   1 
ATOM   212  O O   . ARG A 1 40 ? -10.251 -0.812  -17.484 1.00 16.89 ? 49  ARG A O   1 
ATOM   213  C CB  . ARG A 1 40 ? -13.508 -1.038  -16.842 1.00 17.69 ? 49  ARG A CB  1 
ATOM   214  C CG  . ARG A 1 40 ? -12.890 -1.970  -15.830 1.00 17.10 ? 49  ARG A CG  1 
ATOM   215  C CD  . ARG A 1 40 ? -13.772 -2.156  -14.621 1.00 19.09 ? 49  ARG A CD  1 
ATOM   216  N NE  . ARG A 1 40 ? -13.349 -3.299  -13.821 1.00 18.22 ? 49  ARG A NE  1 
ATOM   217  C CZ  . ARG A 1 40 ? -13.054 -3.236  -12.525 1.00 20.19 ? 49  ARG A CZ  1 
ATOM   218  N NH1 . ARG A 1 40 ? -13.132 -2.080  -11.881 1.00 17.79 ? 49  ARG A NH1 1 
ATOM   219  N NH2 . ARG A 1 40 ? -12.697 -4.332  -11.867 1.00 20.75 ? 49  ARG A NH2 1 
ATOM   220  N N   . HIS A 1 41 ? -11.391 1.119   -17.187 1.00 17.48 ? 50  HIS A N   1 
ATOM   221  C CA  . HIS A 1 41 ? -10.371 1.813   -16.417 1.00 16.74 ? 50  HIS A CA  1 
ATOM   222  C C   . HIS A 1 41 ? -10.662 1.589   -14.944 1.00 16.91 ? 50  HIS A C   1 
ATOM   223  O O   . HIS A 1 41 ? -11.812 1.439   -14.547 1.00 18.67 ? 50  HIS A O   1 
ATOM   224  C CB  . HIS A 1 41 ? -10.411 3.313   -16.725 1.00 16.36 ? 50  HIS A CB  1 
ATOM   225  C CG  . HIS A 1 41 ? -10.124 3.636   -18.156 1.00 21.16 ? 50  HIS A CG  1 
ATOM   226  N ND1 . HIS A 1 41 ? -8.897  4.095   -18.582 1.00 22.17 ? 50  HIS A ND1 1 
ATOM   227  C CD2 . HIS A 1 41 ? -10.903 3.560   -19.260 1.00 20.19 ? 50  HIS A CD2 1 
ATOM   228  C CE1 . HIS A 1 41 ? -8.931  4.284   -19.889 1.00 18.26 ? 50  HIS A CE1 1 
ATOM   229  N NE2 . HIS A 1 41 ? -10.141 3.979   -20.323 1.00 22.07 ? 50  HIS A NE2 1 
ATOM   230  N N   . ILE A 1 42 ? -9.617  1.556   -14.130 1.00 16.26 ? 51  ILE A N   1 
ATOM   231  C CA  . ILE A 1 42 ? -9.791  1.367   -12.691 1.00 17.22 ? 51  ILE A CA  1 
ATOM   232  C C   . ILE A 1 42 ? -9.259  2.603   -11.980 1.00 15.26 ? 51  ILE A C   1 
ATOM   233  O O   . ILE A 1 42 ? -8.062  2.908   -12.058 1.00 15.42 ? 51  ILE A O   1 
ATOM   234  C CB  . ILE A 1 42 ? -9.073  0.090   -12.209 1.00 15.35 ? 51  ILE A CB  1 
ATOM   235  C CG1 . ILE A 1 42 ? -9.675  -1.141  -12.900 1.00 18.64 ? 51  ILE A CG1 1 
ATOM   236  C CG2 . ILE A 1 42 ? -9.156  -0.033  -10.689 1.00 17.57 ? 51  ILE A CG2 1 
ATOM   237  C CD1 . ILE A 1 42 ? -9.011  -2.465  -12.510 1.00 19.58 ? 51  ILE A CD1 1 
ATOM   238  N N   . PRO A 1 43 ? -10.152 3.351   -11.320 1.00 16.67 ? 52  PRO A N   1 
ATOM   239  C CA  . PRO A 1 43 ? -9.768  4.632   -10.707 1.00 14.80 ? 52  PRO A CA  1 
ATOM   240  C C   . PRO A 1 43 ? -8.854  4.466   -9.494  1.00 16.95 ? 52  PRO A C   1 
ATOM   241  O O   . PRO A 1 43 ? -8.791  3.384   -8.906  1.00 16.48 ? 52  PRO A O   1 
ATOM   242  C CB  . PRO A 1 43 ? -11.110 5.264   -10.314 1.00 18.76 ? 52  PRO A CB  1 
ATOM   243  C CG  . PRO A 1 43 ? -12.058 4.098   -10.175 1.00 20.11 ? 52  PRO A CG  1 
ATOM   244  C CD  . PRO A 1 43 ? -11.586 3.056   -11.160 1.00 17.32 ? 52  PRO A CD  1 
ATOM   245  N N   . ALA A 1 44 ? -8.145  5.537   -9.150  1.00 14.43 ? 53  ALA A N   1 
ATOM   246  C CA  . ALA A 1 44 ? -7.150  5.504   -8.062  1.00 16.33 ? 53  ALA A CA  1 
ATOM   247  C C   . ALA A 1 44 ? -7.654  4.937   -6.725  1.00 16.00 ? 53  ALA A C   1 
ATOM   248  O O   . ALA A 1 44 ? -6.965  4.139   -6.071  1.00 15.58 ? 53  ALA A O   1 
ATOM   249  C CB  . ALA A 1 44 ? -6.538  6.897   -7.870  1.00 15.91 ? 53  ALA A CB  1 
ATOM   250  N N   . GLY A 1 45 ? -8.851  5.332   -6.303  1.00 14.64 ? 54  GLY A N   1 
ATOM   251  C CA  . GLY A 1 45 ? -9.390  4.817   -5.056  1.00 15.96 ? 54  GLY A CA  1 
ATOM   252  C C   . GLY A 1 45 ? -9.672  3.323   -5.112  1.00 17.24 ? 54  GLY A C   1 
ATOM   253  O O   . GLY A 1 45 ? -9.504  2.609   -4.121  1.00 17.40 ? 54  GLY A O   1 
ATOM   254  N N   . ALA A 1 46 ? -10.108 2.850   -6.275  1.00 17.39 ? 55  ALA A N   1 
ATOM   255  C CA  . ALA A 1 46 ? -10.352 1.428   -6.448  1.00 13.73 ? 55  ALA A CA  1 
ATOM   256  C C   . ALA A 1 46 ? -9.033  0.653   -6.412  1.00 14.96 ? 55  ALA A C   1 
ATOM   257  O O   . ALA A 1 46 ? -8.988  -0.466  -5.891  1.00 15.14 ? 55  ALA A O   1 
ATOM   258  C CB  . ALA A 1 46 ? -11.097 1.167   -7.734  1.00 16.04 ? 55  ALA A CB  1 
ATOM   259  N N   . VAL A 1 47 ? -7.961  1.246   -6.938  1.00 14.52 ? 56  VAL A N   1 
ATOM   260  C CA  . VAL A 1 47 ? -6.643  0.593   -6.900  1.00 14.45 ? 56  VAL A CA  1 
ATOM   261  C C   . VAL A 1 47 ? -6.186  0.428   -5.444  1.00 14.33 ? 56  VAL A C   1 
ATOM   262  O O   . VAL A 1 47 ? -5.650  -0.616  -5.050  1.00 14.37 ? 56  VAL A O   1 
ATOM   263  C CB  . VAL A 1 47 ? -5.578  1.381   -7.711  1.00 14.25 ? 56  VAL A CB  1 
ATOM   264  C CG1 . VAL A 1 47 ? -4.171  0.805   -7.489  1.00 14.02 ? 56  VAL A CG1 1 
ATOM   265  C CG2 . VAL A 1 47 ? -5.944  1.403   -9.209  1.00 15.24 ? 56  VAL A CG2 1 
ATOM   266  N N   . ILE A 1 48 ? -6.410  1.465   -4.646  1.00 13.63 ? 57  ILE A N   1 
ATOM   267  C CA  . ILE A 1 48 ? -6.080  1.416   -3.224  1.00 14.40 ? 57  ILE A CA  1 
ATOM   268  C C   . ILE A 1 48 ? -6.850  0.291   -2.528  1.00 15.69 ? 57  ILE A C   1 
ATOM   269  O O   . ILE A 1 48 ? -6.262  -0.495  -1.776  1.00 15.92 ? 57  ILE A O   1 
ATOM   270  C CB  . ILE A 1 48 ? -6.366  2.775   -2.546  1.00 15.46 ? 57  ILE A CB  1 
ATOM   271  C CG1 . ILE A 1 48 ? -5.341  3.806   -3.015  1.00 14.67 ? 57  ILE A CG1 1 
ATOM   272  C CG2 . ILE A 1 48 ? -6.323  2.644   -1.014  1.00 18.46 ? 57  ILE A CG2 1 
ATOM   273  C CD1 . ILE A 1 48 ? -5.723  5.245   -2.673  1.00 19.04 ? 57  ILE A CD1 1 
ATOM   274  N N   . ASP A 1 49 ? -8.151  0.209   -2.782  1.00 15.54 ? 58  ASP A N   1 
ATOM   275  C CA  . ASP A 1 49 ? -8.967  -0.854  -2.195  1.00 18.19 ? 58  ASP A CA  1 
ATOM   276  C C   . ASP A 1 49 ? -8.450  -2.226  -2.631  1.00 16.81 ? 58  ASP A C   1 
ATOM   277  O O   . ASP A 1 49 ? -8.394  -3.173  -1.829  1.00 16.47 ? 58  ASP A O   1 
ATOM   278  C CB  . ASP A 1 49 ? -10.437 -0.708  -2.619  1.00 19.45 ? 58  ASP A CB  1 
ATOM   279  C CG  . ASP A 1 49 ? -11.126 0.490   -1.980  1.00 23.28 ? 58  ASP A CG  1 
ATOM   280  O OD1 . ASP A 1 49 ? -10.596 1.052   -0.994  1.00 27.51 ? 58  ASP A OD1 1 
ATOM   281  O OD2 . ASP A 1 49 ? -12.219 0.843   -2.467  1.00 28.32 ? 58  ASP A OD2 1 
ATOM   282  N N   . MET A 1 50 ? -8.091  -2.333  -3.911  1.00 14.76 ? 59  MET A N   1 
ATOM   283  C CA  . MET A 1 50 ? -7.597  -3.583  -4.476  1.00 16.39 ? 59  MET A CA  1 
ATOM   284  C C   . MET A 1 50 ? -6.309  -4.012  -3.785  1.00 15.51 ? 59  MET A C   1 
ATOM   285  O O   . MET A 1 50 ? -6.114  -5.188  -3.467  1.00 15.59 ? 59  MET A O   1 
ATOM   286  C CB  . MET A 1 50 ? -7.326  -3.410  -5.973  1.00 17.70 ? 59  MET A CB  1 
ATOM   287  C CG  . MET A 1 50 ? -6.707  -4.634  -6.637  1.00 16.16 ? 59  MET A CG  1 
ATOM   288  S SD  . MET A 1 50 ? -6.290  -4.248  -8.356  1.00 19.51 ? 59  MET A SD  1 
ATOM   289  C CE  . MET A 1 50 ? -4.848  -3.259  -8.112  1.00 18.88 ? 59  MET A CE  1 
ATOM   290  N N   . LEU A 1 51 ? -5.413  -3.058  -3.570  1.00 16.47 ? 60  LEU A N   1 
ATOM   291  C CA  . LEU A 1 51 ? -4.153  -3.373  -2.915  1.00 17.25 ? 60  LEU A CA  1 
ATOM   292  C C   . LEU A 1 51 ? -4.385  -3.937  -1.525  1.00 15.51 ? 60  LEU A C   1 
ATOM   293  O O   . LEU A 1 51 ? -3.712  -4.883  -1.139  1.00 16.13 ? 60  LEU A O   1 
ATOM   294  C CB  . LEU A 1 51 ? -3.257  -2.137  -2.814  1.00 18.92 ? 60  LEU A CB  1 
ATOM   295  C CG  . LEU A 1 51 ? -2.648  -1.701  -4.145  1.00 22.84 ? 60  LEU A CG  1 
ATOM   296  C CD1 . LEU A 1 51 ? -2.134  -0.290  -3.994  1.00 22.19 ? 60  LEU A CD1 1 
ATOM   297  C CD2 . LEU A 1 51 ? -1.521  -2.642  -4.517  1.00 22.81 ? 60  LEU A CD2 1 
ATOM   298  N N   . ALA A 1 52 ? -5.310  -3.348  -0.764  1.00 15.26 ? 61  ALA A N   1 
ATOM   299  C CA  . ALA A 1 52 ? -5.589  -3.840  0.583   1.00 17.35 ? 61  ALA A CA  1 
ATOM   300  C C   . ALA A 1 52 ? -6.158  -5.260  0.542   1.00 16.43 ? 61  ALA A C   1 
ATOM   301  O O   . ALA A 1 52 ? -5.799  -6.126  1.354   1.00 17.74 ? 61  ALA A O   1 
ATOM   302  C CB  . ALA A 1 52 ? -6.545  -2.906  1.301   1.00 16.29 ? 61  ALA A CB  1 
ATOM   303  N N   . GLU A 1 53 ? -7.046  -5.491  -0.415  1.00 15.76 ? 62  GLU A N   1 
ATOM   304  C CA  . GLU A 1 53 ? -7.670  -6.793  -0.584  1.00 16.15 ? 62  GLU A CA  1 
ATOM   305  C C   . GLU A 1 53 ? -6.615  -7.850  -0.900  1.00 17.35 ? 62  GLU A C   1 
ATOM   306  O O   . GLU A 1 53 ? -6.498  -8.870  -0.204  1.00 17.39 ? 62  GLU A O   1 
ATOM   307  C CB  . GLU A 1 53 ? -8.704  -6.712  -1.721  1.00 15.09 ? 62  GLU A CB  1 
ATOM   308  C CG  . GLU A 1 53 ? -9.298  -8.047  -2.105  1.00 19.65 ? 62  GLU A CG  1 
ATOM   309  C CD  . GLU A 1 53 ? -10.219 -7.944  -3.305  1.00 20.59 ? 62  GLU A CD  1 
ATOM   310  O OE1 . GLU A 1 53 ? -10.435 -6.818  -3.809  1.00 19.86 ? 62  GLU A OE1 1 
ATOM   311  O OE2 . GLU A 1 53 ? -10.723 -8.998  -3.745  1.00 22.06 ? 62  GLU A OE2 1 
ATOM   312  N N   . ILE A 1 54 ? -5.837  -7.616  -1.950  1.00 15.22 ? 63  ILE A N   1 
ATOM   313  C CA  . ILE A 1 54 ? -4.820  -8.600  -2.347  1.00 14.10 ? 63  ILE A CA  1 
ATOM   314  C C   . ILE A 1 54 ? -3.680  -8.740  -1.315  1.00 15.83 ? 63  ILE A C   1 
ATOM   315  O O   . ILE A 1 54 ? -3.178  -9.837  -1.090  1.00 17.09 ? 63  ILE A O   1 
ATOM   316  C CB  . ILE A 1 54 ? -4.279  -8.343  -3.779  1.00 17.98 ? 63  ILE A CB  1 
ATOM   317  C CG1 . ILE A 1 54 ? -3.596  -9.595  -4.331  1.00 19.53 ? 63  ILE A CG1 1 
ATOM   318  C CG2 . ILE A 1 54 ? -3.301  -7.182  -3.805  1.00 18.34 ? 63  ILE A CG2 1 
ATOM   319  C CD1 . ILE A 1 54 ? -4.572  -10.722 -4.683  1.00 22.61 ? 63  ILE A CD1 1 
ATOM   320  N N   . ASN A 1 55 ? -3.286  -7.646  -0.666  1.00 14.44 ? 64  ASN A N   1 
ATOM   321  C CA  . ASN A 1 55 ? -2.233  -7.745  0.339   1.00 14.66 ? 64  ASN A CA  1 
ATOM   322  C C   . ASN A 1 55 ? -2.660  -8.420  1.626   1.00 14.82 ? 64  ASN A C   1 
ATOM   323  O O   . ASN A 1 55 ? -1.836  -9.016  2.321   1.00 15.33 ? 64  ASN A O   1 
ATOM   324  C CB  . ASN A 1 55 ? -1.618  -6.378  0.615   1.00 12.18 ? 64  ASN A CB  1 
ATOM   325  C CG  . ASN A 1 55 ? -0.570  -6.028  -0.394  1.00 16.37 ? 64  ASN A CG  1 
ATOM   326  O OD1 . ASN A 1 55 ? 0.147   -6.902  -0.883  1.00 16.18 ? 64  ASN A OD1 1 
ATOM   327  N ND2 . ASN A 1 55 ? -0.458  -4.754  -0.710  1.00 16.60 ? 64  ASN A ND2 1 
ATOM   328  N N   . THR A 1 56 ? -3.942  -8.340  1.946   1.00 15.80 ? 65  THR A N   1 
ATOM   329  C CA  . THR A 1 56 ? -4.460  -9.084  3.096   1.00 15.79 ? 65  THR A CA  1 
ATOM   330  C C   . THR A 1 56 ? -4.320  -10.580 2.827   1.00 16.83 ? 65  THR A C   1 
ATOM   331  O O   . THR A 1 56 ? -3.908  -11.347 3.704   1.00 18.29 ? 65  THR A O   1 
ATOM   332  C CB  . THR A 1 56 ? -5.915  -8.712  3.379   1.00 16.60 ? 65  THR A CB  1 
ATOM   333  O OG1 . THR A 1 56 ? -5.972  -7.323  3.733   1.00 17.03 ? 65  THR A OG1 1 
ATOM   334  C CG2 . THR A 1 56 ? -6.484  -9.561  4.551   1.00 17.68 ? 65  THR A CG2 1 
ATOM   335  N N   . GLU A 1 57 ? -4.633  -10.994 1.600   1.00 16.56 ? 66  GLU A N   1 
ATOM   336  C CA  . GLU A 1 57 ? -4.411  -12.386 1.188   1.00 17.27 ? 66  GLU A CA  1 
ATOM   337  C C   . GLU A 1 57 ? -2.922  -12.741 1.138   1.00 19.43 ? 66  GLU A C   1 
ATOM   338  O O   . GLU A 1 57 ? -2.501  -13.793 1.629   1.00 20.36 ? 66  GLU A O   1 
ATOM   339  C CB  . GLU A 1 57 ? -5.025  -12.662 -0.191  1.00 18.96 ? 66  GLU A CB  1 
ATOM   340  C CG  . GLU A 1 57 ? -6.540  -12.652 -0.261  1.00 21.69 ? 66  GLU A CG  1 
ATOM   341  C CD  . GLU A 1 57 ? -7.038  -13.011 -1.658  1.00 26.23 ? 66  GLU A CD  1 
ATOM   342  O OE1 . GLU A 1 57 ? -6.269  -13.627 -2.426  1.00 23.07 ? 66  GLU A OE1 1 
ATOM   343  O OE2 . GLU A 1 57 ? -8.196  -12.680 -1.997  1.00 25.33 ? 66  GLU A OE2 1 
ATOM   344  N N   . ALA A 1 58 ? -2.120  -11.877 0.525   1.00 15.79 ? 67  ALA A N   1 
ATOM   345  C CA  . ALA A 1 58 ? -0.704  -12.181 0.312   1.00 18.64 ? 67  ALA A CA  1 
ATOM   346  C C   . ALA A 1 58 ? 0.025   -12.322 1.648   1.00 18.47 ? 67  ALA A C   1 
ATOM   347  O O   . ALA A 1 58 ? 1.005   -13.055 1.781   1.00 16.99 ? 67  ALA A O   1 
ATOM   348  C CB  . ALA A 1 58 ? -0.062  -11.106 -0.548  1.00 17.15 ? 67  ALA A CB  1 
ATOM   349  N N   . LEU A 1 59 ? -0.475  -11.604 2.637   1.00 18.50 ? 68  LEU A N   1 
ATOM   350  C CA  . LEU A 1 59 ? 0.052   -11.661 3.985   1.00 17.95 ? 68  LEU A CA  1 
ATOM   351  C C   . LEU A 1 59 ? 0.118   -13.108 4.505   1.00 21.17 ? 68  LEU A C   1 
ATOM   352  O O   . LEU A 1 59 ? 1.095   -13.516 5.134   1.00 19.16 ? 68  LEU A O   1 
ATOM   353  C CB  . LEU A 1 59 ? -0.854  -10.801 4.852   1.00 21.00 ? 68  LEU A CB  1 
ATOM   354  C CG  . LEU A 1 59 ? -0.552  -10.671 6.319   1.00 24.70 ? 68  LEU A CG  1 
ATOM   355  C CD1 . LEU A 1 59 ? 0.910   -10.233 6.551   1.00 20.50 ? 68  LEU A CD1 1 
ATOM   356  C CD2 . LEU A 1 59 ? -1.565  -9.657  6.841   1.00 22.59 ? 68  LEU A CD2 1 
ATOM   357  N N   . ALA A 1 60 ? -0.923  -13.885 4.222   1.00 19.57 ? 69  ALA A N   1 
ATOM   358  C CA  . ALA A 1 60 ? -0.973  -15.293 4.628   1.00 20.33 ? 69  ALA A CA  1 
ATOM   359  C C   . ALA A 1 60 ? 0.104   -16.127 3.937   1.00 21.78 ? 69  ALA A C   1 
ATOM   360  O O   . ALA A 1 60 ? 0.442   -17.219 4.389   1.00 23.28 ? 69  ALA A O   1 
ATOM   361  C CB  . ALA A 1 60 ? -2.352  -15.871 4.358   1.00 21.84 ? 69  ALA A CB  1 
ATOM   362  N N   . LEU A 1 61 ? 0.645   -15.605 2.837   1.00 18.53 ? 70  LEU A N   1 
ATOM   363  C CA  . LEU A 1 61 ? 1.721   -16.270 2.108   1.00 19.03 ? 70  LEU A CA  1 
ATOM   364  C C   . LEU A 1 61 ? 3.074   -15.586 2.317   1.00 20.37 ? 70  LEU A C   1 
ATOM   365  O O   . LEU A 1 61 ? 4.034   -15.880 1.611   1.00 20.79 ? 70  LEU A O   1 
ATOM   366  C CB  . LEU A 1 61 ? 1.395   -16.351 0.604   1.00 16.69 ? 70  LEU A CB  1 
ATOM   367  C CG  . LEU A 1 61 ? 0.064   -17.033 0.279   1.00 21.47 ? 70  LEU A CG  1 
ATOM   368  C CD1 . LEU A 1 61 ? -0.310  -16.794 -1.168  1.00 22.44 ? 70  LEU A CD1 1 
ATOM   369  C CD2 . LEU A 1 61 ? 0.127   -18.530 0.583   1.00 25.59 ? 70  LEU A CD2 1 
ATOM   370  N N   . ASP A 1 62 ? 3.142   -14.665 3.282   1.00 20.20 ? 71  ASP A N   1 
ATOM   371  C CA  . ASP A 1 62 ? 4.398   -14.019 3.666   1.00 17.95 ? 71  ASP A CA  1 
ATOM   372  C C   . ASP A 1 62 ? 5.041   -13.132 2.587   1.00 20.83 ? 71  ASP A C   1 
ATOM   373  O O   . ASP A 1 62 ? 6.260   -12.988 2.542   1.00 22.24 ? 71  ASP A O   1 
ATOM   374  C CB  . ASP A 1 62 ? 5.433   -15.058 4.145   1.00 19.99 ? 71  ASP A CB  1 
ATOM   375  C CG  . ASP A 1 62 ? 5.009   -15.776 5.411   1.00 31.39 ? 71  ASP A CG  1 
ATOM   376  O OD1 . ASP A 1 62 ? 4.267   -15.174 6.215   1.00 34.78 ? 71  ASP A OD1 1 
ATOM   377  O OD2 . ASP A 1 62 ? 5.425   -16.945 5.603   1.00 35.15 ? 71  ASP A OD2 1 
ATOM   378  N N   . TYR A 1 63 ? 4.233   -12.535 1.716   1.00 16.74 ? 72  TYR A N   1 
ATOM   379  C CA  . TYR A 1 63 ? 4.760   -11.530 0.796   1.00 18.04 ? 72  TYR A CA  1 
ATOM   380  C C   . TYR A 1 63 ? 3.749   -10.402 0.655   1.00 15.42 ? 72  TYR A C   1 
ATOM   381  O O   . TYR A 1 63 ? 2.631   -10.518 1.139   1.00 15.68 ? 72  TYR A O   1 
ATOM   382  C CB  . TYR A 1 63 ? 5.135   -12.147 -0.572  1.00 19.55 ? 72  TYR A CB  1 
ATOM   383  C CG  . TYR A 1 63 ? 4.007   -12.215 -1.582  1.00 17.10 ? 72  TYR A CG  1 
ATOM   384  C CD1 . TYR A 1 63 ? 2.975   -13.148 -1.459  1.00 16.28 ? 72  TYR A CD1 1 
ATOM   385  C CD2 . TYR A 1 63 ? 3.987   -11.349 -2.674  1.00 17.53 ? 72  TYR A CD2 1 
ATOM   386  C CE1 . TYR A 1 63 ? 1.940   -13.199 -2.393  1.00 18.95 ? 72  TYR A CE1 1 
ATOM   387  C CE2 . TYR A 1 63 ? 2.972   -11.401 -3.610  1.00 17.41 ? 72  TYR A CE2 1 
ATOM   388  C CZ  . TYR A 1 63 ? 1.952   -12.316 -3.469  1.00 17.60 ? 72  TYR A CZ  1 
ATOM   389  O OH  . TYR A 1 63 ? 0.940   -12.339 -4.408  1.00 18.54 ? 72  TYR A OH  1 
ATOM   390  N N   . GLN A 1 64 ? 4.158   -9.313  0.007   1.00 16.57 ? 73  GLN A N   1 
ATOM   391  C CA  . GLN A 1 64 ? 3.283   -8.170  -0.259  1.00 16.27 ? 73  GLN A CA  1 
ATOM   392  C C   . GLN A 1 64 ? 3.506   -7.679  -1.678  1.00 15.22 ? 73  GLN A C   1 
ATOM   393  O O   . GLN A 1 64 ? 4.550   -7.931  -2.267  1.00 16.98 ? 73  GLN A O   1 
ATOM   394  C CB  . GLN A 1 64 ? 3.597   -7.026  0.707   1.00 17.20 ? 73  GLN A CB  1 
ATOM   395  C CG  . GLN A 1 64 ? 3.203   -7.302  2.147   1.00 14.59 ? 73  GLN A CG  1 
ATOM   396  C CD  . GLN A 1 64 ? 1.701   -7.297  2.353   1.00 14.87 ? 73  GLN A CD  1 
ATOM   397  O OE1 . GLN A 1 64 ? 1.105   -6.261  2.641   1.00 15.12 ? 73  GLN A OE1 1 
ATOM   398  N NE2 . GLN A 1 64 ? 1.082   -8.464  2.215   1.00 16.06 ? 73  GLN A NE2 1 
ATOM   399  N N   . ILE A 1 65 ? 2.517   -6.976  -2.221  1.00 14.72 ? 74  ILE A N   1 
ATOM   400  C CA  . ILE A 1 65 ? 2.648   -6.333  -3.524  1.00 15.34 ? 74  ILE A CA  1 
ATOM   401  C C   . ILE A 1 65 ? 2.724   -4.834  -3.276  1.00 18.20 ? 74  ILE A C   1 
ATOM   402  O O   . ILE A 1 65 ? 1.931   -4.282  -2.502  1.00 18.22 ? 74  ILE A O   1 
ATOM   403  C CB  . ILE A 1 65 ? 1.443   -6.667  -4.409  1.00 17.24 ? 74  ILE A CB  1 
ATOM   404  C CG1 . ILE A 1 65 ? 1.450   -8.165  -4.738  1.00 20.39 ? 74  ILE A CG1 1 
ATOM   405  C CG2 . ILE A 1 65 ? 1.435   -5.816  -5.690  1.00 18.20 ? 74  ILE A CG2 1 
ATOM   406  C CD1 . ILE A 1 65 ? 0.135   -8.698  -5.270  1.00 23.31 ? 74  ILE A CD1 1 
ATOM   407  N N   . VAL A 1 66 ? 3.705   -4.187  -3.899  1.00 17.71 ? 75  VAL A N   1 
ATOM   408  C CA  . VAL A 1 66 ? 3.949   -2.774  -3.670  1.00 18.36 ? 75  VAL A CA  1 
ATOM   409  C C   . VAL A 1 66 ? 3.665   -1.998  -4.944  1.00 16.65 ? 75  VAL A C   1 
ATOM   410  O O   . VAL A 1 66 ? 4.162   -2.350  -6.010  1.00 18.99 ? 75  VAL A O   1 
ATOM   411  C CB  . VAL A 1 66 ? 5.403   -2.526  -3.215  1.00 21.41 ? 75  VAL A CB  1 
ATOM   412  C CG1 . VAL A 1 66 ? 5.652   -1.040  -3.014  1.00 23.03 ? 75  VAL A CG1 1 
ATOM   413  C CG2 . VAL A 1 66 ? 5.689   -3.285  -1.917  1.00 21.45 ? 75  VAL A CG2 1 
ATOM   414  N N   . ASP A 1 67 ? 2.861   -0.951  -4.834  1.00 17.71 ? 76  ASP A N   1 
ATOM   415  C CA  . ASP A 1 67 ? 2.538   -0.147  -6.002  1.00 15.99 ? 76  ASP A CA  1 
ATOM   416  C C   . ASP A 1 67 ? 3.641   0.900   -6.155  1.00 16.59 ? 76  ASP A C   1 
ATOM   417  O O   . ASP A 1 67 ? 3.826   1.739   -5.280  1.00 17.73 ? 76  ASP A O   1 
ATOM   418  C CB  . ASP A 1 67 ? 1.176   0.520   -5.799  1.00 16.21 ? 76  ASP A CB  1 
ATOM   419  C CG  . ASP A 1 67 ? 0.695   1.274   -7.023  1.00 16.90 ? 76  ASP A CG  1 
ATOM   420  O OD1 . ASP A 1 67 ? 1.461   1.417   -7.991  1.00 17.82 ? 76  ASP A OD1 1 
ATOM   421  O OD2 . ASP A 1 67 ? -0.466  1.726   -7.012  1.00 17.24 ? 76  ASP A OD2 1 
ATOM   422  N N   . LYS A 1 68 ? 4.377   0.830   -7.261  1.00 18.51 ? 77  LYS A N   1 
ATOM   423  C CA  . LYS A 1 68 ? 5.460   1.774   -7.514  1.00 20.17 ? 77  LYS A CA  1 
ATOM   424  C C   . LYS A 1 68 ? 4.958   3.105   -8.063  1.00 20.66 ? 77  LYS A C   1 
ATOM   425  O O   . LYS A 1 68 ? 5.729   4.063   -8.176  1.00 21.84 ? 77  LYS A O   1 
ATOM   426  C CB  . LYS A 1 68 ? 6.523   1.163   -8.438  1.00 22.71 ? 77  LYS A CB  1 
ATOM   427  C CG  . LYS A 1 68 ? 7.393   0.114   -7.765  0.00 21.60 ? 77  LYS A CG  1 
ATOM   428  C CD  . LYS A 1 68 ? 8.180   0.715   -6.611  0.00 22.35 ? 77  LYS A CD  1 
ATOM   429  C CE  . LYS A 1 68 ? 9.038   -0.329  -5.917  0.00 22.92 ? 77  LYS A CE  1 
ATOM   430  N NZ  . LYS A 1 68 ? 8.216   -1.417  -5.321  0.00 22.65 ? 77  LYS A NZ  1 
ATOM   431  N N   . LYS A 1 69 ? 3.666   3.167   -8.386  1.00 17.85 ? 78  LYS A N   1 
ATOM   432  C CA  . LYS A 1 69 ? 3.020   4.408   -8.817  1.00 19.40 ? 78  LYS A CA  1 
ATOM   433  C C   . LYS A 1 69 ? 1.805   4.662   -7.936  1.00 14.05 ? 78  LYS A C   1 
ATOM   434  O O   . LYS A 1 69 ? 0.673   4.704   -8.415  1.00 16.10 ? 78  LYS A O   1 
ATOM   435  C CB  . LYS A 1 69 ? 2.608   4.319   -10.291 1.00 20.06 ? 78  LYS A CB  1 
ATOM   436  C CG  . LYS A 1 69 ? 3.793   4.146   -11.227 1.00 21.99 ? 78  LYS A CG  1 
ATOM   437  C CD  . LYS A 1 69 ? 3.365   4.146   -12.685 0.00 21.07 ? 78  LYS A CD  1 
ATOM   438  C CE  . LYS A 1 69 ? 4.567   4.014   -13.607 0.00 21.94 ? 78  LYS A CE  1 
ATOM   439  N NZ  . LYS A 1 69 ? 4.176   4.029   -15.042 0.00 22.65 ? 78  LYS A NZ  1 
ATOM   440  N N   . PRO A 1 70 ? 2.033   4.803   -6.625  1.00 16.52 ? 79  PRO A N   1 
ATOM   441  C CA  . PRO A 1 70 ? 0.892   4.810   -5.704  1.00 15.71 ? 79  PRO A CA  1 
ATOM   442  C C   . PRO A 1 70 ? -0.042  6.005   -5.897  1.00 15.32 ? 79  PRO A C   1 
ATOM   443  O O   . PRO A 1 70 ? 0.407   7.099   -6.235  1.00 17.77 ? 79  PRO A O   1 
ATOM   444  C CB  . PRO A 1 70 ? 1.560   4.853   -4.325  1.00 18.70 ? 79  PRO A CB  1 
ATOM   445  C CG  . PRO A 1 70 ? 2.893   5.487   -4.577  1.00 18.82 ? 79  PRO A CG  1 
ATOM   446  C CD  . PRO A 1 70 ? 3.317   5.019   -5.935  1.00 19.57 ? 79  PRO A CD  1 
ATOM   447  N N   . GLY A 1 71 ? -1.339  5.772   -5.728  1.00 13.76 ? 80  GLY A N   1 
ATOM   448  C CA  . GLY A 1 71 ? -2.332  6.830   -5.800  1.00 15.72 ? 80  GLY A CA  1 
ATOM   449  C C   . GLY A 1 71 ? -2.770  7.169   -7.215  1.00 15.36 ? 80  GLY A C   1 
ATOM   450  O O   . GLY A 1 71 ? -3.483  8.161   -7.430  1.00 17.74 ? 80  GLY A O   1 
ATOM   451  N N   . THR A 1 72 ? -2.359  6.348   -8.174  1.00 16.95 ? 81  THR A N   1 
ATOM   452  C CA  . THR A 1 72 ? -2.755  6.552   -9.564  1.00 16.73 ? 81  THR A CA  1 
ATOM   453  C C   . THR A 1 72 ? -3.754  5.493   -10.040 1.00 18.20 ? 81  THR A C   1 
ATOM   454  O O   . THR A 1 72 ? -3.875  4.408   -9.452  1.00 15.84 ? 81  THR A O   1 
ATOM   455  C CB  . THR A 1 72 ? -1.541  6.606   -10.538 1.00 16.52 ? 81  THR A CB  1 
ATOM   456  O OG1 . THR A 1 72 ? -0.925  5.316   -10.644 1.00 17.46 ? 81  THR A OG1 1 
ATOM   457  C CG2 . THR A 1 72 ? -0.511  7.625   -10.069 1.00 18.77 ? 81  THR A CG2 1 
ATOM   458  N N   . SER A 1 73 ? -4.482  5.836   -11.099 1.00 14.13 ? 82  SER A N   1 
ATOM   459  C CA  . SER A 1 73 ? -5.436  4.921   -11.720 1.00 16.56 ? 82  SER A CA  1 
ATOM   460  C C   . SER A 1 73 ? -4.702  3.923   -12.614 1.00 14.47 ? 82  SER A C   1 
ATOM   461  O O   . SER A 1 73 ? -3.490  4.028   -12.820 1.00 16.83 ? 82  SER A O   1 
ATOM   462  C CB  . SER A 1 73 ? -6.438  5.718   -12.559 1.00 17.05 ? 82  SER A CB  1 
ATOM   463  O OG  . SER A 1 73 ? -5.757  6.480   -13.557 1.00 19.25 ? 82  SER A OG  1 
ATOM   464  N N   . ILE A 1 74 ? -5.447  2.965   -13.160 1.00 16.01 ? 83  ILE A N   1 
ATOM   465  C CA  . ILE A 1 74 ? -4.890  2.066   -14.172 1.00 17.11 ? 83  ILE A CA  1 
ATOM   466  C C   . ILE A 1 74 ? -5.738  2.135   -15.449 1.00 17.12 ? 83  ILE A C   1 
ATOM   467  O O   . ILE A 1 74 ? -6.971  2.052   -15.402 1.00 16.35 ? 83  ILE A O   1 
ATOM   468  C CB  . ILE A 1 74 ? -4.840  0.600   -13.713 1.00 17.75 ? 83  ILE A CB  1 
ATOM   469  C CG1 . ILE A 1 74 ? -4.407  0.477   -12.250 1.00 17.55 ? 83  ILE A CG1 1 
ATOM   470  C CG2 . ILE A 1 74 ? -3.919  -0.194  -14.631 1.00 18.12 ? 83  ILE A CG2 1 
ATOM   471  C CD1 . ILE A 1 74 ? -4.526  -0.944  -11.717 1.00 17.75 ? 83  ILE A CD1 1 
ATOM   472  N N   . ALA A 1 75 ? -5.079  2.271   -16.598 1.00 18.81 ? 84  ALA A N   1 
ATOM   473  C CA  . ALA A 1 75 ? -5.811  2.473   -17.840 1.00 17.91 ? 84  ALA A CA  1 
ATOM   474  C C   . ALA A 1 75 ? -6.336  1.171   -18.438 1.00 18.78 ? 84  ALA A C   1 
ATOM   475  O O   . ALA A 1 75 ? -5.709  0.124   -18.314 1.00 17.98 ? 84  ALA A O   1 
ATOM   476  C CB  . ALA A 1 75 ? -4.929  3.192   -18.850 1.00 19.71 ? 84  ALA A CB  1 
ATOM   477  N N   . GLN A 1 76 ? -7.488  1.253   -19.094 1.00 19.32 ? 85  GLN A N   1 
ATOM   478  C CA  . GLN A 1 76 ? -8.008  0.126   -19.850 1.00 19.93 ? 85  GLN A CA  1 
ATOM   479  C C   . GLN A 1 76 ? -6.946  -0.391  -20.822 1.00 18.57 ? 85  GLN A C   1 
ATOM   480  O O   . GLN A 1 76 ? -6.200  0.390   -21.429 1.00 21.10 ? 85  GLN A O   1 
ATOM   481  C CB  . GLN A 1 76 ? -9.270  0.513   -20.630 1.00 22.43 ? 85  GLN A CB  1 
ATOM   482  C CG  . GLN A 1 76 ? -9.918  -0.679  -21.316 1.00 19.59 ? 85  GLN A CG  1 
ATOM   483  C CD  . GLN A 1 76 ? -10.992 -0.296  -22.312 1.00 30.20 ? 85  GLN A CD  1 
ATOM   484  O OE1 . GLN A 1 76 ? -11.296 0.883   -22.495 1.00 29.28 ? 85  GLN A OE1 1 
ATOM   485  N NE2 . GLN A 1 76 ? -11.577 -1.301  -22.962 1.00 27.95 ? 85  GLN A NE2 1 
ATOM   486  N N   . GLY A 1 77 ? -6.877  -1.707  -20.962 1.00 20.02 ? 86  GLY A N   1 
ATOM   487  C CA  . GLY A 1 77 ? -5.989  -2.317  -21.943 1.00 21.87 ? 86  GLY A CA  1 
ATOM   488  C C   . GLY A 1 77 ? -4.555  -2.523  -21.493 1.00 23.55 ? 86  GLY A C   1 
ATOM   489  O O   . GLY A 1 77 ? -3.734  -3.046  -22.247 1.00 25.05 ? 86  GLY A O   1 
ATOM   490  N N   . THR A 1 78 ? -4.245  -2.119  -20.265 1.00 18.91 ? 87  THR A N   1 
ATOM   491  C CA  . THR A 1 78 ? -2.902  -2.313  -19.730 1.00 20.32 ? 87  THR A CA  1 
ATOM   492  C C   . THR A 1 78 ? -2.616  -3.809  -19.610 1.00 19.27 ? 87  THR A C   1 
ATOM   493  O O   . THR A 1 78 ? -3.444  -4.574  -19.102 1.00 20.84 ? 87  THR A O   1 
ATOM   494  C CB  . THR A 1 78 ? -2.728  -1.608  -18.365 1.00 17.79 ? 87  THR A CB  1 
ATOM   495  O OG1 . THR A 1 78 ? -3.023  -0.211  -18.506 1.00 18.02 ? 87  THR A OG1 1 
ATOM   496  C CG2 . THR A 1 78 ? -1.304  -1.750  -17.865 1.00 18.41 ? 87  THR A CG2 1 
ATOM   497  N N   . LYS A 1 79 ? -1.444  -4.225  -20.088 1.00 23.67 ? 88  LYS A N   1 
ATOM   498  C CA  . LYS A 1 79 ? -1.127  -5.641  -20.173 1.00 21.97 ? 88  LYS A CA  1 
ATOM   499  C C   . LYS A 1 79 ? -0.251  -6.097  -19.013 1.00 20.79 ? 88  LYS A C   1 
ATOM   500  O O   . LYS A 1 79 ? 0.344   -5.275  -18.308 1.00 21.71 ? 88  LYS A O   1 
ATOM   501  C CB  . LYS A 1 79 ? -0.441  -5.950  -21.507 1.00 25.44 ? 88  LYS A CB  1 
ATOM   502  C CG  . LYS A 1 79 ? -1.265  -5.551  -22.729 1.00 28.63 ? 88  LYS A CG  1 
ATOM   503  C CD  . LYS A 1 79 ? -2.563  -6.335  -22.810 0.00 24.95 ? 88  LYS A CD  1 
ATOM   504  C CE  . LYS A 1 79 ? -2.299  -7.813  -23.039 0.00 25.38 ? 88  LYS A CE  1 
ATOM   505  N NZ  . LYS A 1 79 ? -3.564  -8.594  -23.114 0.00 25.67 ? 88  LYS A NZ  1 
ATOM   506  N N   . ALA A 1 80 ? -0.181  -7.411  -18.830 1.00 19.51 ? 89  ALA A N   1 
ATOM   507  C CA  . ALA A 1 80 ? 0.545   -8.005  -17.709 1.00 22.92 ? 89  ALA A CA  1 
ATOM   508  C C   . ALA A 1 80 ? 1.978   -7.522  -17.594 1.00 20.80 ? 89  ALA A C   1 
ATOM   509  O O   . ALA A 1 80 ? 2.430   -7.223  -16.511 1.00 20.74 ? 89  ALA A O   1 
ATOM   510  C CB  . ALA A 1 80 ? 0.508   -9.519  -17.782 1.00 21.63 ? 89  ALA A CB  1 
ATOM   511  N N   . ALA A 1 81 ? 2.706   -7.459  -18.705 1.00 23.18 ? 90  ALA A N   1 
ATOM   512  C CA  . ALA A 1 81 ? 4.104   -7.035  -18.633 1.00 24.58 ? 90  ALA A CA  1 
ATOM   513  C C   . ALA A 1 81 ? 4.256   -5.637  -18.020 1.00 24.19 ? 90  ALA A C   1 
ATOM   514  O O   . ALA A 1 81 ? 5.197   -5.372  -17.264 1.00 24.40 ? 90  ALA A O   1 
ATOM   515  C CB  . ALA A 1 81 ? 4.759   -7.099  -20.003 1.00 26.73 ? 90  ALA A CB  1 
ATOM   516  N N   . ALA A 1 82 ? 3.313   -4.753  -18.339 1.00 21.26 ? 91  ALA A N   1 
ATOM   517  C CA  . ALA A 1 82 ? 3.303   -3.412  -17.773 1.00 23.00 ? 91  ALA A CA  1 
ATOM   518  C C   . ALA A 1 82 ? 2.904   -3.437  -16.300 1.00 19.75 ? 91  ALA A C   1 
ATOM   519  O O   . ALA A 1 82 ? 3.501   -2.744  -15.483 1.00 19.76 ? 91  ALA A O   1 
ATOM   520  C CB  . ALA A 1 82 ? 2.373   -2.507  -18.562 1.00 24.93 ? 91  ALA A CB  1 
ATOM   521  N N   . LEU A 1 83 ? 1.885   -4.232  -15.981 1.00 18.16 ? 92  LEU A N   1 
ATOM   522  C CA  . LEU A 1 83 ? 1.425   -4.392  -14.606 1.00 17.39 ? 92  LEU A CA  1 
ATOM   523  C C   . LEU A 1 83 ? 2.562   -4.878  -13.710 1.00 19.62 ? 92  LEU A C   1 
ATOM   524  O O   . LEU A 1 83 ? 2.709   -4.395  -12.589 1.00 19.68 ? 92  LEU A O   1 
ATOM   525  C CB  . LEU A 1 83 ? 0.226   -5.350  -14.530 1.00 18.58 ? 92  LEU A CB  1 
ATOM   526  C CG  . LEU A 1 83 ? -1.055  -4.848  -15.216 1.00 17.42 ? 92  LEU A CG  1 
ATOM   527  C CD1 . LEU A 1 83 ? -2.110  -5.950  -15.340 1.00 17.94 ? 92  LEU A CD1 1 
ATOM   528  C CD2 . LEU A 1 83 ? -1.614  -3.644  -14.446 1.00 17.62 ? 92  LEU A CD2 1 
ATOM   529  N N   . ARG A 1 84 ? 3.364   -5.823  -14.200 1.00 18.42 ? 93  ARG A N   1 
ATOM   530  C CA  . ARG A 1 84 ? 4.460   -6.378  -13.387 1.00 20.34 ? 93  ARG A CA  1 
ATOM   531  C C   . ARG A 1 84 ? 5.550   -5.370  -13.036 1.00 23.05 ? 93  ARG A C   1 
ATOM   532  O O   . ARG A 1 84 ? 6.244   -5.518  -12.025 1.00 25.88 ? 93  ARG A O   1 
ATOM   533  C CB  . ARG A 1 84 ? 5.098   -7.585  -14.073 1.00 19.07 ? 93  ARG A CB  1 
ATOM   534  C CG  . ARG A 1 84 ? 4.175   -8.748  -14.225 1.00 22.84 ? 93  ARG A CG  1 
ATOM   535  C CD  . ARG A 1 84 ? 4.932   -10.005 -14.630 1.00 28.50 ? 93  ARG A CD  1 
ATOM   536  N NE  . ARG A 1 84 ? 3.991   -11.057 -14.999 1.00 30.60 ? 93  ARG A NE  1 
ATOM   537  C CZ  . ARG A 1 84 ? 3.569   -11.274 -16.241 1.00 34.13 ? 93  ARG A CZ  1 
ATOM   538  N NH1 . ARG A 1 84 ? 4.029   -10.530 -17.241 1.00 31.83 ? 93  ARG A NH1 1 
ATOM   539  N NH2 . ARG A 1 84 ? 2.696   -12.247 -16.486 1.00 36.48 ? 93  ARG A NH2 1 
ATOM   540  N N   . LYS A 1 85 ? 5.706   -4.352  -13.876 1.00 21.10 ? 94  LYS A N   1 
ATOM   541  C CA  . LYS A 1 85 ? 6.682   -3.299  -13.634 1.00 22.88 ? 94  LYS A CA  1 
ATOM   542  C C   . LYS A 1 85 ? 6.189   -2.285  -12.621 1.00 23.85 ? 94  LYS A C   1 
ATOM   543  O O   . LYS A 1 85 ? 6.985   -1.547  -12.034 1.00 23.89 ? 94  LYS A O   1 
ATOM   544  C CB  . LYS A 1 85 ? 7.043   -2.585  -14.939 1.00 21.11 ? 94  LYS A CB  1 
ATOM   545  C CG  . LYS A 1 85 ? 7.907   -3.420  -15.880 1.00 29.98 ? 94  LYS A CG  1 
ATOM   546  C CD  . LYS A 1 85 ? 8.373   -2.603  -17.074 0.00 26.26 ? 94  LYS A CD  1 
ATOM   547  C CE  . LYS A 1 85 ? 9.282   -3.419  -17.979 0.00 26.33 ? 94  LYS A CE  1 
ATOM   548  N NZ  . LYS A 1 85 ? 8.591   -4.621  -18.523 0.00 26.14 ? 94  LYS A NZ  1 
ATOM   549  N N   . ARG A 1 86 ? 4.875   -2.241  -12.422 1.00 18.91 ? 95  ARG A N   1 
ATOM   550  C CA  . ARG A 1 86 ? 4.286   -1.302  -11.469 1.00 17.86 ? 95  ARG A CA  1 
ATOM   551  C C   . ARG A 1 86 ? 3.965   -1.944  -10.126 1.00 17.09 ? 95  ARG A C   1 
ATOM   552  O O   . ARG A 1 86 ? 4.174   -1.344  -9.073  1.00 16.91 ? 95  ARG A O   1 
ATOM   553  C CB  . ARG A 1 86 ? 3.015   -0.660  -12.041 1.00 17.42 ? 95  ARG A CB  1 
ATOM   554  C CG  . ARG A 1 86 ? 2.265   0.175   -11.013 1.00 15.52 ? 95  ARG A CG  1 
ATOM   555  C CD  . ARG A 1 86 ? 1.055   0.914   -11.593 1.00 20.30 ? 95  ARG A CD  1 
ATOM   556  N NE  . ARG A 1 86 ? 0.263   1.487   -10.510 1.00 17.04 ? 95  ARG A NE  1 
ATOM   557  C CZ  . ARG A 1 86 ? -0.862  2.166   -10.677 1.00 18.73 ? 95  ARG A CZ  1 
ATOM   558  N NH1 . ARG A 1 86 ? -1.339  2.376   -11.903 1.00 18.32 ? 95  ARG A NH1 1 
ATOM   559  N NH2 . ARG A 1 86 ? -1.506  2.623   -9.615  1.00 18.24 ? 95  ARG A NH2 1 
ATOM   560  N N   . PHE A 1 87 ? 3.456   -3.169  -10.168 1.00 15.88 ? 96  PHE A N   1 
ATOM   561  C CA  . PHE A 1 87 ? 3.036   -3.841  -8.944  1.00 16.68 ? 96  PHE A CA  1 
ATOM   562  C C   . PHE A 1 87 ? 4.038   -4.934  -8.627  1.00 16.58 ? 96  PHE A C   1 
ATOM   563  O O   . PHE A 1 87 ? 3.981   -6.032  -9.189  1.00 20.35 ? 96  PHE A O   1 
ATOM   564  C CB  . PHE A 1 87 ? 1.620   -4.389  -9.099  1.00 18.24 ? 96  PHE A CB  1 
ATOM   565  C CG  . PHE A 1 87 ? 0.585   -3.320  -9.326  1.00 18.35 ? 96  PHE A CG  1 
ATOM   566  C CD1 . PHE A 1 87 ? 0.133   -2.545  -8.268  1.00 17.53 ? 96  PHE A CD1 1 
ATOM   567  C CD2 . PHE A 1 87 ? 0.081   -3.075  -10.599 1.00 17.13 ? 96  PHE A CD2 1 
ATOM   568  C CE1 . PHE A 1 87 ? -0.816  -1.551  -8.459  1.00 17.79 ? 96  PHE A CE1 1 
ATOM   569  C CE2 . PHE A 1 87 ? -0.865  -2.087  -10.813 1.00 18.28 ? 96  PHE A CE2 1 
ATOM   570  C CZ  . PHE A 1 87 ? -1.326  -1.323  -9.734  1.00 17.80 ? 96  PHE A CZ  1 
ATOM   571  N N   . ILE A 1 88 ? 4.951   -4.610  -7.721  1.00 20.77 ? 97  ILE A N   1 
ATOM   572  C CA  . ILE A 1 88 ? 6.136   -5.414  -7.474  1.00 21.08 ? 97  ILE A CA  1 
ATOM   573  C C   . ILE A 1 88 ? 5.968   -6.262  -6.222  1.00 20.81 ? 97  ILE A C   1 
ATOM   574  O O   . ILE A 1 88 ? 5.608   -5.754  -5.160  1.00 22.16 ? 97  ILE A O   1 
ATOM   575  C CB  . ILE A 1 88 ? 7.372   -4.507  -7.293  1.00 22.43 ? 97  ILE A CB  1 
ATOM   576  C CG1 . ILE A 1 88 ? 7.506   -3.546  -8.476  1.00 27.12 ? 97  ILE A CG1 1 
ATOM   577  C CG2 . ILE A 1 88 ? 8.638   -5.350  -7.128  1.00 24.19 ? 97  ILE A CG2 1 
ATOM   578  C CD1 . ILE A 1 88 ? 7.901   -4.218  -9.763  1.00 30.76 ? 97  ILE A CD1 1 
ATOM   579  N N   . PRO A 1 89 ? 6.234   -7.566  -6.340  1.00 16.36 ? 98  PRO A N   1 
ATOM   580  C CA  . PRO A 1 89 ? 6.134   -8.403  -5.142  1.00 18.19 ? 98  PRO A CA  1 
ATOM   581  C C   . PRO A 1 89 ? 7.409   -8.343  -4.307  1.00 21.80 ? 98  PRO A C   1 
ATOM   582  O O   . PRO A 1 89 ? 8.522   -8.268  -4.846  1.00 24.42 ? 98  PRO A O   1 
ATOM   583  C CB  . PRO A 1 89 ? 5.894   -9.800  -5.718  1.00 22.81 ? 98  PRO A CB  1 
ATOM   584  C CG  . PRO A 1 89 ? 6.593   -9.769  -7.066  1.00 23.33 ? 98  PRO A CG  1 
ATOM   585  C CD  . PRO A 1 89 ? 6.473   -8.344  -7.567  1.00 21.48 ? 98  PRO A CD  1 
ATOM   586  N N   . LYS A 1 90 ? 7.246   -8.351  -2.988  1.00 22.29 ? 99  LYS A N   1 
ATOM   587  C CA  . LYS A 1 90 ? 8.379   -8.354  -2.076  1.00 24.07 ? 99  LYS A CA  1 
ATOM   588  C C   . LYS A 1 90 ? 8.085   -9.324  -0.935  1.00 28.16 ? 99  LYS A C   1 
ATOM   589  O O   . LYS A 1 90 ? 6.966   -9.370  -0.437  1.00 22.17 ? 99  LYS A O   1 
ATOM   590  C CB  . LYS A 1 90 ? 8.632   -6.948  -1.526  1.00 25.86 ? 99  LYS A CB  1 
ATOM   591  C CG  . LYS A 1 90 ? 8.894   -5.894  -2.588  0.00 23.92 ? 99  LYS A CG  1 
ATOM   592  C CD  . LYS A 1 90 ? 9.174   -4.541  -1.956  0.00 24.45 ? 99  LYS A CD  1 
ATOM   593  C CE  . LYS A 1 90 ? 9.318   -3.455  -3.010  0.00 24.34 ? 99  LYS A CE  1 
ATOM   594  N NZ  . LYS A 1 90 ? 10.430  -3.737  -3.957  0.00 24.51 ? 99  LYS A NZ  1 
ATOM   595  N N   . LYS A 1 91 ? 9.072   -10.119 -0.534  1.00 28.83 ? 100 LYS A N   1 
ATOM   596  C CA  . LYS A 1 91 ? 8.874   -10.970 0.631   1.00 30.35 ? 100 LYS A CA  1 
ATOM   597  C C   . LYS A 1 91 ? 8.828   -10.083 1.869   1.00 26.31 ? 100 LYS A C   1 
ATOM   598  O O   . LYS A 1 91 ? 9.528   -9.075  1.941   1.00 29.44 ? 100 LYS A O   1 
ATOM   599  C CB  . LYS A 1 91 ? 9.978   -12.029 0.752   1.00 32.89 ? 100 LYS A CB  1 
ATOM   600  C CG  . LYS A 1 91 ? 10.020  -13.009 -0.411  0.00 31.38 ? 100 LYS A CG  1 
ATOM   601  C CD  . LYS A 1 91 ? 10.540  -14.369 0.027   0.00 33.21 ? 100 LYS A CD  1 
ATOM   602  C CE  . LYS A 1 91 ? 11.932  -14.272 0.626   0.00 35.37 ? 100 LYS A CE  1 
ATOM   603  N NZ  . LYS A 1 91 ? 12.433  -15.603 1.069   0.00 36.11 ? 100 LYS A NZ  1 
ATOM   604  N N   . ILE A 1 92 ? 7.994   -10.448 2.836   1.00 21.81 ? 101 ILE A N   1 
ATOM   605  C CA  . ILE A 1 92 ? 7.895   -9.686  4.080   1.00 21.23 ? 101 ILE A CA  1 
ATOM   606  C C   . ILE A 1 92 ? 9.143   -9.853  4.944   1.00 29.49 ? 101 ILE A C   1 
ATOM   607  O O   . ILE A 1 92 ? 9.553   -10.982 5.209   1.00 27.06 ? 101 ILE A O   1 
ATOM   608  C CB  . ILE A 1 92 ? 6.652   -10.093 4.893   1.00 20.60 ? 101 ILE A CB  1 
ATOM   609  C CG1 . ILE A 1 92 ? 5.381   -9.691  4.139   1.00 17.22 ? 101 ILE A CG1 1 
ATOM   610  C CG2 . ILE A 1 92 ? 6.691   -9.445  6.285   1.00 20.91 ? 101 ILE A CG2 1 
ATOM   611  C CD1 . ILE A 1 92 ? 4.075   -10.191 4.729   1.00 15.67 ? 101 ILE A CD1 1 
ATOM   612  N N   . THR B 1 15 ? 6.081   19.564  -7.426  1.00 27.74 ? 24  THR B N   1 
ATOM   613  C CA  . THR B 1 15 ? 7.127   20.098  -6.564  1.00 23.61 ? 24  THR B CA  1 
ATOM   614  C C   . THR B 1 15 ? 7.451   19.140  -5.420  1.00 26.11 ? 24  THR B C   1 
ATOM   615  O O   . THR B 1 15 ? 6.607   18.340  -5.002  1.00 23.97 ? 24  THR B O   1 
ATOM   616  C CB  . THR B 1 15 ? 6.731   21.475  -5.980  1.00 24.15 ? 24  THR B CB  1 
ATOM   617  O OG1 . THR B 1 15 ? 7.788   21.984  -5.157  1.00 23.68 ? 24  THR B OG1 1 
ATOM   618  C CG2 . THR B 1 15 ? 5.471   21.355  -5.134  1.00 24.30 ? 24  THR B CG2 1 
ATOM   619  N N   . PHE B 1 16 ? 8.671   19.232  -4.903  1.00 23.34 ? 25  PHE B N   1 
ATOM   620  C CA  . PHE B 1 16 ? 9.095   18.360  -3.819  1.00 24.25 ? 25  PHE B CA  1 
ATOM   621  C C   . PHE B 1 16 ? 8.416   18.741  -2.513  1.00 23.72 ? 25  PHE B C   1 
ATOM   622  O O   . PHE B 1 16 ? 8.302   17.919  -1.603  1.00 24.02 ? 25  PHE B O   1 
ATOM   623  C CB  . PHE B 1 16 ? 10.622  18.385  -3.655  1.00 25.79 ? 25  PHE B CB  1 
ATOM   624  C CG  . PHE B 1 16 ? 11.168  19.657  -3.058  1.00 27.25 ? 25  PHE B CG  1 
ATOM   625  C CD1 . PHE B 1 16 ? 11.358  20.792  -3.839  1.00 26.40 ? 25  PHE B CD1 1 
ATOM   626  C CD2 . PHE B 1 16 ? 11.538  19.705  -1.718  1.00 28.94 ? 25  PHE B CD2 1 
ATOM   627  C CE1 . PHE B 1 16 ? 11.885  21.961  -3.288  1.00 27.38 ? 25  PHE B CE1 1 
ATOM   628  C CE2 . PHE B 1 16 ? 12.067  20.863  -1.165  1.00 25.65 ? 25  PHE B CE2 1 
ATOM   629  C CZ  . PHE B 1 16 ? 12.238  21.996  -1.948  1.00 27.34 ? 25  PHE B CZ  1 
ATOM   630  N N   . LYS B 1 17 ? 7.948   19.983  -2.432  1.00 21.74 ? 26  LYS B N   1 
ATOM   631  C CA  . LYS B 1 17 ? 7.375   20.496  -1.191  1.00 21.87 ? 26  LYS B CA  1 
ATOM   632  C C   . LYS B 1 17 ? 5.953   20.004  -0.961  1.00 21.30 ? 26  LYS B C   1 
ATOM   633  O O   . LYS B 1 17 ? 5.133   19.994  -1.878  1.00 23.37 ? 26  LYS B O   1 
ATOM   634  C CB  . LYS B 1 17 ? 7.396   22.027  -1.175  1.00 22.54 ? 26  LYS B CB  1 
ATOM   635  C CG  . LYS B 1 17 ? 8.793   22.626  -1.266  1.00 25.09 ? 26  LYS B CG  1 
ATOM   636  C CD  . LYS B 1 17 ? 8.776   24.143  -1.086  1.00 28.22 ? 26  LYS B CD  1 
ATOM   637  C CE  . LYS B 1 17 ? 8.158   24.843  -2.283  0.00 25.84 ? 26  LYS B CE  1 
ATOM   638  N NZ  . LYS B 1 17 ? 8.256   26.324  -2.160  0.00 25.92 ? 26  LYS B NZ  1 
ATOM   639  N N   . MET B 1 18 ? 5.666   19.623  0.279   1.00 18.33 ? 27  MET B N   1 
ATOM   640  C CA  . MET B 1 18 ? 4.309   19.253  0.668   1.00 19.62 ? 27  MET B CA  1 
ATOM   641  C C   . MET B 1 18 ? 3.547   20.529  0.999   1.00 22.70 ? 27  MET B C   1 
ATOM   642  O O   . MET B 1 18 ? 4.116   21.455  1.578   1.00 21.60 ? 27  MET B O   1 
ATOM   643  C CB  . MET B 1 18 ? 4.360   18.357  1.907   1.00 20.36 ? 27  MET B CB  1 
ATOM   644  C CG  . MET B 1 18 ? 5.002   17.008  1.670   1.00 23.89 ? 27  MET B CG  1 
ATOM   645  S SD  . MET B 1 18 ? 3.911   15.920  0.733   1.00 25.40 ? 27  MET B SD  1 
ATOM   646  C CE  . MET B 1 18 ? 5.002   14.517  0.452   1.00 24.46 ? 27  MET B CE  1 
ATOM   647  N N   . ASN B 1 19 ? 2.266   20.589  0.645   1.00 17.91 ? 28  ASN B N   1 
ATOM   648  C CA  . ASN B 1 19 ? 1.472   21.752  1.020   1.00 19.47 ? 28  ASN B CA  1 
ATOM   649  C C   . ASN B 1 19 ? 0.922   21.610  2.427   1.00 20.58 ? 28  ASN B C   1 
ATOM   650  O O   . ASN B 1 19 ? 1.138   20.595  3.084   1.00 17.87 ? 28  ASN B O   1 
ATOM   651  C CB  . ASN B 1 19 ? 0.381   22.080  -0.008  1.00 19.25 ? 28  ASN B CB  1 
ATOM   652  C CG  . ASN B 1 19 ? -0.665  20.996  -0.139  1.00 19.41 ? 28  ASN B CG  1 
ATOM   653  O OD1 . ASN B 1 19 ? -1.026  20.332  0.834   1.00 21.22 ? 28  ASN B OD1 1 
ATOM   654  N ND2 . ASN B 1 19 ? -1.179  20.829  -1.353  1.00 20.45 ? 28  ASN B ND2 1 
ATOM   655  N N   . THR B 1 20 ? 0.251   22.654  2.898   1.00 21.53 ? 29  THR B N   1 
ATOM   656  C CA  . THR B 1 20 ? -0.207  22.709  4.278   1.00 23.75 ? 29  THR B CA  1 
ATOM   657  C C   . THR B 1 20 ? -1.206  21.611  4.606   1.00 22.00 ? 29  THR B C   1 
ATOM   658  O O   . THR B 1 20 ? -1.144  21.006  5.682   1.00 22.43 ? 29  THR B O   1 
ATOM   659  C CB  . THR B 1 20 ? -0.783  24.092  4.588   1.00 27.89 ? 29  THR B CB  1 
ATOM   660  O OG1 . THR B 1 20 ? 0.239   25.067  4.360   1.00 28.87 ? 29  THR B OG1 1 
ATOM   661  C CG2 . THR B 1 20 ? -1.223  24.170  6.024   1.00 26.24 ? 29  THR B CG2 1 
ATOM   662  N N   . ALA B 1 21 ? -2.111  21.338  3.671   1.00 19.42 ? 30  ALA B N   1 
ATOM   663  C CA  . ALA B 1 21 ? -3.113  20.295  3.870   1.00 19.87 ? 30  ALA B CA  1 
ATOM   664  C C   . ALA B 1 21 ? -2.478  18.902  3.962   1.00 17.11 ? 30  ALA B C   1 
ATOM   665  O O   . ALA B 1 21 ? -2.894  18.077  4.782   1.00 17.45 ? 30  ALA B O   1 
ATOM   666  C CB  . ALA B 1 21 ? -4.133  20.336  2.764   1.00 20.85 ? 30  ALA B CB  1 
ATOM   667  N N   . GLN B 1 22 ? -1.494  18.650  3.101   1.00 17.64 ? 31  GLN B N   1 
ATOM   668  C CA  . GLN B 1 22 ? -0.774  17.380  3.109   1.00 16.15 ? 31  GLN B CA  1 
ATOM   669  C C   . GLN B 1 22 ? -0.021  17.220  4.416   1.00 18.39 ? 31  GLN B C   1 
ATOM   670  O O   . GLN B 1 22 ? -0.114  16.181  5.076   1.00 19.14 ? 31  GLN B O   1 
ATOM   671  C CB  . GLN B 1 22 ? 0.171   17.301  1.910   1.00 16.54 ? 31  GLN B CB  1 
ATOM   672  C CG  . GLN B 1 22 ? -0.583  17.251  0.568   1.00 17.79 ? 31  GLN B CG  1 
ATOM   673  C CD  . GLN B 1 22 ? 0.307   17.529  -0.641  1.00 18.24 ? 31  GLN B CD  1 
ATOM   674  O OE1 . GLN B 1 22 ? 1.344   18.195  -0.536  1.00 18.01 ? 31  GLN B OE1 1 
ATOM   675  N NE2 . GLN B 1 22 ? -0.101  17.016  -1.801  1.00 18.55 ? 31  GLN B NE2 1 
ATOM   676  N N   . LYS B 1 23 ? 0.710   18.253  4.823   1.00 17.06 ? 32  LYS B N   1 
ATOM   677  C CA  . LYS B 1 23 ? 1.481   18.156  6.059   1.00 17.06 ? 32  LYS B CA  1 
ATOM   678  C C   . LYS B 1 23 ? 0.600   17.940  7.286   1.00 19.00 ? 32  LYS B C   1 
ATOM   679  O O   . LYS B 1 23 ? 0.974   17.205  8.191   1.00 19.27 ? 32  LYS B O   1 
ATOM   680  C CB  . LYS B 1 23 ? 2.349   19.392  6.272   1.00 17.91 ? 32  LYS B CB  1 
ATOM   681  C CG  . LYS B 1 23 ? 3.464   19.553  5.273   1.00 19.45 ? 32  LYS B CG  1 
ATOM   682  C CD  . LYS B 1 23 ? 4.475   20.562  5.771   1.00 19.74 ? 32  LYS B CD  1 
ATOM   683  C CE  . LYS B 1 23 ? 5.565   20.798  4.751   1.00 22.91 ? 32  LYS B CE  1 
ATOM   684  N NZ  . LYS B 1 23 ? 6.580   21.746  5.270   1.00 26.09 ? 32  LYS B NZ  1 
ATOM   685  N N   . ALA B 1 24 ? -0.566  18.580  7.302   1.00 17.83 ? 33  ALA B N   1 
ATOM   686  C CA  . ALA B 1 24 ? -1.478  18.492  8.426   1.00 17.93 ? 33  ALA B CA  1 
ATOM   687  C C   . ALA B 1 24 ? -2.056  17.096  8.514   1.00 17.96 ? 33  ALA B C   1 
ATOM   688  O O   . ALA B 1 24 ? -2.153  16.519  9.592   1.00 17.94 ? 33  ALA B O   1 
ATOM   689  C CB  . ALA B 1 24 ? -2.609  19.517  8.278   1.00 19.47 ? 33  ALA B CB  1 
ATOM   690  N N   . HIS B 1 25 ? -2.427  16.556  7.363   1.00 18.81 ? 34  HIS B N   1 
ATOM   691  C CA  . HIS B 1 25 ? -3.020  15.225  7.306   1.00 19.41 ? 34  HIS B CA  1 
ATOM   692  C C   . HIS B 1 25 ? -2.025  14.163  7.760   1.00 18.08 ? 34  HIS B C   1 
ATOM   693  O O   . HIS B 1 25 ? -2.368  13.258  8.533   1.00 19.34 ? 34  HIS B O   1 
ATOM   694  C CB  . HIS B 1 25 ? -3.497  14.926  5.892   1.00 16.81 ? 34  HIS B CB  1 
ATOM   695  C CG  . HIS B 1 25 ? -4.246  13.632  5.780   1.00 19.97 ? 34  HIS B CG  1 
ATOM   696  N ND1 . HIS B 1 25 ? -3.702  12.502  5.206   1.00 21.14 ? 34  HIS B ND1 1 
ATOM   697  C CD2 . HIS B 1 25 ? -5.488  13.283  6.193   1.00 21.25 ? 34  HIS B CD2 1 
ATOM   698  C CE1 . HIS B 1 25 ? -4.588  11.520  5.250   1.00 19.32 ? 34  HIS B CE1 1 
ATOM   699  N NE2 . HIS B 1 25 ? -5.678  11.967  5.848   1.00 20.30 ? 34  HIS B NE2 1 
ATOM   700  N N   . TYR B 1 26 ? -0.786  14.278  7.287   1.00 18.49 ? 35  TYR B N   1 
ATOM   701  C CA  . TYR B 1 26 ? 0.260   13.335  7.661   1.00 16.56 ? 35  TYR B CA  1 
ATOM   702  C C   . TYR B 1 26 ? 0.598   13.424  9.146   1.00 19.89 ? 35  TYR B C   1 
ATOM   703  O O   . TYR B 1 26 ? 0.804   12.405  9.818   1.00 20.77 ? 35  TYR B O   1 
ATOM   704  C CB  . TYR B 1 26 ? 1.516   13.571  6.826   1.00 16.94 ? 35  TYR B CB  1 
ATOM   705  C CG  . TYR B 1 26 ? 2.688   12.660  7.163   1.00 15.47 ? 35  TYR B CG  1 
ATOM   706  C CD1 . TYR B 1 26 ? 2.638   11.301  6.877   1.00 18.12 ? 35  TYR B CD1 1 
ATOM   707  C CD2 . TYR B 1 26 ? 3.859   13.169  7.733   1.00 14.59 ? 35  TYR B CD2 1 
ATOM   708  C CE1 . TYR B 1 26 ? 3.709   10.467  7.169   1.00 16.68 ? 35  TYR B CE1 1 
ATOM   709  C CE2 . TYR B 1 26 ? 4.937   12.360  8.020   1.00 15.15 ? 35  TYR B CE2 1 
ATOM   710  C CZ  . TYR B 1 26 ? 4.857   10.997  7.740   1.00 15.08 ? 35  TYR B CZ  1 
ATOM   711  O OH  . TYR B 1 26 ? 5.934   10.186  8.023   1.00 17.08 ? 35  TYR B OH  1 
ATOM   712  N N   . GLU B 1 27 ? 0.648   14.646  9.666   1.00 18.15 ? 36  GLU B N   1 
ATOM   713  C CA  . GLU B 1 27 ? 0.831   14.839  11.106  1.00 20.94 ? 36  GLU B CA  1 
ATOM   714  C C   . GLU B 1 27 ? -0.261  14.149  11.908  1.00 21.83 ? 36  GLU B C   1 
ATOM   715  O O   . GLU B 1 27 ? 0.022   13.478  12.907  1.00 23.40 ? 36  GLU B O   1 
ATOM   716  C CB  . GLU B 1 27 ? 0.831   16.328  11.451  1.00 23.48 ? 36  GLU B CB  1 
ATOM   717  C CG  . GLU B 1 27 ? 2.093   17.048  11.069  1.00 29.58 ? 36  GLU B CG  1 
ATOM   718  C CD  . GLU B 1 27 ? 3.325   16.413  11.679  1.00 30.94 ? 36  GLU B CD  1 
ATOM   719  O OE1 . GLU B 1 27 ? 3.427   16.375  12.928  1.00 34.66 ? 36  GLU B OE1 1 
ATOM   720  O OE2 . GLU B 1 27 ? 4.187   15.951  10.903  1.00 30.85 ? 36  GLU B OE2 1 
ATOM   721  N N   . LYS B 1 28 ? -1.508  14.322  11.481  1.00 23.81 ? 37  LYS B N   1 
ATOM   722  C CA  . LYS B 1 28 ? -2.636  13.736  12.199  1.00 25.65 ? 37  LYS B CA  1 
ATOM   723  C C   . LYS B 1 28 ? -2.500  12.228  12.228  1.00 25.51 ? 37  LYS B C   1 
ATOM   724  O O   . LYS B 1 28 ? -2.746  11.593  13.253  1.00 23.69 ? 37  LYS B O   1 
ATOM   725  C CB  . LYS B 1 28 ? -3.966  14.116  11.549  1.00 24.37 ? 37  LYS B CB  1 
ATOM   726  C CG  . LYS B 1 28 ? -5.174  13.517  12.255  0.00 24.12 ? 37  LYS B CG  1 
ATOM   727  C CD  . LYS B 1 28 ? -6.421  13.568  11.390  0.00 24.36 ? 37  LYS B CD  1 
ATOM   728  C CE  . LYS B 1 28 ? -7.585  12.865  12.072  0.00 24.92 ? 37  LYS B CE  1 
ATOM   729  N NZ  . LYS B 1 28 ? -8.779  12.765  11.189  0.00 25.21 ? 37  LYS B NZ  1 
ATOM   730  N N   . PHE B 1 29 ? -2.100  11.670  11.091  1.00 19.81 ? 38  PHE B N   1 
ATOM   731  C CA  . PHE B 1 29 ? -1.905  10.226  10.960  1.00 22.76 ? 38  PHE B CA  1 
ATOM   732  C C   . PHE B 1 29 ? -0.843  9.722   11.928  1.00 22.00 ? 38  PHE B C   1 
ATOM   733  O O   . PHE B 1 29 ? -1.082  8.780   12.689  1.00 22.09 ? 38  PHE B O   1 
ATOM   734  C CB  . PHE B 1 29 ? -1.542  9.878   9.506   1.00 19.75 ? 38  PHE B CB  1 
ATOM   735  C CG  . PHE B 1 29 ? -0.853  8.549   9.338   1.00 21.12 ? 38  PHE B CG  1 
ATOM   736  C CD1 . PHE B 1 29 ? -1.567  7.363   9.409   1.00 22.94 ? 38  PHE B CD1 1 
ATOM   737  C CD2 . PHE B 1 29 ? 0.510   8.493   9.073   1.00 22.83 ? 38  PHE B CD2 1 
ATOM   738  C CE1 . PHE B 1 29 ? -0.922  6.134   9.242   1.00 23.23 ? 38  PHE B CE1 1 
ATOM   739  C CE2 . PHE B 1 29 ? 1.156   7.274   8.897   1.00 21.90 ? 38  PHE B CE2 1 
ATOM   740  C CZ  . PHE B 1 29 ? 0.437   6.095   8.988   1.00 21.57 ? 38  PHE B CZ  1 
ATOM   741  N N   . ILE B 1 30 ? 0.329   10.349  11.912  1.00 17.28 ? 39  ILE B N   1 
ATOM   742  C CA  . ILE B 1 30 ? 1.416   9.906   12.772  1.00 19.59 ? 39  ILE B CA  1 
ATOM   743  C C   . ILE B 1 30 ? 0.999   10.012  14.246  1.00 21.28 ? 39  ILE B C   1 
ATOM   744  O O   . ILE B 1 30 ? 1.207   9.091   15.030  1.00 21.42 ? 39  ILE B O   1 
ATOM   745  C CB  . ILE B 1 30 ? 2.716   10.706  12.513  1.00 20.65 ? 39  ILE B CB  1 
ATOM   746  C CG1 . ILE B 1 30 ? 3.235   10.433  11.095  1.00 17.85 ? 39  ILE B CG1 1 
ATOM   747  C CG2 . ILE B 1 30 ? 3.789   10.371  13.553  1.00 22.90 ? 39  ILE B CG2 1 
ATOM   748  C CD1 . ILE B 1 30 ? 3.948   9.086   10.934  1.00 17.96 ? 39  ILE B CD1 1 
ATOM   749  N N   . ASN B 1 31 ? 0.395   11.137  14.615  1.00 25.58 ? 40  ASN B N   1 
ATOM   750  C CA  . ASN B 1 31 ? -0.044  11.327  15.999  1.00 26.38 ? 40  ASN B CA  1 
ATOM   751  C C   . ASN B 1 31 ? -1.067  10.282  16.453  1.00 24.88 ? 40  ASN B C   1 
ATOM   752  O O   . ASN B 1 31 ? -0.949  9.706   17.543  1.00 25.90 ? 40  ASN B O   1 
ATOM   753  C CB  . ASN B 1 31 ? -0.607  12.739  16.196  1.00 29.03 ? 40  ASN B CB  1 
ATOM   754  C CG  . ASN B 1 31 ? 0.477   13.804  16.165  1.00 33.47 ? 40  ASN B CG  1 
ATOM   755  O OD1 . ASN B 1 31 ? 1.648   13.519  16.419  1.00 37.34 ? 40  ASN B OD1 1 
ATOM   756  N ND2 . ASN B 1 31 ? 0.090   15.040  15.852  1.00 37.95 ? 40  ASN B ND2 1 
ATOM   757  N N   . ALA B 1 32 ? -2.064  10.040  15.613  1.00 25.03 ? 41  ALA B N   1 
ATOM   758  C CA  . ALA B 1 32 ? -3.130  9.102   15.945  1.00 25.01 ? 41  ALA B CA  1 
ATOM   759  C C   . ALA B 1 32 ? -2.597  7.674   16.048  1.00 26.68 ? 41  ALA B C   1 
ATOM   760  O O   . ALA B 1 32 ? -2.984  6.919   16.939  1.00 26.76 ? 41  ALA B O   1 
ATOM   761  C CB  . ALA B 1 32 ? -4.256  9.191   14.920  1.00 26.26 ? 41  ALA B CB  1 
ATOM   762  N N   . LEU B 1 33 ? -1.706  7.312   15.159  1.00 23.14 ? 42  LEU B N   1 
ATOM   763  C CA  . LEU B 1 33 ? -1.067  6.018   15.223  1.00 19.78 ? 42  LEU B CA  1 
ATOM   764  C C   . LEU B 1 33 ? -0.222  5.845   16.450  1.00 22.57 ? 42  LEU B C   1 
ATOM   765  O O   . LEU B 1 33 ? -0.279  4.842   17.100  1.00 21.34 ? 42  LEU B O   1 
ATOM   766  C CB  . LEU B 1 33 ? -0.152  5.844   14.031  1.00 20.25 ? 42  LEU B CB  1 
ATOM   767  C CG  . LEU B 1 33 ? 0.443   4.499   13.750  1.00 19.00 ? 42  LEU B CG  1 
ATOM   768  C CD1 . LEU B 1 33 ? -0.559  3.417   13.999  1.00 19.79 ? 42  LEU B CD1 1 
ATOM   769  C CD2 . LEU B 1 33 ? 0.821   4.561   12.330  1.00 17.55 ? 42  LEU B CD2 1 
ATOM   770  N N   . GLU B 1 34 ? 0.598   6.829   16.726  1.00 21.36 ? 43  GLU B N   1 
ATOM   771  C CA  . GLU B 1 34 ? 1.408   6.770   17.938  1.00 24.41 ? 43  GLU B CA  1 
ATOM   772  C C   . GLU B 1 34 ? 0.523   6.623   19.173  1.00 23.71 ? 43  GLU B C   1 
ATOM   773  O O   . GLU B 1 34 ? 0.853   5.886   20.097  1.00 23.31 ? 43  GLU B O   1 
ATOM   774  C CB  . GLU B 1 34 ? 2.281   8.016   18.090  1.00 23.13 ? 43  GLU B CB  1 
ATOM   775  C CG  . GLU B 1 34 ? 3.173   7.953   19.322  1.00 23.34 ? 43  GLU B CG  1 
ATOM   776  C CD  . GLU B 1 34 ? 3.967   9.234   19.556  1.00 25.14 ? 43  GLU B CD  1 
ATOM   777  O OE1 . GLU B 1 34 ? 3.373   10.327  19.474  1.00 27.02 ? 43  GLU B OE1 1 
ATOM   778  O OE2 . GLU B 1 34 ? 5.181   9.138   19.811  1.00 27.35 ? 43  GLU B OE2 1 
ATOM   779  N N   . ASN B 1 35 ? -0.593  7.341   19.185  1.00 26.25 ? 44  ASN B N   1 
ATOM   780  C CA  . ASN B 1 35 ? -1.520  7.288   20.310  1.00 25.55 ? 44  ASN B CA  1 
ATOM   781  C C   . ASN B 1 35 ? -2.067  5.875   20.473  1.00 28.85 ? 44  ASN B C   1 
ATOM   782  O O   . ASN B 1 35 ? -2.141  5.347   21.583  1.00 29.33 ? 44  ASN B O   1 
ATOM   783  C CB  . ASN B 1 35 ? -2.661  8.283   20.101  1.00 29.91 ? 44  ASN B CB  1 
ATOM   784  C CG  . ASN B 1 35 ? -3.605  8.350   21.290  1.00 40.31 ? 44  ASN B CG  1 
ATOM   785  O OD1 . ASN B 1 35 ? -3.326  9.026   22.283  1.00 43.65 ? 44  ASN B OD1 1 
ATOM   786  N ND2 . ASN B 1 35 ? -4.737  7.656   21.188  1.00 42.02 ? 44  ASN B ND2 1 
ATOM   787  N N   . GLU B 1 36 ? -2.434  5.261   19.355  1.00 30.98 ? 45  GLU B N   1 
ATOM   788  C CA  . GLU B 1 36 ? -2.943  3.890   19.349  1.00 32.09 ? 45  GLU B CA  1 
ATOM   789  C C   . GLU B 1 36 ? -1.927  2.880   19.867  1.00 31.24 ? 45  GLU B C   1 
ATOM   790  O O   . GLU B 1 36 ? -2.262  1.980   20.645  1.00 31.78 ? 45  GLU B O   1 
ATOM   791  C CB  . GLU B 1 36 ? -3.375  3.501   17.935  1.00 32.93 ? 45  GLU B CB  1 
ATOM   792  C CG  . GLU B 1 36 ? -4.789  3.897   17.620  1.00 38.06 ? 45  GLU B CG  1 
ATOM   793  C CD  . GLU B 1 36 ? -5.763  3.288   18.611  1.00 41.47 ? 45  GLU B CD  1 
ATOM   794  O OE1 . GLU B 1 36 ? -5.867  2.042   18.653  1.00 43.57 ? 45  GLU B OE1 1 
ATOM   795  O OE2 . GLU B 1 36 ? -6.407  4.057   19.355  1.00 50.88 ? 45  GLU B OE2 1 
ATOM   796  N N   . LEU B 1 37 ? -0.686  3.030   19.420  1.00 21.89 ? 46  LEU B N   1 
ATOM   797  C CA  . LEU B 1 37 ? 0.405   2.153   19.816  1.00 21.65 ? 46  LEU B CA  1 
ATOM   798  C C   . LEU B 1 37 ? 0.762   2.295   21.298  1.00 25.25 ? 46  LEU B C   1 
ATOM   799  O O   . LEU B 1 37 ? 1.427   1.432   21.860  1.00 24.37 ? 46  LEU B O   1 
ATOM   800  C CB  . LEU B 1 37 ? 1.627   2.406   18.930  1.00 20.99 ? 46  LEU B CB  1 
ATOM   801  C CG  . LEU B 1 37 ? 1.358   1.936   17.499  1.00 17.66 ? 46  LEU B CG  1 
ATOM   802  C CD1 . LEU B 1 37 ? 2.301   2.592   16.490  1.00 20.49 ? 46  LEU B CD1 1 
ATOM   803  C CD2 . LEU B 1 37 ? 1.466   0.417   17.440  1.00 19.98 ? 46  LEU B CD2 1 
ATOM   804  N N   . LYS B 1 38 ? 0.314   3.380   21.926  1.00 32.35 ? 47  LYS B N   1 
ATOM   805  C CA  . LYS B 1 38 ? 0.517   3.550   23.362  1.00 33.14 ? 47  LYS B CA  1 
ATOM   806  C C   . LYS B 1 38 ? -0.204  2.438   24.107  1.00 36.28 ? 47  LYS B C   1 
ATOM   807  O O   . LYS B 1 38 ? 0.214   2.017   25.188  1.00 39.95 ? 47  LYS B O   1 
ATOM   808  C CB  . LYS B 1 38 ? 0.000   4.911   23.830  1.00 32.91 ? 47  LYS B CB  1 
ATOM   809  C CG  . LYS B 1 38 ? 0.794   6.098   23.314  0.00 32.19 ? 47  LYS B CG  1 
ATOM   810  C CD  . LYS B 1 38 ? 0.268   7.400   23.897  0.00 33.29 ? 47  LYS B CD  1 
ATOM   811  C CE  . LYS B 1 38 ? 1.096   8.591   23.442  0.00 33.19 ? 47  LYS B CE  1 
ATOM   812  N NZ  . LYS B 1 38 ? 0.597   9.867   24.025  0.00 35.52 ? 47  LYS B NZ  1 
ATOM   813  N N   . THR B 1 39 ? -1.282  1.952   23.506  1.00 29.29 ? 48  THR B N   1 
ATOM   814  C CA  . THR B 1 39 ? -2.145  0.965   24.139  1.00 29.81 ? 48  THR B CA  1 
ATOM   815  C C   . THR B 1 39 ? -1.862  -0.479  23.725  1.00 32.87 ? 48  THR B C   1 
ATOM   816  O O   . THR B 1 39 ? -2.021  -1.384  24.534  1.00 30.56 ? 48  THR B O   1 
ATOM   817  C CB  . THR B 1 39 ? -3.626  1.269   23.852  1.00 29.70 ? 48  THR B CB  1 
ATOM   818  O OG1 . THR B 1 39 ? -3.926  0.950   22.488  1.00 34.56 ? 48  THR B OG1 1 
ATOM   819  C CG2 . THR B 1 39 ? -3.917  2.736   24.093  1.00 34.97 ? 48  THR B CG2 1 
ATOM   820  N N   . ARG B 1 40 ? -1.459  -0.703  22.473  1.00 30.85 ? 49  ARG B N   1 
ATOM   821  C CA  . ARG B 1 40 ? -1.384  -2.073  21.963  1.00 31.22 ? 49  ARG B CA  1 
ATOM   822  C C   . ARG B 1 40 ? -0.461  -2.272  20.759  1.00 27.32 ? 49  ARG B C   1 
ATOM   823  O O   . ARG B 1 40 ? -0.071  -1.318  20.097  1.00 26.40 ? 49  ARG B O   1 
ATOM   824  C CB  . ARG B 1 40 ? -2.782  -2.543  21.567  1.00 33.77 ? 49  ARG B CB  1 
ATOM   825  C CG  . ARG B 1 40 ? -3.350  -1.759  20.399  1.00 33.38 ? 49  ARG B CG  1 
ATOM   826  C CD  . ARG B 1 40 ? -4.810  -2.079  20.164  1.00 37.24 ? 49  ARG B CD  1 
ATOM   827  N NE  . ARG B 1 40 ? -5.342  -1.369  19.008  1.00 40.48 ? 49  ARG B NE  1 
ATOM   828  C CZ  . ARG B 1 40 ? -5.428  -1.892  17.789  1.00 36.65 ? 49  ARG B CZ  1 
ATOM   829  N NH1 . ARG B 1 40 ? -5.019  -3.133  17.574  1.00 34.18 ? 49  ARG B NH1 1 
ATOM   830  N NH2 . ARG B 1 40 ? -5.928  -1.177  16.788  1.00 39.52 ? 49  ARG B NH2 1 
ATOM   831  N N   . HIS B 1 41 ? -0.141  -3.542  20.513  1.00 27.63 ? 50  HIS B N   1 
ATOM   832  C CA  . HIS B 1 41 ? 0.564   -4.024  19.322  1.00 26.11 ? 50  HIS B CA  1 
ATOM   833  C C   . HIS B 1 41 ? -0.457  -4.021  18.188  1.00 26.14 ? 50  HIS B C   1 
ATOM   834  O O   . HIS B 1 41 ? -1.593  -4.439  18.385  1.00 24.14 ? 50  HIS B O   1 
ATOM   835  C CB  . HIS B 1 41 ? 1.025   -5.460  19.616  1.00 22.93 ? 50  HIS B CB  1 
ATOM   836  C CG  . HIS B 1 41 ? 1.912   -6.072  18.577  1.00 19.94 ? 50  HIS B CG  1 
ATOM   837  N ND1 . HIS B 1 41 ? 1.426   -6.610  17.404  1.00 24.87 ? 50  HIS B ND1 1 
ATOM   838  C CD2 . HIS B 1 41 ? 3.244   -6.311  18.575  1.00 19.82 ? 50  HIS B CD2 1 
ATOM   839  C CE1 . HIS B 1 41 ? 2.426   -7.118  16.706  1.00 21.81 ? 50  HIS B CE1 1 
ATOM   840  N NE2 . HIS B 1 41 ? 3.542   -6.946  17.392  1.00 26.81 ? 50  HIS B NE2 1 
ATOM   841  N N   . ILE B 1 42 ? -0.078  -3.535  17.002  1.00 18.50 ? 51  ILE B N   1 
ATOM   842  C CA  . ILE B 1 42 ? -1.006  -3.507  15.871  1.00 22.25 ? 51  ILE B CA  1 
ATOM   843  C C   . ILE B 1 42 ? -0.548  -4.561  14.877  1.00 20.59 ? 51  ILE B C   1 
ATOM   844  O O   . ILE B 1 42 ? 0.550   -4.474  14.351  1.00 18.29 ? 51  ILE B O   1 
ATOM   845  C CB  . ILE B 1 42 ? -1.059  -2.114  15.182  1.00 20.34 ? 51  ILE B CB  1 
ATOM   846  C CG1 . ILE B 1 42 ? -1.562  -1.044  16.159  1.00 22.91 ? 51  ILE B CG1 1 
ATOM   847  C CG2 . ILE B 1 42 ? -1.972  -2.161  13.984  1.00 18.30 ? 51  ILE B CG2 1 
ATOM   848  C CD1 . ILE B 1 42 ? -1.559  0.368   15.587  1.00 23.11 ? 51  ILE B CD1 1 
ATOM   849  N N   . PRO B 1 43 ? -1.364  -5.600  14.658  1.00 18.91 ? 52  PRO B N   1 
ATOM   850  C CA  . PRO B 1 43 ? -0.888  -6.687  13.794  1.00 17.30 ? 52  PRO B CA  1 
ATOM   851  C C   . PRO B 1 43 ? -0.945  -6.315  12.318  1.00 15.47 ? 52  PRO B C   1 
ATOM   852  O O   . PRO B 1 43 ? -1.609  -5.328  11.950  1.00 15.97 ? 52  PRO B O   1 
ATOM   853  C CB  . PRO B 1 43 ? -1.830  -7.855  14.120  1.00 17.73 ? 52  PRO B CB  1 
ATOM   854  C CG  . PRO B 1 43 ? -3.039  -7.203  14.713  1.00 17.09 ? 52  PRO B CG  1 
ATOM   855  C CD  . PRO B 1 43 ? -2.642  -5.900  15.315  1.00 18.69 ? 52  PRO B CD  1 
ATOM   856  N N   . ALA B 1 44 ? -0.235  -7.093  11.510  1.00 17.37 ? 53  ALA B N   1 
ATOM   857  C CA  . ALA B 1 44 ? 0.010   -6.746  10.106  1.00 16.29 ? 53  ALA B CA  1 
ATOM   858  C C   . ALA B 1 44 ? -1.234  -6.469  9.260   1.00 17.50 ? 53  ALA B C   1 
ATOM   859  O O   . ALA B 1 44 ? -1.247  -5.530  8.456   1.00 15.23 ? 53  ALA B O   1 
ATOM   860  C CB  . ALA B 1 44 ? 0.907   -7.792  9.439   1.00 18.13 ? 53  ALA B CB  1 
ATOM   861  N N   . GLY B 1 45 ? -2.289  -7.267  9.426   1.00 16.20 ? 54  GLY B N   1 
ATOM   862  C CA  . GLY B 1 45 ? -3.484  -7.055  8.631   1.00 16.24 ? 54  GLY B CA  1 
ATOM   863  C C   . GLY B 1 45 ? -4.159  -5.732  8.978   1.00 15.65 ? 54  GLY B C   1 
ATOM   864  O O   . GLY B 1 45 ? -4.811  -5.114  8.138   1.00 17.07 ? 54  GLY B O   1 
ATOM   865  N N   . ALA B 1 46 ? -4.003  -5.289  10.229  1.00 16.47 ? 55  ALA B N   1 
ATOM   866  C CA  . ALA B 1 46 ? -4.657  -4.060  10.687  1.00 16.27 ? 55  ALA B CA  1 
ATOM   867  C C   . ALA B 1 46 ? -3.911  -2.891  10.106  1.00 18.07 ? 55  ALA B C   1 
ATOM   868  O O   . ALA B 1 46 ? -4.502  -1.861  9.795   1.00 18.85 ? 55  ALA B O   1 
ATOM   869  C CB  . ALA B 1 46 ? -4.660  -3.973  12.222  1.00 16.24 ? 55  ALA B CB  1 
ATOM   870  N N   . VAL B 1 47 ? -2.600  -3.062  9.981   1.00 15.91 ? 56  VAL B N   1 
ATOM   871  C CA  . VAL B 1 47 ? -1.765  -2.028  9.384   1.00 15.29 ? 56  VAL B CA  1 
ATOM   872  C C   . VAL B 1 47 ? -2.174  -1.859  7.916   1.00 16.85 ? 56  VAL B C   1 
ATOM   873  O O   . VAL B 1 47 ? -2.325  -0.729  7.414   1.00 15.23 ? 56  VAL B O   1 
ATOM   874  C CB  . VAL B 1 47 ? -0.269  -2.387  9.494   1.00 14.38 ? 56  VAL B CB  1 
ATOM   875  C CG1 . VAL B 1 47 ? 0.595   -1.381  8.706   1.00 19.54 ? 56  VAL B CG1 1 
ATOM   876  C CG2 . VAL B 1 47 ? 0.169   -2.421  10.967  1.00 15.80 ? 56  VAL B CG2 1 
ATOM   877  N N   . ILE B 1 48 ? -2.385  -2.983  7.235   1.00 16.19 ? 57  ILE B N   1 
ATOM   878  C CA  . ILE B 1 48 ? -2.834  -2.948  5.837   1.00 15.39 ? 57  ILE B CA  1 
ATOM   879  C C   . ILE B 1 48 ? -4.157  -2.196  5.698   1.00 19.81 ? 57  ILE B C   1 
ATOM   880  O O   . ILE B 1 48 ? -4.310  -1.336  4.829   1.00 17.51 ? 57  ILE B O   1 
ATOM   881  C CB  . ILE B 1 48 ? -2.962  -4.365  5.256   1.00 15.66 ? 57  ILE B CB  1 
ATOM   882  C CG1 . ILE B 1 48 ? -1.565  -4.985  5.128   1.00 16.21 ? 57  ILE B CG1 1 
ATOM   883  C CG2 . ILE B 1 48 ? -3.712  -4.330  3.911   1.00 18.00 ? 57  ILE B CG2 1 
ATOM   884  C CD1 . ILE B 1 48 ? -1.541  -6.484  4.831   1.00 17.56 ? 57  ILE B CD1 1 
ATOM   885  N N   . ASP B 1 49 ? -5.119  -2.530  6.549   1.00 17.20 ? 58  ASP B N   1 
ATOM   886  C CA  . ASP B 1 49 ? -6.399  -1.843  6.527   1.00 18.94 ? 58  ASP B CA  1 
ATOM   887  C C   . ASP B 1 49 ? -6.280  -0.356  6.880   1.00 21.09 ? 58  ASP B C   1 
ATOM   888  O O   . ASP B 1 49 ? -6.976  0.480   6.306   1.00 18.62 ? 58  ASP B O   1 
ATOM   889  C CB  . ASP B 1 49 ? -7.378  -2.533  7.471   1.00 21.73 ? 58  ASP B CB  1 
ATOM   890  C CG  . ASP B 1 49 ? -8.780  -2.011  7.318   1.00 28.51 ? 58  ASP B CG  1 
ATOM   891  O OD1 . ASP B 1 49 ? -9.431  -2.356  6.310   1.00 34.27 ? 58  ASP B OD1 1 
ATOM   892  O OD2 . ASP B 1 49 ? -9.221  -1.237  8.193   1.00 35.76 ? 58  ASP B OD2 1 
ATOM   893  N N   . MET B 1 50 ? -5.405  -0.041  7.830   1.00 18.76 ? 59  MET B N   1 
ATOM   894  C CA  . MET B 1 50 ? -5.191  1.335   8.252   1.00 19.87 ? 59  MET B CA  1 
ATOM   895  C C   . MET B 1 50 ? -4.637  2.142   7.095   1.00 19.98 ? 59  MET B C   1 
ATOM   896  O O   . MET B 1 50 ? -5.060  3.274   6.868   1.00 20.48 ? 59  MET B O   1 
ATOM   897  C CB  . MET B 1 50 ? -4.209  1.400   9.411   1.00 19.39 ? 59  MET B CB  1 
ATOM   898  C CG  . MET B 1 50 ? -3.632  2.795   9.656   1.00 27.56 ? 59  MET B CG  1 
ATOM   899  S SD  . MET B 1 50 ? -2.134  2.682   10.666  1.00 34.00 ? 59  MET B SD  1 
ATOM   900  C CE  . MET B 1 50 ? -0.940  2.084   9.473   1.00 26.24 ? 59  MET B CE  1 
ATOM   901  N N   . LEU B 1 51 ? -3.694  1.545   6.372   1.00 21.21 ? 60  LEU B N   1 
ATOM   902  C CA  . LEU B 1 51 ? -3.065  2.210   5.233   1.00 23.69 ? 60  LEU B CA  1 
ATOM   903  C C   . LEU B 1 51 ? -4.080  2.477   4.134   1.00 22.30 ? 60  LEU B C   1 
ATOM   904  O O   . LEU B 1 51 ? -4.082  3.551   3.529   1.00 20.67 ? 60  LEU B O   1 
ATOM   905  C CB  . LEU B 1 51 ? -1.908  1.373   4.674   1.00 22.89 ? 60  LEU B CB  1 
ATOM   906  C CG  . LEU B 1 51 ? -0.580  1.454   5.428   1.00 24.76 ? 60  LEU B CG  1 
ATOM   907  C CD1 . LEU B 1 51 ? 0.337   0.313   5.002   1.00 23.09 ? 60  LEU B CD1 1 
ATOM   908  C CD2 . LEU B 1 51 ? 0.082   2.806   5.198   1.00 27.61 ? 60  LEU B CD2 1 
ATOM   909  N N   . ALA B 1 52 ? -4.942  1.500   3.865   1.00 18.78 ? 61  ALA B N   1 
ATOM   910  C CA  . ALA B 1 52 ? -5.979  1.697   2.868   1.00 19.26 ? 61  ALA B CA  1 
ATOM   911  C C   . ALA B 1 52 ? -6.852  2.889   3.245   1.00 16.30 ? 61  ALA B C   1 
ATOM   912  O O   . ALA B 1 52 ? -7.185  3.714   2.398   1.00 18.77 ? 61  ALA B O   1 
ATOM   913  C CB  . ALA B 1 52 ? -6.828  0.432   2.690   1.00 18.97 ? 61  ALA B CB  1 
ATOM   914  N N   . GLU B 1 53 ? -7.208  2.984   4.526   1.00 15.04 ? 62  GLU B N   1 
ATOM   915  C CA  . GLU B 1 53 ? -8.083  4.058   4.984   1.00 17.51 ? 62  GLU B CA  1 
ATOM   916  C C   . GLU B 1 53 ? -7.425  5.434   4.883   1.00 18.08 ? 62  GLU B C   1 
ATOM   917  O O   . GLU B 1 53 ? -8.031  6.377   4.384   1.00 18.53 ? 62  GLU B O   1 
ATOM   918  C CB  . GLU B 1 53 ? -8.578  3.802   6.406   1.00 21.31 ? 62  GLU B CB  1 
ATOM   919  C CG  . GLU B 1 53 ? -9.562  4.854   6.883   1.00 29.31 ? 62  GLU B CG  1 
ATOM   920  C CD  . GLU B 1 53 ? -10.405 4.386   8.060   1.00 43.83 ? 62  GLU B CD  1 
ATOM   921  O OE1 . GLU B 1 53 ? -10.393 3.171   8.369   1.00 41.10 ? 62  GLU B OE1 1 
ATOM   922  O OE2 . GLU B 1 53 ? -11.084 5.241   8.671   1.00 46.45 ? 62  GLU B OE2 1 
ATOM   923  N N   . ILE B 1 54 ? -6.184  5.536   5.340   1.00 17.30 ? 63  ILE B N   1 
ATOM   924  C CA  . ILE B 1 54 ? -5.480  6.811   5.318   1.00 18.05 ? 63  ILE B CA  1 
ATOM   925  C C   . ILE B 1 54 ? -5.134  7.203   3.885   1.00 17.33 ? 63  ILE B C   1 
ATOM   926  O O   . ILE B 1 54 ? -5.186  8.374   3.532   1.00 18.09 ? 63  ILE B O   1 
ATOM   927  C CB  . ILE B 1 54 ? -4.207  6.800   6.195   1.00 20.38 ? 63  ILE B CB  1 
ATOM   928  C CG1 . ILE B 1 54 ? -3.791  8.236   6.545   1.00 21.19 ? 63  ILE B CG1 1 
ATOM   929  C CG2 . ILE B 1 54 ? -3.052  6.066   5.507   1.00 21.24 ? 63  ILE B CG2 1 
ATOM   930  C CD1 . ILE B 1 54 ? -4.794  8.942   7.421   1.00 20.20 ? 63  ILE B CD1 1 
ATOM   931  N N   . ASN B 1 55 ? -4.800  6.227   3.046   1.00 14.63 ? 64  ASN B N   1 
ATOM   932  C CA  . ASN B 1 55 ? -4.487  6.549   1.654   1.00 14.28 ? 64  ASN B CA  1 
ATOM   933  C C   . ASN B 1 55 ? -5.696  6.931   0.810   1.00 16.61 ? 64  ASN B C   1 
ATOM   934  O O   . ASN B 1 55 ? -5.553  7.639   -0.185  1.00 16.84 ? 64  ASN B O   1 
ATOM   935  C CB  . ASN B 1 55 ? -3.667  5.432   1.000   1.00 15.24 ? 64  ASN B CB  1 
ATOM   936  C CG  . ASN B 1 55 ? -2.200  5.564   1.316   1.00 16.87 ? 64  ASN B CG  1 
ATOM   937  O OD1 . ASN B 1 55 ? -1.689  6.683   1.411   1.00 17.14 ? 64  ASN B OD1 1 
ATOM   938  N ND2 . ASN B 1 55 ? -1.518  4.440   1.517   1.00 15.47 ? 64  ASN B ND2 1 
ATOM   939  N N   . THR B 1 56 ? -6.874  6.448   1.191   1.00 18.35 ? 65  THR B N   1 
ATOM   940  C CA  . THR B 1 56 ? -8.105  6.908   0.553   1.00 18.39 ? 65  THR B CA  1 
ATOM   941  C C   . THR B 1 56 ? -8.256  8.409   0.834   1.00 18.33 ? 65  THR B C   1 
ATOM   942  O O   . THR B 1 56 ? -8.576  9.205   -0.067  1.00 20.52 ? 65  THR B O   1 
ATOM   943  C CB  . THR B 1 56 ? -9.328  6.107   1.052   1.00 19.43 ? 65  THR B CB  1 
ATOM   944  O OG1 . THR B 1 56 ? -9.201  4.747   0.608   1.00 21.71 ? 65  THR B OG1 1 
ATOM   945  C CG2 . THR B 1 56 ? -10.629 6.686   0.492   1.00 21.86 ? 65  THR B CG2 1 
ATOM   946  N N   . GLU B 1 57 ? -7.982  8.794   2.075   1.00 15.42 ? 66  GLU B N   1 
ATOM   947  C CA  . GLU B 1 57 ? -8.054  10.204  2.461   1.00 17.03 ? 66  GLU B CA  1 
ATOM   948  C C   . GLU B 1 57 ? -6.947  11.003  1.798   1.00 17.69 ? 66  GLU B C   1 
ATOM   949  O O   . GLU B 1 57 ? -7.179  12.086  1.261   1.00 20.27 ? 66  GLU B O   1 
ATOM   950  C CB  . GLU B 1 57 ? -7.932  10.354  3.974   1.00 19.34 ? 66  GLU B CB  1 
ATOM   951  C CG  . GLU B 1 57 ? -9.075  9.716   4.724   1.00 18.54 ? 66  GLU B CG  1 
ATOM   952  C CD  . GLU B 1 57 ? -9.065  10.031  6.196   1.00 29.54 ? 66  GLU B CD  1 
ATOM   953  O OE1 . GLU B 1 57 ? -8.076  10.620  6.688   1.00 26.46 ? 66  GLU B OE1 1 
ATOM   954  O OE2 . GLU B 1 57 ? -10.060 9.682   6.860   1.00 28.11 ? 66  GLU B OE2 1 
ATOM   955  N N   . ALA B 1 58 ? -5.733  10.473  1.857   1.00 17.18 ? 67  ALA B N   1 
ATOM   956  C CA  . ALA B 1 58 ? -4.569  11.153  1.287   1.00 15.54 ? 67  ALA B CA  1 
ATOM   957  C C   . ALA B 1 58 ? -4.720  11.376  -0.226  1.00 17.46 ? 67  ALA B C   1 
ATOM   958  O O   . ALA B 1 58 ? -4.285  12.396  -0.761  1.00 16.90 ? 67  ALA B O   1 
ATOM   959  C CB  . ALA B 1 58 ? -3.291  10.381  1.600   1.00 16.24 ? 67  ALA B CB  1 
ATOM   960  N N   . LEU B 1 59 ? -5.358  10.434  -0.914  1.00 17.56 ? 68  LEU B N   1 
ATOM   961  C CA  . LEU B 1 59 ? -5.596  10.586  -2.343  1.00 16.88 ? 68  LEU B CA  1 
ATOM   962  C C   . LEU B 1 59 ? -6.305  11.901  -2.661  1.00 17.94 ? 68  LEU B C   1 
ATOM   963  O O   . LEU B 1 59 ? -5.952  12.593  -3.620  1.00 18.27 ? 68  LEU B O   1 
ATOM   964  C CB  . LEU B 1 59 ? -6.414  9.401   -2.868  1.00 18.24 ? 68  LEU B CB  1 
ATOM   965  C CG  . LEU B 1 59 ? -6.956  9.474   -4.291  1.00 17.71 ? 68  LEU B CG  1 
ATOM   966  C CD1 . LEU B 1 59 ? -5.822  9.613   -5.303  1.00 18.65 ? 68  LEU B CD1 1 
ATOM   967  C CD2 . LEU B 1 59 ? -7.758  8.221   -4.573  1.00 15.53 ? 68  LEU B CD2 1 
ATOM   968  N N   . ALA B 1 60 ? -7.297  12.244  -1.843  1.00 20.49 ? 69  ALA B N   1 
ATOM   969  C CA  . ALA B 1 60 ? -8.051  13.473  -2.044  1.00 23.46 ? 69  ALA B CA  1 
ATOM   970  C C   . ALA B 1 60 ? -7.135  14.688  -1.884  1.00 22.90 ? 69  ALA B C   1 
ATOM   971  O O   . ALA B 1 60 ? -7.428  15.772  -2.385  1.00 24.03 ? 69  ALA B O   1 
ATOM   972  C CB  . ALA B 1 60 ? -9.216  13.540  -1.076  1.00 23.97 ? 69  ALA B CB  1 
ATOM   973  N N   . LEU B 1 61 ? -6.013  14.484  -1.201  1.00 19.09 ? 70  LEU B N   1 
ATOM   974  C CA  . LEU B 1 61 ? -5.036  15.547  -0.964  1.00 20.11 ? 70  LEU B CA  1 
ATOM   975  C C   . LEU B 1 61 ? -3.805  15.443  -1.874  1.00 22.39 ? 70  LEU B C   1 
ATOM   976  O O   . LEU B 1 61 ? -2.832  16.179  -1.693  1.00 20.41 ? 70  LEU B O   1 
ATOM   977  C CB  . LEU B 1 61 ? -4.612  15.549  0.510   1.00 19.33 ? 70  LEU B CB  1 
ATOM   978  C CG  . LEU B 1 61 ? -5.733  15.712  1.531   1.00 21.33 ? 70  LEU B CG  1 
ATOM   979  C CD1 . LEU B 1 61 ? -5.183  15.557  2.944   1.00 20.31 ? 70  LEU B CD1 1 
ATOM   980  C CD2 . LEU B 1 61 ? -6.406  17.064  1.355   1.00 27.39 ? 70  LEU B CD2 1 
ATOM   981  N N   . ASP B 1 62 ? -3.844  14.528  -2.845  1.00 18.76 ? 71  ASP B N   1 
ATOM   982  C CA  . ASP B 1 62 ? -2.785  14.405  -3.850  1.00 18.28 ? 71  ASP B CA  1 
ATOM   983  C C   . ASP B 1 62 ? -1.445  13.875  -3.342  1.00 18.24 ? 71  ASP B C   1 
ATOM   984  O O   . ASP B 1 62 ? -0.389  14.179  -3.908  1.00 19.50 ? 71  ASP B O   1 
ATOM   985  C CB  . ASP B 1 62 ? -2.569  15.736  -4.578  1.00 22.30 ? 71  ASP B CB  1 
ATOM   986  C CG  . ASP B 1 62 ? -3.766  16.149  -5.403  1.00 32.17 ? 71  ASP B CG  1 
ATOM   987  O OD1 . ASP B 1 62 ? -4.436  15.258  -5.971  1.00 33.24 ? 71  ASP B OD1 1 
ATOM   988  O OD2 . ASP B 1 62 ? -4.038  17.372  -5.482  1.00 39.37 ? 71  ASP B OD2 1 
ATOM   989  N N   . TYR B 1 63 ? -1.479  13.077  -2.282  1.00 15.99 ? 72  TYR B N   1 
ATOM   990  C CA  . TYR B 1 63 ? -0.270  12.406  -1.840  1.00 17.47 ? 72  TYR B CA  1 
ATOM   991  C C   . TYR B 1 63 ? -0.640  11.024  -1.306  1.00 16.66 ? 72  TYR B C   1 
ATOM   992  O O   . TYR B 1 63 ? -1.824  10.700  -1.182  1.00 15.88 ? 72  TYR B O   1 
ATOM   993  C CB  . TYR B 1 63 ? 0.472   13.243  -0.784  1.00 15.42 ? 72  TYR B CB  1 
ATOM   994  C CG  . TYR B 1 63 ? 0.032   13.032  0.662   1.00 17.38 ? 72  TYR B CG  1 
ATOM   995  C CD1 . TYR B 1 63 ? -1.194  13.506  1.127   1.00 14.46 ? 72  TYR B CD1 1 
ATOM   996  C CD2 . TYR B 1 63 ? 0.864   12.377  1.568   1.00 15.34 ? 72  TYR B CD2 1 
ATOM   997  C CE1 . TYR B 1 63 ? -1.588  13.315  2.459   1.00 16.80 ? 72  TYR B CE1 1 
ATOM   998  C CE2 . TYR B 1 63 ? 0.477   12.184  2.891   1.00 16.70 ? 72  TYR B CE2 1 
ATOM   999  C CZ  . TYR B 1 63 ? -0.747  12.649  3.325   1.00 16.04 ? 72  TYR B CZ  1 
ATOM   1000 O OH  . TYR B 1 63 ? -1.100  12.435  4.636   1.00 18.89 ? 72  TYR B OH  1 
ATOM   1001 N N   . GLN B 1 64 ? 0.372   10.205  -1.031  1.00 14.97 ? 73  GLN B N   1 
ATOM   1002 C CA  . GLN B 1 64 ? 0.156   8.875   -0.443  1.00 13.70 ? 73  GLN B CA  1 
ATOM   1003 C C   . GLN B 1 64 ? 1.184   8.595   0.636   1.00 14.16 ? 73  GLN B C   1 
ATOM   1004 O O   . GLN B 1 64 ? 2.274   9.177   0.651   1.00 16.99 ? 73  GLN B O   1 
ATOM   1005 C CB  . GLN B 1 64 ? 0.291   7.772   -1.505  1.00 16.56 ? 73  GLN B CB  1 
ATOM   1006 C CG  . GLN B 1 64 ? -0.796  7.759   -2.586  1.00 16.88 ? 73  GLN B CG  1 
ATOM   1007 C CD  . GLN B 1 64 ? -2.123  7.241   -2.076  1.00 17.26 ? 73  GLN B CD  1 
ATOM   1008 O OE1 . GLN B 1 64 ? -2.364  6.024   -2.055  1.00 17.50 ? 73  GLN B OE1 1 
ATOM   1009 N NE2 . GLN B 1 64 ? -3.000  8.154   -1.650  1.00 14.37 ? 73  GLN B NE2 1 
ATOM   1010 N N   . ILE B 1 65 ? 0.847   7.664   1.519   1.00 13.93 ? 74  ILE B N   1 
ATOM   1011 C CA  . ILE B 1 65 ? 1.763   7.216   2.552   1.00 16.21 ? 74  ILE B CA  1 
ATOM   1012 C C   . ILE B 1 65 ? 2.237   5.813   2.206   1.00 18.25 ? 74  ILE B C   1 
ATOM   1013 O O   . ILE B 1 65 ? 1.429   4.912   1.955   1.00 18.26 ? 74  ILE B O   1 
ATOM   1014 C CB  . ILE B 1 65 ? 1.107   7.265   3.928   1.00 15.16 ? 74  ILE B CB  1 
ATOM   1015 C CG1 . ILE B 1 65 ? 0.785   8.725   4.277   1.00 18.43 ? 74  ILE B CG1 1 
ATOM   1016 C CG2 . ILE B 1 65 ? 2.027   6.657   4.994   1.00 18.73 ? 74  ILE B CG2 1 
ATOM   1017 C CD1 . ILE B 1 65 ? -0.084  8.902   5.517   1.00 19.74 ? 74  ILE B CD1 1 
ATOM   1018 N N   . VAL B 1 66 ? 3.553   5.650   2.135   1.00 15.13 ? 75  VAL B N   1 
ATOM   1019 C CA  . VAL B 1 66 ? 4.147   4.376   1.744   1.00 15.74 ? 75  VAL B CA  1 
ATOM   1020 C C   . VAL B 1 66 ? 4.788   3.661   2.927   1.00 14.55 ? 75  VAL B C   1 
ATOM   1021 O O   . VAL B 1 66 ? 5.580   4.252   3.663   1.00 15.94 ? 75  VAL B O   1 
ATOM   1022 C CB  . VAL B 1 66 ? 5.211   4.597   0.650   1.00 18.88 ? 75  VAL B CB  1 
ATOM   1023 C CG1 . VAL B 1 66 ? 5.883   3.287   0.268   1.00 18.70 ? 75  VAL B CG1 1 
ATOM   1024 C CG2 . VAL B 1 66 ? 4.585   5.258   -0.564  1.00 18.07 ? 75  VAL B CG2 1 
ATOM   1025 N N   . ASP B 1 67 ? 4.457   2.386   3.094   1.00 14.27 ? 76  ASP B N   1 
ATOM   1026 C CA  . ASP B 1 67 ? 5.045   1.579   4.160   1.00 16.49 ? 76  ASP B CA  1 
ATOM   1027 C C   . ASP B 1 67 ? 6.360   0.978   3.662   1.00 16.78 ? 76  ASP B C   1 
ATOM   1028 O O   . ASP B 1 67 ? 6.361   0.188   2.725   1.00 17.29 ? 76  ASP B O   1 
ATOM   1029 C CB  . ASP B 1 67 ? 4.073   0.465   4.540   1.00 18.33 ? 76  ASP B CB  1 
ATOM   1030 C CG  . ASP B 1 67 ? 4.486   -0.267  5.793   1.00 15.53 ? 76  ASP B CG  1 
ATOM   1031 O OD1 . ASP B 1 67 ? 5.632   -0.094  6.234   1.00 16.45 ? 76  ASP B OD1 1 
ATOM   1032 O OD2 . ASP B 1 67 ? 3.658   -1.030  6.325   1.00 17.98 ? 76  ASP B OD2 1 
ATOM   1033 N N   . LYS B 1 68 ? 7.478   1.373   4.262   1.00 15.74 ? 77  LYS B N   1 
ATOM   1034 C CA  . LYS B 1 68 ? 8.783   0.800   3.907   1.00 17.98 ? 77  LYS B CA  1 
ATOM   1035 C C   . LYS B 1 68 ? 9.019   -0.616  4.438   1.00 19.65 ? 77  LYS B C   1 
ATOM   1036 O O   . LYS B 1 68 ? 9.987   -1.285  4.051   1.00 20.86 ? 77  LYS B O   1 
ATOM   1037 C CB  . LYS B 1 68 ? 9.909   1.727   4.363   1.00 20.55 ? 77  LYS B CB  1 
ATOM   1038 C CG  . LYS B 1 68 ? 10.002  3.014   3.551   1.00 21.43 ? 77  LYS B CG  1 
ATOM   1039 C CD  . LYS B 1 68 ? 11.048  3.955   4.153   1.00 26.74 ? 77  LYS B CD  1 
ATOM   1040 C CE  . LYS B 1 68 ? 12.393  3.264   4.323   1.00 33.00 ? 77  LYS B CE  1 
ATOM   1041 N NZ  . LYS B 1 68 ? 13.011  2.910   3.015   1.00 39.11 ? 77  LYS B NZ  1 
ATOM   1042 N N   . LYS B 1 69 ? 8.140   -1.072  5.321   1.00 16.82 ? 78  LYS B N   1 
ATOM   1043 C CA  . LYS B 1 69 ? 8.213   -2.439  5.850   1.00 16.39 ? 78  LYS B CA  1 
ATOM   1044 C C   . LYS B 1 69 ? 6.849   -3.104  5.678   1.00 16.86 ? 78  LYS B C   1 
ATOM   1045 O O   . LYS B 1 69 ? 6.192   -3.474  6.646   1.00 15.34 ? 78  LYS B O   1 
ATOM   1046 C CB  . LYS B 1 69 ? 8.630   -2.422  7.330   1.00 16.96 ? 78  LYS B CB  1 
ATOM   1047 C CG  . LYS B 1 69 ? 10.042  -1.864  7.555   1.00 21.39 ? 78  LYS B CG  1 
ATOM   1048 C CD  . LYS B 1 69 ? 10.414  -1.834  9.028   0.00 19.64 ? 78  LYS B CD  1 
ATOM   1049 C CE  . LYS B 1 69 ? 10.677  -3.231  9.564   0.00 19.76 ? 78  LYS B CE  1 
ATOM   1050 N NZ  . LYS B 1 69 ? 11.092  -3.204  10.994  0.00 20.59 ? 78  LYS B NZ  1 
ATOM   1051 N N   . PRO B 1 70 ? 6.392   -3.227  4.425   1.00 15.37 ? 79  PRO B N   1 
ATOM   1052 C CA  . PRO B 1 70 ? 5.008   -3.650  4.199   1.00 14.95 ? 79  PRO B CA  1 
ATOM   1053 C C   . PRO B 1 70 ? 4.759   -5.078  4.685   1.00 14.50 ? 79  PRO B C   1 
ATOM   1054 O O   . PRO B 1 70 ? 5.643   -5.936  4.595   1.00 16.58 ? 79  PRO B O   1 
ATOM   1055 C CB  . PRO B 1 70 ? 4.864   -3.569  2.678   1.00 15.41 ? 79  PRO B CB  1 
ATOM   1056 C CG  . PRO B 1 70 ? 6.252   -3.735  2.170   1.00 16.83 ? 79  PRO B CG  1 
ATOM   1057 C CD  . PRO B 1 70 ? 7.148   -3.086  3.172   1.00 18.46 ? 79  PRO B CD  1 
ATOM   1058 N N   . GLY B 1 71 ? 3.564   -5.299  5.223   1.00 15.90 ? 80  GLY B N   1 
ATOM   1059 C CA  . GLY B 1 71 ? 3.141   -6.623  5.645   1.00 16.61 ? 80  GLY B CA  1 
ATOM   1060 C C   . GLY B 1 71 ? 3.617   -6.978  7.029   1.00 16.54 ? 80  GLY B C   1 
ATOM   1061 O O   . GLY B 1 71 ? 3.413   -8.106  7.476   1.00 16.77 ? 80  GLY B O   1 
ATOM   1062 N N   . THR B 1 72 ? 4.274   -6.031  7.700   1.00 15.99 ? 81  THR B N   1 
ATOM   1063 C CA  . THR B 1 72 ? 4.730   -6.271  9.072   1.00 17.27 ? 81  THR B CA  1 
ATOM   1064 C C   . THR B 1 72 ? 3.801   -5.595  10.095  1.00 14.56 ? 81  THR B C   1 
ATOM   1065 O O   . THR B 1 72 ? 3.091   -4.642  9.784   1.00 16.03 ? 81  THR B O   1 
ATOM   1066 C CB  . THR B 1 72 ? 6.192   -5.810  9.299   1.00 17.16 ? 81  THR B CB  1 
ATOM   1067 O OG1 . THR B 1 72 ? 6.288   -4.378  9.196   1.00 15.26 ? 81  THR B OG1 1 
ATOM   1068 C CG2 . THR B 1 72 ? 7.123   -6.451  8.281   1.00 17.91 ? 81  THR B CG2 1 
ATOM   1069 N N   . SER B 1 73 ? 3.815   -6.105  11.318  1.00 16.08 ? 82  SER B N   1 
ATOM   1070 C CA  . SER B 1 73 ? 3.072   -5.506  12.407  1.00 16.25 ? 82  SER B CA  1 
ATOM   1071 C C   . SER B 1 73 ? 3.809   -4.265  12.915  1.00 15.90 ? 82  SER B C   1 
ATOM   1072 O O   . SER B 1 73 ? 4.932   -3.990  12.485  1.00 16.74 ? 82  SER B O   1 
ATOM   1073 C CB  . SER B 1 73 ? 2.936   -6.528  13.544  1.00 16.98 ? 82  SER B CB  1 
ATOM   1074 O OG  . SER B 1 73 ? 4.220   -6.976  13.971  1.00 21.23 ? 82  SER B OG  1 
ATOM   1075 N N   . ILE B 1 74 ? 3.178   -3.524  13.821  1.00 18.46 ? 83  ILE B N   1 
ATOM   1076 C CA  . ILE B 1 74 ? 3.877   -2.467  14.552  1.00 16.45 ? 83  ILE B CA  1 
ATOM   1077 C C   . ILE B 1 74 ? 3.835   -2.765  16.055  1.00 18.52 ? 83  ILE B C   1 
ATOM   1078 O O   . ILE B 1 74 ? 2.763   -2.995  16.617  1.00 20.49 ? 83  ILE B O   1 
ATOM   1079 C CB  . ILE B 1 74 ? 3.263   -1.088  14.344  1.00 17.52 ? 83  ILE B CB  1 
ATOM   1080 C CG1 . ILE B 1 74 ? 3.036   -0.797  12.857  1.00 18.12 ? 83  ILE B CG1 1 
ATOM   1081 C CG2 . ILE B 1 74 ? 4.167   -0.018  14.949  1.00 18.08 ? 83  ILE B CG2 1 
ATOM   1082 C CD1 . ILE B 1 74 ? 2.088   0.395   12.628  1.00 17.35 ? 83  ILE B CD1 1 
ATOM   1083 N N   . ALA B 1 75 ? 5.003   -2.727  16.688  1.00 20.64 ? 84  ALA B N   1 
ATOM   1084 C CA  . ALA B 1 75 ? 5.129   -3.081  18.108  1.00 22.54 ? 84  ALA B CA  1 
ATOM   1085 C C   . ALA B 1 75 ? 4.501   -2.041  19.026  1.00 24.21 ? 84  ALA B C   1 
ATOM   1086 O O   . ALA B 1 75 ? 4.548   -0.841  18.768  1.00 22.13 ? 84  ALA B O   1 
ATOM   1087 C CB  . ALA B 1 75 ? 6.588   -3.285  18.467  1.00 23.98 ? 84  ALA B CB  1 
ATOM   1088 N N   . GLN B 1 76 ? 3.911   -2.512  20.117  1.00 24.86 ? 85  GLN B N   1 
ATOM   1089 C CA  . GLN B 1 76 ? 3.349   -1.617  21.104  1.00 25.73 ? 85  GLN B CA  1 
ATOM   1090 C C   . GLN B 1 76 ? 4.420   -0.638  21.571  1.00 21.42 ? 85  GLN B C   1 
ATOM   1091 O O   . GLN B 1 76 ? 5.580   -1.012  21.741  1.00 26.69 ? 85  GLN B O   1 
ATOM   1092 C CB  . GLN B 1 76 ? 2.827   -2.425  22.294  1.00 27.12 ? 85  GLN B CB  1 
ATOM   1093 C CG  . GLN B 1 76 ? 2.112   -1.600  23.352  1.00 27.23 ? 85  GLN B CG  1 
ATOM   1094 C CD  . GLN B 1 76 ? 3.067   -0.883  24.295  1.00 27.86 ? 85  GLN B CD  1 
ATOM   1095 O OE1 . GLN B 1 76 ? 4.214   -1.300  24.482  1.00 32.59 ? 85  GLN B OE1 1 
ATOM   1096 N NE2 . GLN B 1 76 ? 2.594   0.203   24.891  1.00 31.11 ? 85  GLN B NE2 1 
ATOM   1097 N N   . GLY B 1 77 ? 4.028   0.616   21.760  1.00 24.21 ? 86  GLY B N   1 
ATOM   1098 C CA  . GLY B 1 77 ? 4.934   1.624   22.283  1.00 28.36 ? 86  GLY B CA  1 
ATOM   1099 C C   . GLY B 1 77 ? 5.837   2.276   21.253  1.00 27.04 ? 86  GLY B C   1 
ATOM   1100 O O   . GLY B 1 77 ? 6.653   3.134   21.588  1.00 24.40 ? 86  GLY B O   1 
ATOM   1101 N N   . THR B 1 78 ? 5.715   1.867   19.997  1.00 23.73 ? 87  THR B N   1 
ATOM   1102 C CA  . THR B 1 78 ? 6.507   2.491   18.943  1.00 24.13 ? 87  THR B CA  1 
ATOM   1103 C C   . THR B 1 78 ? 6.184   3.990   18.885  1.00 21.78 ? 87  THR B C   1 
ATOM   1104 O O   . THR B 1 78 ? 5.015   4.385   18.922  1.00 22.33 ? 87  THR B O   1 
ATOM   1105 C CB  . THR B 1 78 ? 6.249   1.814   17.589  1.00 22.72 ? 87  THR B CB  1 
ATOM   1106 O OG1 . THR B 1 78 ? 6.613   0.429   17.693  1.00 20.81 ? 87  THR B OG1 1 
ATOM   1107 C CG2 . THR B 1 78 ? 7.079   2.477   16.491  1.00 21.12 ? 87  THR B CG2 1 
ATOM   1108 N N   . LYS B 1 79 ? 7.228   4.817   18.804  1.00 19.56 ? 88  LYS B N   1 
ATOM   1109 C CA  . LYS B 1 79 ? 7.068   6.268   18.906  1.00 24.22 ? 88  LYS B CA  1 
ATOM   1110 C C   . LYS B 1 79 ? 7.067   6.935   17.534  1.00 22.84 ? 88  LYS B C   1 
ATOM   1111 O O   . LYS B 1 79 ? 7.474   6.332   16.543  1.00 22.88 ? 88  LYS B O   1 
ATOM   1112 C CB  . LYS B 1 79 ? 8.190   6.880   19.761  1.00 24.40 ? 88  LYS B CB  1 
ATOM   1113 C CG  . LYS B 1 79 ? 8.291   6.309   21.173  1.00 31.45 ? 88  LYS B CG  1 
ATOM   1114 C CD  . LYS B 1 79 ? 7.018   6.580   21.960  1.00 30.10 ? 88  LYS B CD  1 
ATOM   1115 C CE  . LYS B 1 79 ? 6.788   8.069   22.153  0.00 27.51 ? 88  LYS B CE  1 
ATOM   1116 N NZ  . LYS B 1 79 ? 5.507   8.338   22.865  0.00 27.77 ? 88  LYS B NZ  1 
ATOM   1117 N N   . ALA B 1 80 ? 6.628   8.191   17.503  1.00 24.02 ? 89  ALA B N   1 
ATOM   1118 C CA  . ALA B 1 80 ? 6.503   8.959   16.261  1.00 22.81 ? 89  ALA B CA  1 
ATOM   1119 C C   . ALA B 1 80 ? 7.758   8.972   15.391  1.00 23.99 ? 89  ALA B C   1 
ATOM   1120 O O   . ALA B 1 80 ? 7.669   8.842   14.167  1.00 21.40 ? 89  ALA B O   1 
ATOM   1121 C CB  . ALA B 1 80 ? 6.053   10.387  16.559  1.00 24.82 ? 89  ALA B CB  1 
ATOM   1122 N N   . ALA B 1 81 ? 8.926   9.146   16.003  1.00 22.56 ? 90  ALA B N   1 
ATOM   1123 C CA  . ALA B 1 81 ? 10.163  9.195   15.234  1.00 22.25 ? 90  ALA B CA  1 
ATOM   1124 C C   . ALA B 1 81 ? 10.331  7.939   14.379  1.00 22.61 ? 90  ALA B C   1 
ATOM   1125 O O   . ALA B 1 81 ? 10.652  8.010   13.186  1.00 20.95 ? 90  ALA B O   1 
ATOM   1126 C CB  . ALA B 1 81 ? 11.350  9.362   16.153  1.00 26.01 ? 90  ALA B CB  1 
ATOM   1127 N N   . ALA B 1 82 ? 10.122  6.784   15.000  1.00 20.95 ? 91  ALA B N   1 
ATOM   1128 C CA  . ALA B 1 82 ? 10.234  5.514   14.298  1.00 22.13 ? 91  ALA B CA  1 
ATOM   1129 C C   . ALA B 1 82 ? 9.152   5.381   13.231  1.00 18.34 ? 91  ALA B C   1 
ATOM   1130 O O   . ALA B 1 82 ? 9.417   4.875   12.130  1.00 19.87 ? 91  ALA B O   1 
ATOM   1131 C CB  . ALA B 1 82 ? 10.160  4.355   15.291  1.00 21.50 ? 91  ALA B CB  1 
ATOM   1132 N N   . LEU B 1 83 ? 7.942   5.830   13.559  1.00 16.55 ? 92  LEU B N   1 
ATOM   1133 C CA  . LEU B 1 83 ? 6.816   5.735   12.630  1.00 16.83 ? 92  LEU B CA  1 
ATOM   1134 C C   . LEU B 1 83 ? 7.095   6.556   11.382  1.00 16.67 ? 92  LEU B C   1 
ATOM   1135 O O   . LEU B 1 83 ? 6.743   6.141   10.286  1.00 16.16 ? 92  LEU B O   1 
ATOM   1136 C CB  . LEU B 1 83 ? 5.505   6.199   13.265  1.00 18.26 ? 92  LEU B CB  1 
ATOM   1137 C CG  . LEU B 1 83 ? 4.953   5.339   14.407  1.00 16.52 ? 92  LEU B CG  1 
ATOM   1138 C CD1 . LEU B 1 83 ? 3.767   6.033   15.074  1.00 18.13 ? 92  LEU B CD1 1 
ATOM   1139 C CD2 . LEU B 1 83 ? 4.542   3.940   13.907  1.00 17.38 ? 92  LEU B CD2 1 
ATOM   1140 N N   . ARG B 1 84 ? 7.698   7.734   11.553  1.00 17.35 ? 93  ARG B N   1 
ATOM   1141 C CA  . ARG B 1 84 ? 8.006   8.580   10.390  1.00 16.47 ? 93  ARG B CA  1 
ATOM   1142 C C   . ARG B 1 84 ? 9.077   7.954   9.491   1.00 18.03 ? 93  ARG B C   1 
ATOM   1143 O O   . ARG B 1 84 ? 9.084   8.171   8.276   1.00 17.45 ? 93  ARG B O   1 
ATOM   1144 C CB  . ARG B 1 84 ? 8.445   9.988   10.817  1.00 19.82 ? 93  ARG B CB  1 
ATOM   1145 C CG  . ARG B 1 84 ? 7.330   10.824  11.445  1.00 18.43 ? 93  ARG B CG  1 
ATOM   1146 C CD  . ARG B 1 84 ? 7.862   12.193  11.875  1.00 21.21 ? 93  ARG B CD  1 
ATOM   1147 N NE  . ARG B 1 84 ? 7.021   12.770  12.918  1.00 27.93 ? 93  ARG B NE  1 
ATOM   1148 C CZ  . ARG B 1 84 ? 5.999   13.588  12.688  1.00 26.98 ? 93  ARG B CZ  1 
ATOM   1149 N NH1 . ARG B 1 84 ? 5.701   13.957  11.449  1.00 25.82 ? 93  ARG B NH1 1 
ATOM   1150 N NH2 . ARG B 1 84 ? 5.286   14.054  13.702  1.00 29.92 ? 93  ARG B NH2 1 
ATOM   1151 N N   . LYS B 1 85 ? 9.981   7.183   10.085  1.00 15.93 ? 94  LYS B N   1 
ATOM   1152 C CA  . LYS B 1 85 ? 11.018  6.512   9.299   1.00 17.29 ? 94  LYS B CA  1 
ATOM   1153 C C   . LYS B 1 85 ? 10.407  5.411   8.436   1.00 19.07 ? 94  LYS B C   1 
ATOM   1154 O O   . LYS B 1 85 ? 10.911  5.101   7.351   1.00 20.02 ? 94  LYS B O   1 
ATOM   1155 C CB  . LYS B 1 85 ? 12.111  5.917   10.194  1.00 22.28 ? 94  LYS B CB  1 
ATOM   1156 C CG  . LYS B 1 85 ? 13.028  6.936   10.847  0.00 20.77 ? 94  LYS B CG  1 
ATOM   1157 C CD  . LYS B 1 85 ? 14.261  6.258   11.428  0.00 21.20 ? 94  LYS B CD  1 
ATOM   1158 C CE  . LYS B 1 85 ? 15.230  7.269   12.020  0.00 21.80 ? 94  LYS B CE  1 
ATOM   1159 N NZ  . LYS B 1 85 ? 14.648  7.977   13.193  0.00 22.16 ? 94  LYS B NZ  1 
ATOM   1160 N N   . ARG B 1 86 ? 9.330   4.811   8.935   1.00 16.31 ? 95  ARG B N   1 
ATOM   1161 C CA  . ARG B 1 86 ? 8.728   3.665   8.264   1.00 18.19 ? 95  ARG B CA  1 
ATOM   1162 C C   . ARG B 1 86 ? 7.644   4.081   7.283   1.00 17.60 ? 95  ARG B C   1 
ATOM   1163 O O   . ARG B 1 86 ? 7.543   3.531   6.191   1.00 18.19 ? 95  ARG B O   1 
ATOM   1164 C CB  . ARG B 1 86 ? 8.142   2.677   9.279   1.00 15.34 ? 95  ARG B CB  1 
ATOM   1165 C CG  . ARG B 1 86 ? 7.319   1.570   8.614   1.00 18.30 ? 95  ARG B CG  1 
ATOM   1166 C CD  . ARG B 1 86 ? 6.908   0.469   9.597   1.00 18.32 ? 95  ARG B CD  1 
ATOM   1167 N NE  . ARG B 1 86 ? 5.907   -0.401  8.978   1.00 16.45 ? 95  ARG B NE  1 
ATOM   1168 C CZ  . ARG B 1 86 ? 5.310   -1.421  9.587   1.00 18.76 ? 95  ARG B CZ  1 
ATOM   1169 N NH1 . ARG B 1 86 ? 5.635   -1.732  10.834  1.00 19.16 ? 95  ARG B NH1 1 
ATOM   1170 N NH2 . ARG B 1 86 ? 4.385   -2.127  8.946   1.00 16.39 ? 95  ARG B NH2 1 
ATOM   1171 N N   . PHE B 1 87 ? 6.824   5.050   7.683   1.00 15.91 ? 96  PHE B N   1 
ATOM   1172 C CA  . PHE B 1 87 ? 5.687   5.459   6.871   1.00 13.55 ? 96  PHE B CA  1 
ATOM   1173 C C   . PHE B 1 87 ? 5.988   6.798   6.209   1.00 16.72 ? 96  PHE B C   1 
ATOM   1174 O O   . PHE B 1 87 ? 5.926   7.840   6.855   1.00 17.89 ? 96  PHE B O   1 
ATOM   1175 C CB  . PHE B 1 87 ? 4.406   5.512   7.725   1.00 15.01 ? 96  PHE B CB  1 
ATOM   1176 C CG  . PHE B 1 87 ? 4.010   4.171   8.289   1.00 14.95 ? 96  PHE B CG  1 
ATOM   1177 C CD1 . PHE B 1 87 ? 3.338   3.249   7.494   1.00 14.40 ? 96  PHE B CD1 1 
ATOM   1178 C CD2 . PHE B 1 87 ? 4.335   3.815   9.596   1.00 14.50 ? 96  PHE B CD2 1 
ATOM   1179 C CE1 . PHE B 1 87 ? 2.986   1.997   7.989   1.00 15.59 ? 96  PHE B CE1 1 
ATOM   1180 C CE2 . PHE B 1 87 ? 3.980   2.560   10.102  1.00 17.81 ? 96  PHE B CE2 1 
ATOM   1181 C CZ  . PHE B 1 87 ? 3.308   1.654   9.293   1.00 16.13 ? 96  PHE B CZ  1 
ATOM   1182 N N   . ILE B 1 88 ? 6.322   6.743   4.921   1.00 16.20 ? 97  ILE B N   1 
ATOM   1183 C CA  . ILE B 1 88 ? 6.871   7.891   4.189   1.00 16.79 ? 97  ILE B CA  1 
ATOM   1184 C C   . ILE B 1 88 ? 5.824   8.550   3.296   1.00 16.49 ? 97  ILE B C   1 
ATOM   1185 O O   . ILE B 1 88 ? 5.169   7.875   2.497   1.00 17.22 ? 97  ILE B O   1 
ATOM   1186 C CB  . ILE B 1 88 ? 8.013   7.426   3.267   1.00 16.74 ? 97  ILE B CB  1 
ATOM   1187 C CG1 . ILE B 1 88 ? 9.053   6.629   4.051   1.00 19.26 ? 97  ILE B CG1 1 
ATOM   1188 C CG2 . ILE B 1 88 ? 8.664   8.616   2.548   1.00 20.06 ? 97  ILE B CG2 1 
ATOM   1189 C CD1 . ILE B 1 88 ? 9.763   7.434   5.082   1.00 19.06 ? 97  ILE B CD1 1 
ATOM   1190 N N   . PRO B 1 89 ? 5.665   9.878   3.408   1.00 13.24 ? 98  PRO B N   1 
ATOM   1191 C CA  . PRO B 1 89 ? 4.733   10.536  2.483   1.00 14.23 ? 98  PRO B CA  1 
ATOM   1192 C C   . PRO B 1 89 ? 5.377   10.785  1.124   1.00 15.77 ? 98  PRO B C   1 
ATOM   1193 O O   . PRO B 1 89 ? 6.553   11.130  1.040   1.00 17.98 ? 98  PRO B O   1 
ATOM   1194 C CB  . PRO B 1 89 ? 4.416   11.865  3.179   1.00 15.48 ? 98  PRO B CB  1 
ATOM   1195 C CG  . PRO B 1 89 ? 5.591   12.130  4.073   1.00 15.46 ? 98  PRO B CG  1 
ATOM   1196 C CD  . PRO B 1 89 ? 6.238   10.799  4.407   1.00 13.73 ? 98  PRO B CD  1 
ATOM   1197 N N   . LYS B 1 90 ? 4.603   10.595  0.065   1.00 16.43 ? 99  LYS B N   1 
ATOM   1198 C CA  . LYS B 1 90 ? 5.102   10.802  -1.281  1.00 18.29 ? 99  LYS B CA  1 
ATOM   1199 C C   . LYS B 1 90 ? 4.072   11.530  -2.115  1.00 18.88 ? 99  LYS B C   1 
ATOM   1200 O O   . LYS B 1 90 ? 2.880   11.266  -2.006  1.00 17.36 ? 99  LYS B O   1 
ATOM   1201 C CB  . LYS B 1 90 ? 5.433   9.459   -1.944  1.00 20.26 ? 99  LYS B CB  1 
ATOM   1202 C CG  . LYS B 1 90 ? 6.501   8.651   -1.206  1.00 24.23 ? 99  LYS B CG  1 
ATOM   1203 C CD  . LYS B 1 90 ? 7.047   7.529   -2.070  1.00 25.76 ? 99  LYS B CD  1 
ATOM   1204 C CE  . LYS B 1 90 ? 8.016   6.641   -1.286  1.00 25.01 ? 99  LYS B CE  1 
ATOM   1205 N NZ  . LYS B 1 90 ? 8.660   5.642   -2.179  1.00 33.11 ? 99  LYS B NZ  1 
ATOM   1206 N N   . LYS B 1 91 ? 4.535   12.443  -2.964  1.00 19.86 ? 100 LYS B N   1 
ATOM   1207 C CA  . LYS B 1 91 ? 3.662   13.092  -3.936  1.00 22.12 ? 100 LYS B CA  1 
ATOM   1208 C C   . LYS B 1 91 ? 3.155   12.097  -4.975  1.00 20.51 ? 100 LYS B C   1 
ATOM   1209 O O   . LYS B 1 91 ? 3.889   11.195  -5.386  1.00 22.74 ? 100 LYS B O   1 
ATOM   1210 C CB  . LYS B 1 91 ? 4.421   14.209  -4.659  1.00 21.73 ? 100 LYS B CB  1 
ATOM   1211 C CG  . LYS B 1 91 ? 4.943   15.284  -3.740  1.00 24.04 ? 100 LYS B CG  1 
ATOM   1212 C CD  . LYS B 1 91 ? 3.806   15.835  -2.903  1.00 23.38 ? 100 LYS B CD  1 
ATOM   1213 C CE  . LYS B 1 91 ? 4.011   17.302  -2.614  1.00 25.99 ? 100 LYS B CE  1 
ATOM   1214 N NZ  . LYS B 1 91 ? 3.801   18.182  -3.813  1.00 26.56 ? 100 LYS B NZ  1 
ATOM   1215 N N   . ILE B 1 92 ? 1.904   12.264  -5.404  1.00 22.75 ? 101 ILE B N   1 
ATOM   1216 C CA  . ILE B 1 92 ? 1.357   11.419  -6.470  1.00 16.76 ? 101 ILE B CA  1 
ATOM   1217 C C   . ILE B 1 92 ? 1.865   11.862  -7.840  1.00 26.09 ? 101 ILE B C   1 
ATOM   1218 O O   . ILE B 1 92 ? 1.846   13.054  -8.148  1.00 26.55 ? 101 ILE B O   1 
ATOM   1219 C CB  . ILE B 1 92 ? -0.181  11.391  -6.449  1.00 17.15 ? 101 ILE B CB  1 
ATOM   1220 C CG1 . ILE B 1 92 ? -0.676  10.654  -5.189  1.00 16.02 ? 101 ILE B CG1 1 
ATOM   1221 C CG2 . ILE B 1 92 ? -0.710  10.676  -7.685  1.00 19.63 ? 101 ILE B CG2 1 
ATOM   1222 C CD1 . ILE B 1 92 ? -2.202  10.596  -5.060  1.00 16.42 ? 101 ILE B CD1 1 
HETATM 1223 S S   . SCN C 2 .  ? -6.936  -6.520  12.420  0.45 36.46 ? 1   SCN B S   1 
HETATM 1224 C C   . SCN C 2 .  ? -5.774  -7.802  11.954  0.45 13.00 ? 1   SCN B C   1 
HETATM 1225 N N   . SCN C 2 .  ? -4.979  -8.619  11.641  0.45 8.49  ? 1   SCN B N   1 
HETATM 1226 S S   . SCN D 2 .  ? -2.640  -10.431 10.692  0.42 17.71 ? 103 SCN B S   1 
HETATM 1227 C C   . SCN D 2 .  ? -1.108  -11.330 10.471  0.42 19.66 ? 103 SCN B C   1 
HETATM 1228 N N   . SCN D 2 .  ? -0.092  -11.914 10.338  0.42 22.69 ? 103 SCN B N   1 
HETATM 1229 O O   . HOH E 3 .  ? 1.084   -0.424  -15.222 1.00 15.91 ? 1   HOH A O   1 
HETATM 1230 O O   . HOH E 3 .  ? -4.145  4.360   -6.544  1.00 14.80 ? 2   HOH A O   1 
HETATM 1231 O O   . HOH E 3 .  ? -2.034  2.945   -5.198  1.00 16.72 ? 3   HOH A O   1 
HETATM 1232 O O   . HOH E 3 .  ? -10.447 -10.840 -13.780 1.00 23.79 ? 5   HOH A O   1 
HETATM 1233 O O   . HOH E 3 .  ? -4.306  -12.866 6.000   1.00 18.14 ? 8   HOH A O   1 
HETATM 1234 O O   . HOH E 3 .  ? -5.969  -5.389  -20.123 1.00 19.10 ? 9   HOH A O   1 
HETATM 1235 O O   . HOH E 3 .  ? -3.480  -18.680 2.104   1.00 40.56 ? 103 HOH A O   1 
HETATM 1236 O O   . HOH E 3 .  ? -8.484  8.058   -10.475 1.00 21.58 ? 104 HOH A O   1 
HETATM 1237 O O   . HOH E 3 .  ? -9.480  -11.420 -3.923  1.00 34.91 ? 105 HOH A O   1 
HETATM 1238 O O   . HOH E 3 .  ? -5.749  -6.617  -22.554 1.00 30.26 ? 106 HOH A O   1 
HETATM 1239 O O   . HOH E 3 .  ? 2.553   8.125   -7.585  1.00 21.86 ? 107 HOH A O   1 
HETATM 1240 O O   . HOH E 3 .  ? -12.654 5.268   -6.717  1.00 21.78 ? 108 HOH A O   1 
HETATM 1241 O O   . HOH E 3 .  ? -4.164  8.621   -11.963 1.00 26.44 ? 109 HOH A O   1 
HETATM 1242 O O   . HOH E 3 .  ? -6.521  3.015   -22.282 1.00 30.03 ? 110 HOH A O   1 
HETATM 1243 O O   . HOH E 3 .  ? -4.266  -13.970 -6.461  1.00 31.22 ? 111 HOH A O   1 
HETATM 1244 O O   . HOH E 3 .  ? -9.207  -5.205  2.473   1.00 30.01 ? 112 HOH A O   1 
HETATM 1245 O O   . HOH E 3 .  ? -6.679  -12.068 -7.775  1.00 25.99 ? 113 HOH A O   1 
HETATM 1246 O O   . HOH E 3 .  ? -11.361 -4.360  -2.981  1.00 30.94 ? 114 HOH A O   1 
HETATM 1247 O O   . HOH E 3 .  ? -0.223  1.470   -14.753 1.00 27.50 ? 115 HOH A O   1 
HETATM 1248 O O   . HOH E 3 .  ? 1.246   -3.529  2.521   1.00 20.33 ? 116 HOH A O   1 
HETATM 1249 O O   . HOH E 3 .  ? -2.259  2.975   -16.641 1.00 23.78 ? 117 HOH A O   1 
HETATM 1250 O O   . HOH E 3 .  ? -8.586  -9.981  1.233   1.00 23.29 ? 118 HOH A O   1 
HETATM 1251 O O   . HOH E 3 .  ? -4.257  0.135   0.206   1.00 24.09 ? 119 HOH A O   1 
HETATM 1252 O O   . HOH E 3 .  ? -0.479  -19.937 -4.053  1.00 24.27 ? 120 HOH A O   1 
HETATM 1253 O O   . HOH E 3 .  ? 2.679   -23.958 -4.623  1.00 28.28 ? 121 HOH A O   1 
HETATM 1254 O O   . HOH E 3 .  ? 2.022   -8.611  -21.282 1.00 25.89 ? 122 HOH A O   1 
HETATM 1255 O O   . HOH E 3 .  ? -5.349  -11.871 -18.341 1.00 26.76 ? 123 HOH A O   1 
HETATM 1256 O O   . HOH E 3 .  ? -10.508 7.609   -7.344  1.00 24.59 ? 124 HOH A O   1 
HETATM 1257 O O   . HOH E 3 .  ? -3.917  -17.022 -13.938 1.00 33.40 ? 125 HOH A O   1 
HETATM 1258 O O   . HOH E 3 .  ? 1.827   -0.129  -2.295  1.00 24.84 ? 126 HOH A O   1 
HETATM 1259 O O   . HOH E 3 .  ? -4.438  10.249  -8.645  1.00 22.93 ? 127 HOH A O   1 
HETATM 1260 O O   . HOH E 3 .  ? -12.945 -7.781  -18.552 1.00 22.31 ? 128 HOH A O   1 
HETATM 1261 O O   . HOH E 3 .  ? 4.879   2.534   -3.029  1.00 30.19 ? 129 HOH A O   1 
HETATM 1262 O O   . HOH E 3 .  ? 4.768   -18.736 1.405   1.00 25.36 ? 130 HOH A O   1 
HETATM 1263 O O   . HOH E 3 .  ? -1.081  -2.539  1.037   1.00 29.16 ? 131 HOH A O   1 
HETATM 1264 O O   . HOH E 3 .  ? -1.117  1.687   -19.195 1.00 36.20 ? 132 HOH A O   1 
HETATM 1265 O O   . HOH E 3 .  ? -2.066  5.833   -14.522 1.00 34.74 ? 133 HOH A O   1 
HETATM 1266 O O   . HOH E 3 .  ? -13.859 -5.422  -15.701 1.00 21.73 ? 134 HOH A O   1 
HETATM 1267 O O   . HOH E 3 .  ? 4.696   -21.476 -8.774  1.00 28.02 ? 135 HOH A O   1 
HETATM 1268 O O   . HOH E 3 .  ? -5.992  -15.183 -12.500 1.00 28.98 ? 136 HOH A O   1 
HETATM 1269 O O   . HOH E 3 .  ? 0.444   -2.454  -21.528 1.00 27.32 ? 137 HOH A O   1 
HETATM 1270 O O   . HOH E 3 .  ? 7.276   -7.975  -10.941 1.00 31.77 ? 138 HOH A O   1 
HETATM 1271 O O   . HOH E 3 .  ? 0.176   5.503   -13.091 1.00 28.17 ? 139 HOH A O   1 
HETATM 1272 O O   . HOH E 3 .  ? -9.953  -3.595  0.291   1.00 25.99 ? 140 HOH A O   1 
HETATM 1273 O O   . HOH E 3 .  ? -11.315 -2.070  -6.020  1.00 30.88 ? 141 HOH A O   1 
HETATM 1274 O O   . HOH E 3 .  ? -0.353  -10.237 -21.512 1.00 32.14 ? 142 HOH A O   1 
HETATM 1275 O O   . HOH E 3 .  ? -4.826  5.628   -15.972 1.00 32.14 ? 143 HOH A O   1 
HETATM 1276 O O   . HOH E 3 .  ? -2.714  -18.750 -5.406  1.00 32.85 ? 144 HOH A O   1 
HETATM 1277 O O   . HOH E 3 .  ? 3.117   1.993   -1.392  1.00 31.31 ? 145 HOH A O   1 
HETATM 1278 O O   . HOH E 3 .  ? 1.536   -14.516 7.589   1.00 31.98 ? 146 HOH A O   1 
HETATM 1279 O O   . HOH E 3 .  ? 7.295   -20.433 -9.635  1.00 34.17 ? 147 HOH A O   1 
HETATM 1280 O O   . HOH E 3 .  ? -10.298 -1.185  1.619   1.00 38.29 ? 148 HOH A O   1 
HETATM 1281 O O   . HOH E 3 .  ? 9.076   -19.898 -7.658  1.00 37.14 ? 149 HOH A O   1 
HETATM 1282 O O   . HOH E 3 .  ? 1.149   -0.028  -20.677 1.00 37.20 ? 150 HOH A O   1 
HETATM 1283 O O   . HOH E 3 .  ? -3.553  -16.300 0.792   1.00 30.91 ? 151 HOH A O   1 
HETATM 1284 O O   . HOH E 3 .  ? -10.031 -7.827  2.663   1.00 36.35 ? 152 HOH A O   1 
HETATM 1285 O O   . HOH E 3 .  ? 4.650   -0.379  -16.123 1.00 35.68 ? 153 HOH A O   1 
HETATM 1286 O O   . HOH E 3 .  ? -11.735 -11.559 -21.202 1.00 41.19 ? 154 HOH A O   1 
HETATM 1287 O O   . HOH E 3 .  ? -1.658  -19.610 3.810   1.00 35.60 ? 155 HOH A O   1 
HETATM 1288 O O   . HOH F 3 .  ? 1.340   -4.718  7.460   1.00 15.14 ? 4   HOH B O   1 
HETATM 1289 O O   . HOH F 3 .  ? 8.668   10.570  7.047   1.00 16.45 ? 6   HOH B O   1 
HETATM 1290 O O   . HOH F 3 .  ? 8.789   12.355  1.900   1.00 20.39 ? 7   HOH B O   1 
HETATM 1291 O O   . HOH F 3 .  ? 13.260  5.943   6.110   1.00 31.30 ? 104 HOH B O   1 
HETATM 1292 O O   . HOH F 3 .  ? 8.979   15.170  -1.877  1.00 24.35 ? 105 HOH B O   1 
HETATM 1293 O O   . HOH F 3 .  ? 1.859   -2.887  5.404   1.00 17.25 ? 106 HOH B O   1 
HETATM 1294 O O   . HOH F 3 .  ? -6.838  -1.120  11.126  1.00 36.50 ? 107 HOH B O   1 
HETATM 1295 O O   . HOH F 3 .  ? -6.207  -6.364  6.247   1.00 30.73 ? 108 HOH B O   1 
HETATM 1296 O O   . HOH F 3 .  ? 3.180   -10.582 11.245  1.00 32.66 ? 109 HOH B O   1 
HETATM 1297 O O   . HOH F 3 .  ? 5.367   -8.551  11.884  1.00 25.24 ? 110 HOH B O   1 
HETATM 1298 O O   . HOH F 3 .  ? -5.306  18.376  6.010   1.00 24.22 ? 111 HOH B O   1 
HETATM 1299 O O   . HOH F 3 .  ? 1.033   -9.524  12.627  1.00 22.00 ? 112 HOH B O   1 
HETATM 1300 O O   . HOH F 3 .  ? 8.424   -6.060  4.644   1.00 25.44 ? 113 HOH B O   1 
HETATM 1301 O O   . HOH F 3 .  ? 7.445   12.946  -3.057  1.00 26.80 ? 114 HOH B O   1 
HETATM 1302 O O   . HOH F 3 .  ? 13.074  7.858   3.420   1.00 13.78 ? 115 HOH B O   1 
HETATM 1303 O O   . HOH F 3 .  ? 7.724   1.273   -1.778  1.00 34.67 ? 116 HOH B O   1 
HETATM 1304 O O   . HOH F 3 .  ? 3.667   16.721  8.567   1.00 22.93 ? 117 HOH B O   1 
HETATM 1305 O O   . HOH F 3 .  ? 12.129  9.917   12.292  1.00 26.72 ? 118 HOH B O   1 
HETATM 1306 O O   . HOH F 3 .  ? -1.406  3.566   -2.337  1.00 21.80 ? 119 HOH B O   1 
HETATM 1307 O O   . HOH F 3 .  ? 9.908   3.820   19.023  1.00 31.91 ? 120 HOH B O   1 
HETATM 1308 O O   . HOH F 3 .  ? 8.204   -3.965  11.146  1.00 24.51 ? 121 HOH B O   1 
HETATM 1309 O O   . HOH F 3 .  ? 3.893   -10.392 8.736   1.00 21.98 ? 122 HOH B O   1 
HETATM 1310 O O   . HOH F 3 .  ? -3.317  -1.248  2.155   1.00 21.71 ? 123 HOH B O   1 
HETATM 1311 O O   . HOH F 3 .  ? 9.106   12.746  15.431  1.00 32.32 ? 124 HOH B O   1 
HETATM 1312 O O   . HOH F 3 .  ? -3.439  18.739  -1.682  1.00 26.26 ? 125 HOH B O   1 
HETATM 1313 O O   . HOH F 3 .  ? 3.314   4.631   21.001  1.00 28.81 ? 126 HOH B O   1 
HETATM 1314 O O   . HOH F 3 .  ? 6.702   -0.447  0.121   1.00 32.79 ? 127 HOH B O   1 
HETATM 1315 O O   . HOH F 3 .  ? -8.652  -6.780  7.080   1.00 27.48 ? 128 HOH B O   1 
HETATM 1316 O O   . HOH F 3 .  ? 2.850   0.937   1.228   1.00 30.68 ? 129 HOH B O   1 
HETATM 1317 O O   . HOH F 3 .  ? -2.795  23.235  1.331   1.00 26.69 ? 130 HOH B O   1 
HETATM 1318 O O   . HOH F 3 .  ? -5.708  20.901  6.929   1.00 34.99 ? 131 HOH B O   1 
HETATM 1319 O O   . HOH F 3 .  ? 7.109   10.813  20.418  1.00 33.37 ? 132 HOH B O   1 
HETATM 1320 O O   . HOH F 3 .  ? -9.954  4.461   -1.909  1.00 30.04 ? 133 HOH B O   1 
HETATM 1321 O O   . HOH F 3 .  ? 9.160   10.299  18.719  1.00 31.22 ? 134 HOH B O   1 
HETATM 1322 O O   . HOH F 3 .  ? 10.877  -1.073  1.588   1.00 34.68 ? 135 HOH B O   1 
HETATM 1323 O O   . HOH F 3 .  ? -3.805  -5.624  19.246  1.00 29.62 ? 136 HOH B O   1 
HETATM 1324 O O   . HOH F 3 .  ? -10.373 9.566   -2.211  1.00 29.95 ? 137 HOH B O   1 
HETATM 1325 O O   . HOH F 3 .  ? 8.997   -2.074  -0.104  1.00 35.51 ? 138 HOH B O   1 
HETATM 1326 O O   . HOH F 3 .  ? -11.242 -4.587  6.416   1.00 43.24 ? 139 HOH B O   1 
HETATM 1327 O O   . HOH F 3 .  ? 6.505   4.554   -3.935  1.00 35.24 ? 140 HOH B O   1 
HETATM 1328 O O   . HOH F 3 .  ? -9.088  13.748  2.516   1.00 30.38 ? 141 HOH B O   1 
HETATM 1329 O O   . HOH F 3 .  ? -2.295  1.897   0.110   1.00 31.42 ? 142 HOH B O   1 
HETATM 1330 O O   . HOH F 3 .  ? -10.817 6.399   4.288   1.00 30.56 ? 143 HOH B O   1 
HETATM 1331 O O   . HOH F 3 .  ? -6.387  5.005   9.040   1.00 32.28 ? 144 HOH B O   1 
HETATM 1332 O O   . HOH F 3 .  ? 4.787   8.473   -5.950  1.00 36.91 ? 145 HOH B O   1 
HETATM 1333 O O   . HOH F 3 .  ? -7.743  -3.936  4.593   1.00 29.65 ? 146 HOH B O   1 
HETATM 1334 O O   . HOH F 3 .  ? 7.329   -2.697  15.066  1.00 30.62 ? 147 HOH B O   1 
HETATM 1335 O O   . HOH F 3 .  ? 0.153   25.130  1.290   1.00 30.64 ? 148 HOH B O   1 
HETATM 1336 O O   . HOH F 3 .  ? 11.149  2.886   12.038  1.00 30.38 ? 149 HOH B O   1 
HETATM 1337 O O   . HOH F 3 .  ? 5.965   23.426  1.815   1.00 33.08 ? 150 HOH B O   1 
HETATM 1338 O O   . HOH F 3 .  ? 4.584   16.952  -6.800  1.00 30.81 ? 151 HOH B O   1 
HETATM 1339 O O   . HOH F 3 .  ? -6.416  13.148  -6.350  1.00 41.27 ? 152 HOH B O   1 
HETATM 1340 O O   . HOH F 3 .  ? -12.350 5.379   -2.761  1.00 33.37 ? 153 HOH B O   1 
HETATM 1341 O O   . HOH F 3 .  ? 1.099   3.751   -0.979  1.00 33.55 ? 154 HOH B O   1 
HETATM 1342 O O   . HOH F 3 .  ? 8.102   1.841   12.950  1.00 19.08 ? 155 HOH B O   1 
HETATM 1343 O O   . HOH F 3 .  ? 10.954  6.528   18.081  1.00 34.68 ? 156 HOH B O   1 
HETATM 1344 O O   . HOH F 3 .  ? 7.756   -0.453  12.886  1.00 31.73 ? 157 HOH B O   1 
HETATM 1345 O O   . HOH F 3 .  ? -4.889  23.166  5.272   1.00 33.58 ? 158 HOH B O   1 
# 
loop_
_pdbx_poly_seq_scheme.asym_id 
_pdbx_poly_seq_scheme.entity_id 
_pdbx_poly_seq_scheme.seq_id 
_pdbx_poly_seq_scheme.mon_id 
_pdbx_poly_seq_scheme.ndb_seq_num 
_pdbx_poly_seq_scheme.pdb_seq_num 
_pdbx_poly_seq_scheme.auth_seq_num 
_pdbx_poly_seq_scheme.pdb_mon_id 
_pdbx_poly_seq_scheme.auth_mon_id 
_pdbx_poly_seq_scheme.pdb_strand_id 
_pdbx_poly_seq_scheme.pdb_ins_code 
_pdbx_poly_seq_scheme.hetero 
A 1 1  MET 1  10  ?   ?   ?   A . n 
A 1 2  ALA 2  11  ?   ?   ?   A . n 
A 1 3  HIS 3  12  ?   ?   ?   A . n 
A 1 4  HIS 4  13  ?   ?   ?   A . n 
A 1 5  HIS 5  14  ?   ?   ?   A . n 
A 1 6  HIS 6  15  ?   ?   ?   A . n 
A 1 7  HIS 7  16  ?   ?   ?   A . n 
A 1 8  HIS 8  17  ?   ?   ?   A . n 
A 1 9  VAL 9  18  ?   ?   ?   A . n 
A 1 10 ASP 10 19  ?   ?   ?   A . n 
A 1 11 ASP 11 20  ?   ?   ?   A . n 
A 1 12 ASP 12 21  ?   ?   ?   A . n 
A 1 13 ASP 13 22  ?   ?   ?   A . n 
A 1 14 LYS 14 23  ?   ?   ?   A . n 
A 1 15 THR 15 24  24  THR THR A . n 
A 1 16 PHE 16 25  25  PHE PHE A . n 
A 1 17 LYS 17 26  26  LYS LYS A . n 
A 1 18 MET 18 27  27  MET MET A . n 
A 1 19 ASN 19 28  28  ASN ASN A . n 
A 1 20 THR 20 29  29  THR THR A . n 
A 1 21 ALA 21 30  30  ALA ALA A . n 
A 1 22 GLN 22 31  31  GLN GLN A . n 
A 1 23 LYS 23 32  32  LYS LYS A . n 
A 1 24 ALA 24 33  33  ALA ALA A . n 
A 1 25 HIS 25 34  34  HIS HIS A . n 
A 1 26 TYR 26 35  35  TYR TYR A . n 
A 1 27 GLU 27 36  36  GLU GLU A . n 
A 1 28 LYS 28 37  37  LYS LYS A . n 
A 1 29 PHE 29 38  38  PHE PHE A . n 
A 1 30 ILE 30 39  39  ILE ILE A . n 
A 1 31 ASN 31 40  40  ASN ASN A . n 
A 1 32 ALA 32 41  41  ALA ALA A . n 
A 1 33 LEU 33 42  42  LEU LEU A . n 
A 1 34 GLU 34 43  43  GLU GLU A . n 
A 1 35 ASN 35 44  44  ASN ASN A . n 
A 1 36 GLU 36 45  45  GLU GLU A . n 
A 1 37 LEU 37 46  46  LEU LEU A . n 
A 1 38 LYS 38 47  47  LYS LYS A . n 
A 1 39 THR 39 48  48  THR THR A . n 
A 1 40 ARG 40 49  49  ARG ARG A . n 
A 1 41 HIS 41 50  50  HIS HIS A . n 
A 1 42 ILE 42 51  51  ILE ILE A . n 
A 1 43 PRO 43 52  52  PRO PRO A . n 
A 1 44 ALA 44 53  53  ALA ALA A . n 
A 1 45 GLY 45 54  54  GLY GLY A . n 
A 1 46 ALA 46 55  55  ALA ALA A . n 
A 1 47 VAL 47 56  56  VAL VAL A . n 
A 1 48 ILE 48 57  57  ILE ILE A . n 
A 1 49 ASP 49 58  58  ASP ASP A . n 
A 1 50 MET 50 59  59  MET MET A . n 
A 1 51 LEU 51 60  60  LEU LEU A . n 
A 1 52 ALA 52 61  61  ALA ALA A . n 
A 1 53 GLU 53 62  62  GLU GLU A . n 
A 1 54 ILE 54 63  63  ILE ILE A . n 
A 1 55 ASN 55 64  64  ASN ASN A . n 
A 1 56 THR 56 65  65  THR THR A . n 
A 1 57 GLU 57 66  66  GLU GLU A . n 
A 1 58 ALA 58 67  67  ALA ALA A . n 
A 1 59 LEU 59 68  68  LEU LEU A . n 
A 1 60 ALA 60 69  69  ALA ALA A . n 
A 1 61 LEU 61 70  70  LEU LEU A . n 
A 1 62 ASP 62 71  71  ASP ASP A . n 
A 1 63 TYR 63 72  72  TYR TYR A . n 
A 1 64 GLN 64 73  73  GLN GLN A . n 
A 1 65 ILE 65 74  74  ILE ILE A . n 
A 1 66 VAL 66 75  75  VAL VAL A . n 
A 1 67 ASP 67 76  76  ASP ASP A . n 
A 1 68 LYS 68 77  77  LYS LYS A . n 
A 1 69 LYS 69 78  78  LYS LYS A . n 
A 1 70 PRO 70 79  79  PRO PRO A . n 
A 1 71 GLY 71 80  80  GLY GLY A . n 
A 1 72 THR 72 81  81  THR THR A . n 
A 1 73 SER 73 82  82  SER SER A . n 
A 1 74 ILE 74 83  83  ILE ILE A . n 
A 1 75 ALA 75 84  84  ALA ALA A . n 
A 1 76 GLN 76 85  85  GLN GLN A . n 
A 1 77 GLY 77 86  86  GLY GLY A . n 
A 1 78 THR 78 87  87  THR THR A . n 
A 1 79 LYS 79 88  88  LYS LYS A . n 
A 1 80 ALA 80 89  89  ALA ALA A . n 
A 1 81 ALA 81 90  90  ALA ALA A . n 
A 1 82 ALA 82 91  91  ALA ALA A . n 
A 1 83 LEU 83 92  92  LEU LEU A . n 
A 1 84 ARG 84 93  93  ARG ARG A . n 
A 1 85 LYS 85 94  94  LYS LYS A . n 
A 1 86 ARG 86 95  95  ARG ARG A . n 
A 1 87 PHE 87 96  96  PHE PHE A . n 
A 1 88 ILE 88 97  97  ILE ILE A . n 
A 1 89 PRO 89 98  98  PRO PRO A . n 
A 1 90 LYS 90 99  99  LYS LYS A . n 
A 1 91 LYS 91 100 100 LYS LYS A . n 
A 1 92 ILE 92 101 101 ILE ILE A . n 
A 1 93 LYS 93 102 ?   ?   ?   A . n 
B 1 1  MET 1  10  ?   ?   ?   B . n 
B 1 2  ALA 2  11  ?   ?   ?   B . n 
B 1 3  HIS 3  12  ?   ?   ?   B . n 
B 1 4  HIS 4  13  ?   ?   ?   B . n 
B 1 5  HIS 5  14  ?   ?   ?   B . n 
B 1 6  HIS 6  15  ?   ?   ?   B . n 
B 1 7  HIS 7  16  ?   ?   ?   B . n 
B 1 8  HIS 8  17  ?   ?   ?   B . n 
B 1 9  VAL 9  18  ?   ?   ?   B . n 
B 1 10 ASP 10 19  ?   ?   ?   B . n 
B 1 11 ASP 11 20  ?   ?   ?   B . n 
B 1 12 ASP 12 21  ?   ?   ?   B . n 
B 1 13 ASP 13 22  ?   ?   ?   B . n 
B 1 14 LYS 14 23  ?   ?   ?   B . n 
B 1 15 THR 15 24  24  THR THR B . n 
B 1 16 PHE 16 25  25  PHE PHE B . n 
B 1 17 LYS 17 26  26  LYS LYS B . n 
B 1 18 MET 18 27  27  MET MET B . n 
B 1 19 ASN 19 28  28  ASN ASN B . n 
B 1 20 THR 20 29  29  THR THR B . n 
B 1 21 ALA 21 30  30  ALA ALA B . n 
B 1 22 GLN 22 31  31  GLN GLN B . n 
B 1 23 LYS 23 32  32  LYS LYS B . n 
B 1 24 ALA 24 33  33  ALA ALA B . n 
B 1 25 HIS 25 34  34  HIS HIS B . n 
B 1 26 TYR 26 35  35  TYR TYR B . n 
B 1 27 GLU 27 36  36  GLU GLU B . n 
B 1 28 LYS 28 37  37  LYS LYS B . n 
B 1 29 PHE 29 38  38  PHE PHE B . n 
B 1 30 ILE 30 39  39  ILE ILE B . n 
B 1 31 ASN 31 40  40  ASN ASN B . n 
B 1 32 ALA 32 41  41  ALA ALA B . n 
B 1 33 LEU 33 42  42  LEU LEU B . n 
B 1 34 GLU 34 43  43  GLU GLU B . n 
B 1 35 ASN 35 44  44  ASN ASN B . n 
B 1 36 GLU 36 45  45  GLU GLU B . n 
B 1 37 LEU 37 46  46  LEU LEU B . n 
B 1 38 LYS 38 47  47  LYS LYS B . n 
B 1 39 THR 39 48  48  THR THR B . n 
B 1 40 ARG 40 49  49  ARG ARG B . n 
B 1 41 HIS 41 50  50  HIS HIS B . n 
B 1 42 ILE 42 51  51  ILE ILE B . n 
B 1 43 PRO 43 52  52  PRO PRO B . n 
B 1 44 ALA 44 53  53  ALA ALA B . n 
B 1 45 GLY 45 54  54  GLY GLY B . n 
B 1 46 ALA 46 55  55  ALA ALA B . n 
B 1 47 VAL 47 56  56  VAL VAL B . n 
B 1 48 ILE 48 57  57  ILE ILE B . n 
B 1 49 ASP 49 58  58  ASP ASP B . n 
B 1 50 MET 50 59  59  MET MET B . n 
B 1 51 LEU 51 60  60  LEU LEU B . n 
B 1 52 ALA 52 61  61  ALA ALA B . n 
B 1 53 GLU 53 62  62  GLU GLU B . n 
B 1 54 ILE 54 63  63  ILE ILE B . n 
B 1 55 ASN 55 64  64  ASN ASN B . n 
B 1 56 THR 56 65  65  THR THR B . n 
B 1 57 GLU 57 66  66  GLU GLU B . n 
B 1 58 ALA 58 67  67  ALA ALA B . n 
B 1 59 LEU 59 68  68  LEU LEU B . n 
B 1 60 ALA 60 69  69  ALA ALA B . n 
B 1 61 LEU 61 70  70  LEU LEU B . n 
B 1 62 ASP 62 71  71  ASP ASP B . n 
B 1 63 TYR 63 72  72  TYR TYR B . n 
B 1 64 GLN 64 73  73  GLN GLN B . n 
B 1 65 ILE 65 74  74  ILE ILE B . n 
B 1 66 VAL 66 75  75  VAL VAL B . n 
B 1 67 ASP 67 76  76  ASP ASP B . n 
B 1 68 LYS 68 77  77  LYS LYS B . n 
B 1 69 LYS 69 78  78  LYS LYS B . n 
B 1 70 PRO 70 79  79  PRO PRO B . n 
B 1 71 GLY 71 80  80  GLY GLY B . n 
B 1 72 THR 72 81  81  THR THR B . n 
B 1 73 SER 73 82  82  SER SER B . n 
B 1 74 ILE 74 83  83  ILE ILE B . n 
B 1 75 ALA 75 84  84  ALA ALA B . n 
B 1 76 GLN 76 85  85  GLN GLN B . n 
B 1 77 GLY 77 86  86  GLY GLY B . n 
B 1 78 THR 78 87  87  THR THR B . n 
B 1 79 LYS 79 88  88  LYS LYS B . n 
B 1 80 ALA 80 89  89  ALA ALA B . n 
B 1 81 ALA 81 90  90  ALA ALA B . n 
B 1 82 ALA 82 91  91  ALA ALA B . n 
B 1 83 LEU 83 92  92  LEU LEU B . n 
B 1 84 ARG 84 93  93  ARG ARG B . n 
B 1 85 LYS 85 94  94  LYS LYS B . n 
B 1 86 ARG 86 95  95  ARG ARG B . n 
B 1 87 PHE 87 96  96  PHE PHE B . n 
B 1 88 ILE 88 97  97  ILE ILE B . n 
B 1 89 PRO 89 98  98  PRO PRO B . n 
B 1 90 LYS 90 99  99  LYS LYS B . n 
B 1 91 LYS 91 100 100 LYS LYS B . n 
B 1 92 ILE 92 101 101 ILE ILE B . n 
B 1 93 LYS 93 102 ?   ?   ?   B . n 
# 
loop_
_pdbx_nonpoly_scheme.asym_id 
_pdbx_nonpoly_scheme.entity_id 
_pdbx_nonpoly_scheme.mon_id 
_pdbx_nonpoly_scheme.ndb_seq_num 
_pdbx_nonpoly_scheme.pdb_seq_num 
_pdbx_nonpoly_scheme.auth_seq_num 
_pdbx_nonpoly_scheme.pdb_mon_id 
_pdbx_nonpoly_scheme.auth_mon_id 
_pdbx_nonpoly_scheme.pdb_strand_id 
_pdbx_nonpoly_scheme.pdb_ins_code 
C 2 SCN 1  1   1   SCN SCN B . 
D 2 SCN 1  103 1   SCN SCN B . 
E 3 HOH 1  1   1   HOH HOH A . 
E 3 HOH 2  2   2   HOH HOH A . 
E 3 HOH 3  3   3   HOH HOH A . 
E 3 HOH 4  5   5   HOH HOH A . 
E 3 HOH 5  8   8   HOH HOH A . 
E 3 HOH 6  9   9   HOH HOH A . 
E 3 HOH 7  103 103 HOH HOH A . 
E 3 HOH 8  104 10  HOH HOH A . 
E 3 HOH 9  105 105 HOH HOH A . 
E 3 HOH 10 106 106 HOH HOH A . 
E 3 HOH 11 107 11  HOH HOH A . 
E 3 HOH 12 108 108 HOH HOH A . 
E 3 HOH 13 109 14  HOH HOH A . 
E 3 HOH 14 110 110 HOH HOH A . 
E 3 HOH 15 111 111 HOH HOH A . 
E 3 HOH 16 112 112 HOH HOH A . 
E 3 HOH 17 113 113 HOH HOH A . 
E 3 HOH 18 114 114 HOH HOH A . 
E 3 HOH 19 115 20  HOH HOH A . 
E 3 HOH 20 116 21  HOH HOH A . 
E 3 HOH 21 117 24  HOH HOH A . 
E 3 HOH 22 118 25  HOH HOH A . 
E 3 HOH 23 119 26  HOH HOH A . 
E 3 HOH 24 120 28  HOH HOH A . 
E 3 HOH 25 121 29  HOH HOH A . 
E 3 HOH 26 122 30  HOH HOH A . 
E 3 HOH 27 123 31  HOH HOH A . 
E 3 HOH 28 124 33  HOH HOH A . 
E 3 HOH 29 125 36  HOH HOH A . 
E 3 HOH 30 126 39  HOH HOH A . 
E 3 HOH 31 127 40  HOH HOH A . 
E 3 HOH 32 128 41  HOH HOH A . 
E 3 HOH 33 129 43  HOH HOH A . 
E 3 HOH 34 130 46  HOH HOH A . 
E 3 HOH 35 131 47  HOH HOH A . 
E 3 HOH 36 132 48  HOH HOH A . 
E 3 HOH 37 133 49  HOH HOH A . 
E 3 HOH 38 134 50  HOH HOH A . 
E 3 HOH 39 135 52  HOH HOH A . 
E 3 HOH 40 136 54  HOH HOH A . 
E 3 HOH 41 137 55  HOH HOH A . 
E 3 HOH 42 138 56  HOH HOH A . 
E 3 HOH 43 139 57  HOH HOH A . 
E 3 HOH 44 140 62  HOH HOH A . 
E 3 HOH 45 141 64  HOH HOH A . 
E 3 HOH 46 142 65  HOH HOH A . 
E 3 HOH 47 143 66  HOH HOH A . 
E 3 HOH 48 144 67  HOH HOH A . 
E 3 HOH 49 145 72  HOH HOH A . 
E 3 HOH 50 146 83  HOH HOH A . 
E 3 HOH 51 147 84  HOH HOH A . 
E 3 HOH 52 148 85  HOH HOH A . 
E 3 HOH 53 149 87  HOH HOH A . 
E 3 HOH 54 150 88  HOH HOH A . 
E 3 HOH 55 151 89  HOH HOH A . 
E 3 HOH 56 152 90  HOH HOH A . 
E 3 HOH 57 153 91  HOH HOH A . 
E 3 HOH 58 154 96  HOH HOH A . 
E 3 HOH 59 155 102 HOH HOH A . 
F 3 HOH 1  4   4   HOH HOH B . 
F 3 HOH 2  6   6   HOH HOH B . 
F 3 HOH 3  7   7   HOH HOH B . 
F 3 HOH 4  104 104 HOH HOH B . 
F 3 HOH 5  105 12  HOH HOH B . 
F 3 HOH 6  106 13  HOH HOH B . 
F 3 HOH 7  107 107 HOH HOH B . 
F 3 HOH 8  108 15  HOH HOH B . 
F 3 HOH 9  109 109 HOH HOH B . 
F 3 HOH 10 110 16  HOH HOH B . 
F 3 HOH 11 111 17  HOH HOH B . 
F 3 HOH 12 112 18  HOH HOH B . 
F 3 HOH 13 113 19  HOH HOH B . 
F 3 HOH 14 114 22  HOH HOH B . 
F 3 HOH 15 115 115 HOH HOH B . 
F 3 HOH 16 116 116 HOH HOH B . 
F 3 HOH 17 117 117 HOH HOH B . 
F 3 HOH 18 118 23  HOH HOH B . 
F 3 HOH 19 119 27  HOH HOH B . 
F 3 HOH 20 120 32  HOH HOH B . 
F 3 HOH 21 121 34  HOH HOH B . 
F 3 HOH 22 122 35  HOH HOH B . 
F 3 HOH 23 123 37  HOH HOH B . 
F 3 HOH 24 124 38  HOH HOH B . 
F 3 HOH 25 125 42  HOH HOH B . 
F 3 HOH 26 126 44  HOH HOH B . 
F 3 HOH 27 127 45  HOH HOH B . 
F 3 HOH 28 128 51  HOH HOH B . 
F 3 HOH 29 129 53  HOH HOH B . 
F 3 HOH 30 130 58  HOH HOH B . 
F 3 HOH 31 131 59  HOH HOH B . 
F 3 HOH 32 132 60  HOH HOH B . 
F 3 HOH 33 133 61  HOH HOH B . 
F 3 HOH 34 134 63  HOH HOH B . 
F 3 HOH 35 135 68  HOH HOH B . 
F 3 HOH 36 136 69  HOH HOH B . 
F 3 HOH 37 137 70  HOH HOH B . 
F 3 HOH 38 138 71  HOH HOH B . 
F 3 HOH 39 139 73  HOH HOH B . 
F 3 HOH 40 140 74  HOH HOH B . 
F 3 HOH 41 141 75  HOH HOH B . 
F 3 HOH 42 142 76  HOH HOH B . 
F 3 HOH 43 143 77  HOH HOH B . 
F 3 HOH 44 144 78  HOH HOH B . 
F 3 HOH 45 145 79  HOH HOH B . 
F 3 HOH 46 146 80  HOH HOH B . 
F 3 HOH 47 147 81  HOH HOH B . 
F 3 HOH 48 148 82  HOH HOH B . 
F 3 HOH 49 149 86  HOH HOH B . 
F 3 HOH 50 150 92  HOH HOH B . 
F 3 HOH 51 151 93  HOH HOH B . 
F 3 HOH 52 152 94  HOH HOH B . 
F 3 HOH 53 153 95  HOH HOH B . 
F 3 HOH 54 154 97  HOH HOH B . 
F 3 HOH 55 155 98  HOH HOH B . 
F 3 HOH 56 156 99  HOH HOH B . 
F 3 HOH 57 157 100 HOH HOH B . 
F 3 HOH 58 158 101 HOH HOH B . 
# 
loop_
_pdbx_struct_assembly.id 
_pdbx_struct_assembly.details 
_pdbx_struct_assembly.method_details 
_pdbx_struct_assembly.oligomeric_details 
_pdbx_struct_assembly.oligomeric_count 
1 author_defined_assembly ? monomeric 1 
2 author_defined_assembly ? monomeric 1 
# 
loop_
_pdbx_struct_assembly_gen.assembly_id 
_pdbx_struct_assembly_gen.oper_expression 
_pdbx_struct_assembly_gen.asym_id_list 
1 1 A,E     
2 1 B,C,D,F 
# 
_pdbx_struct_oper_list.id                   1 
_pdbx_struct_oper_list.type                 'identity operation' 
_pdbx_struct_oper_list.name                 1_555 
_pdbx_struct_oper_list.symmetry_operation   x,y,z 
_pdbx_struct_oper_list.matrix[1][1]         1.0000000000 
_pdbx_struct_oper_list.matrix[1][2]         0.0000000000 
_pdbx_struct_oper_list.matrix[1][3]         0.0000000000 
_pdbx_struct_oper_list.vector[1]            0.0000000000 
_pdbx_struct_oper_list.matrix[2][1]         0.0000000000 
_pdbx_struct_oper_list.matrix[2][2]         1.0000000000 
_pdbx_struct_oper_list.matrix[2][3]         0.0000000000 
_pdbx_struct_oper_list.vector[2]            0.0000000000 
_pdbx_struct_oper_list.matrix[3][1]         0.0000000000 
_pdbx_struct_oper_list.matrix[3][2]         0.0000000000 
_pdbx_struct_oper_list.matrix[3][3]         1.0000000000 
_pdbx_struct_oper_list.vector[3]            0.0000000000 
# 
loop_
_pdbx_struct_special_symmetry.id 
_pdbx_struct_special_symmetry.PDB_model_num 
_pdbx_struct_special_symmetry.auth_asym_id 
_pdbx_struct_special_symmetry.auth_comp_id 
_pdbx_struct_special_symmetry.auth_seq_id 
_pdbx_struct_special_symmetry.PDB_ins_code 
_pdbx_struct_special_symmetry.label_asym_id 
_pdbx_struct_special_symmetry.label_comp_id 
_pdbx_struct_special_symmetry.label_seq_id 
1 1 B SCN 1   ? C SCN . 
2 1 B SCN 1   ? C SCN . 
3 1 B SCN 103 ? D SCN . 
# 
loop_
_pdbx_audit_revision_history.ordinal 
_pdbx_audit_revision_history.data_content_type 
_pdbx_audit_revision_history.major_revision 
_pdbx_audit_revision_history.minor_revision 
_pdbx_audit_revision_history.revision_date 
1 'Structure model' 1 0 2012-03-14 
2 'Structure model' 1 1 2023-09-13 
# 
_pdbx_audit_revision_details.ordinal             1 
_pdbx_audit_revision_details.revision_ordinal    1 
_pdbx_audit_revision_details.data_content_type   'Structure model' 
_pdbx_audit_revision_details.provider            repository 
_pdbx_audit_revision_details.type                'Initial release' 
_pdbx_audit_revision_details.description         ? 
_pdbx_audit_revision_details.details             ? 
# 
loop_
_pdbx_audit_revision_group.ordinal 
_pdbx_audit_revision_group.revision_ordinal 
_pdbx_audit_revision_group.data_content_type 
_pdbx_audit_revision_group.group 
1 2 'Structure model' 'Data collection'        
2 2 'Structure model' 'Database references'    
3 2 'Structure model' 'Derived calculations'   
4 2 'Structure model' 'Refinement description' 
# 
loop_
_pdbx_audit_revision_category.ordinal 
_pdbx_audit_revision_category.revision_ordinal 
_pdbx_audit_revision_category.data_content_type 
_pdbx_audit_revision_category.category 
1 2 'Structure model' chem_comp_atom                
2 2 'Structure model' chem_comp_bond                
3 2 'Structure model' database_2                    
4 2 'Structure model' pdbx_initial_refinement_model 
5 2 'Structure model' struct_ref_seq_dif            
6 2 'Structure model' struct_site                   
# 
loop_
_pdbx_audit_revision_item.ordinal 
_pdbx_audit_revision_item.revision_ordinal 
_pdbx_audit_revision_item.data_content_type 
_pdbx_audit_revision_item.item 
1 2 'Structure model' '_database_2.pdbx_DOI'                
2 2 'Structure model' '_database_2.pdbx_database_accession' 
3 2 'Structure model' '_struct_ref_seq_dif.details'         
4 2 'Structure model' '_struct_site.pdbx_auth_asym_id'      
5 2 'Structure model' '_struct_site.pdbx_auth_comp_id'      
6 2 'Structure model' '_struct_site.pdbx_auth_seq_id'       
# 
loop_
_software.name 
_software.classification 
_software.version 
_software.citation_id 
_software.pdbx_ordinal 
CBASS     'data collection' .                            ? 1 
PHASER    phasing           .                            ? 2 
PHENIX    refinement        '(phenix.refine: 1.6.1_357)' ? 3 
DENZO     'data reduction'  .                            ? 4 
SCALEPACK 'data scaling'    .                            ? 5 
# 
loop_
_pdbx_unobs_or_zero_occ_atoms.id 
_pdbx_unobs_or_zero_occ_atoms.PDB_model_num 
_pdbx_unobs_or_zero_occ_atoms.polymer_flag 
_pdbx_unobs_or_zero_occ_atoms.occupancy_flag 
_pdbx_unobs_or_zero_occ_atoms.auth_asym_id 
_pdbx_unobs_or_zero_occ_atoms.auth_comp_id 
_pdbx_unobs_or_zero_occ_atoms.auth_seq_id 
_pdbx_unobs_or_zero_occ_atoms.PDB_ins_code 
_pdbx_unobs_or_zero_occ_atoms.auth_atom_id 
_pdbx_unobs_or_zero_occ_atoms.label_alt_id 
_pdbx_unobs_or_zero_occ_atoms.label_asym_id 
_pdbx_unobs_or_zero_occ_atoms.label_comp_id 
_pdbx_unobs_or_zero_occ_atoms.label_seq_id 
_pdbx_unobs_or_zero_occ_atoms.label_atom_id 
1  1 Y 0 A THR 24  ? N  ? A THR 15 N  
2  1 Y 0 A THR 24  ? CB ? A THR 15 CB 
3  1 Y 0 A LYS 26  ? CB ? A LYS 17 CB 
4  1 Y 0 A LYS 26  ? CG ? A LYS 17 CG 
5  1 Y 0 A LYS 26  ? CD ? A LYS 17 CD 
6  1 Y 0 A LYS 26  ? CE ? A LYS 17 CE 
7  1 Y 0 A LYS 26  ? NZ ? A LYS 17 NZ 
8  1 Y 0 A LYS 32  ? CD ? A LYS 23 CD 
9  1 Y 0 A LYS 32  ? CE ? A LYS 23 CE 
10 1 Y 0 A LYS 32  ? NZ ? A LYS 23 NZ 
11 1 Y 0 A LYS 37  ? CD ? A LYS 28 CD 
12 1 Y 0 A LYS 37  ? CE ? A LYS 28 CE 
13 1 Y 0 A LYS 37  ? NZ ? A LYS 28 NZ 
14 1 Y 0 A LYS 47  ? CD ? A LYS 38 CD 
15 1 Y 0 A LYS 47  ? CE ? A LYS 38 CE 
16 1 Y 0 A LYS 47  ? NZ ? A LYS 38 NZ 
17 1 Y 0 A LYS 77  ? CG ? A LYS 68 CG 
18 1 Y 0 A LYS 77  ? CD ? A LYS 68 CD 
19 1 Y 0 A LYS 77  ? CE ? A LYS 68 CE 
20 1 Y 0 A LYS 77  ? NZ ? A LYS 68 NZ 
21 1 Y 0 A LYS 78  ? CD ? A LYS 69 CD 
22 1 Y 0 A LYS 78  ? CE ? A LYS 69 CE 
23 1 Y 0 A LYS 78  ? NZ ? A LYS 69 NZ 
24 1 Y 0 A LYS 88  ? CD ? A LYS 79 CD 
25 1 Y 0 A LYS 88  ? CE ? A LYS 79 CE 
26 1 Y 0 A LYS 88  ? NZ ? A LYS 79 NZ 
27 1 Y 0 A LYS 94  ? CD ? A LYS 85 CD 
28 1 Y 0 A LYS 94  ? CE ? A LYS 85 CE 
29 1 Y 0 A LYS 94  ? NZ ? A LYS 85 NZ 
30 1 Y 0 A LYS 99  ? CG ? A LYS 90 CG 
31 1 Y 0 A LYS 99  ? CD ? A LYS 90 CD 
32 1 Y 0 A LYS 99  ? CE ? A LYS 90 CE 
33 1 Y 0 A LYS 99  ? NZ ? A LYS 90 NZ 
34 1 Y 0 A LYS 100 ? CG ? A LYS 91 CG 
35 1 Y 0 A LYS 100 ? CD ? A LYS 91 CD 
36 1 Y 0 A LYS 100 ? CE ? A LYS 91 CE 
37 1 Y 0 A LYS 100 ? NZ ? A LYS 91 NZ 
38 1 Y 0 B LYS 26  ? CE ? B LYS 17 CE 
39 1 Y 0 B LYS 26  ? NZ ? B LYS 17 NZ 
40 1 Y 0 B LYS 37  ? CG ? B LYS 28 CG 
41 1 Y 0 B LYS 37  ? CD ? B LYS 28 CD 
42 1 Y 0 B LYS 37  ? CE ? B LYS 28 CE 
43 1 Y 0 B LYS 37  ? NZ ? B LYS 28 NZ 
44 1 Y 0 B LYS 47  ? CG ? B LYS 38 CG 
45 1 Y 0 B LYS 47  ? CD ? B LYS 38 CD 
46 1 Y 0 B LYS 47  ? CE ? B LYS 38 CE 
47 1 Y 0 B LYS 47  ? NZ ? B LYS 38 NZ 
48 1 Y 0 B LYS 78  ? CD ? B LYS 69 CD 
49 1 Y 0 B LYS 78  ? CE ? B LYS 69 CE 
50 1 Y 0 B LYS 78  ? NZ ? B LYS 69 NZ 
51 1 Y 0 B LYS 88  ? CE ? B LYS 79 CE 
52 1 Y 0 B LYS 88  ? NZ ? B LYS 79 NZ 
53 1 Y 0 B LYS 94  ? CG ? B LYS 85 CG 
54 1 Y 0 B LYS 94  ? CD ? B LYS 85 CD 
55 1 Y 0 B LYS 94  ? CE ? B LYS 85 CE 
56 1 Y 0 B LYS 94  ? NZ ? B LYS 85 NZ 
# 
loop_
_pdbx_unobs_or_zero_occ_residues.id 
_pdbx_unobs_or_zero_occ_residues.PDB_model_num 
_pdbx_unobs_or_zero_occ_residues.polymer_flag 
_pdbx_unobs_or_zero_occ_residues.occupancy_flag 
_pdbx_unobs_or_zero_occ_residues.auth_asym_id 
_pdbx_unobs_or_zero_occ_residues.auth_comp_id 
_pdbx_unobs_or_zero_occ_residues.auth_seq_id 
_pdbx_unobs_or_zero_occ_residues.PDB_ins_code 
_pdbx_unobs_or_zero_occ_residues.label_asym_id 
_pdbx_unobs_or_zero_occ_residues.label_comp_id 
_pdbx_unobs_or_zero_occ_residues.label_seq_id 
1  1 Y 1 A MET 10  ? A MET 1  
2  1 Y 1 A ALA 11  ? A ALA 2  
3  1 Y 1 A HIS 12  ? A HIS 3  
4  1 Y 1 A HIS 13  ? A HIS 4  
5  1 Y 1 A HIS 14  ? A HIS 5  
6  1 Y 1 A HIS 15  ? A HIS 6  
7  1 Y 1 A HIS 16  ? A HIS 7  
8  1 Y 1 A HIS 17  ? A HIS 8  
9  1 Y 1 A VAL 18  ? A VAL 9  
10 1 Y 1 A ASP 19  ? A ASP 10 
11 1 Y 1 A ASP 20  ? A ASP 11 
12 1 Y 1 A ASP 21  ? A ASP 12 
13 1 Y 1 A ASP 22  ? A ASP 13 
14 1 Y 1 A LYS 23  ? A LYS 14 
15 1 Y 1 A LYS 102 ? A LYS 93 
16 1 Y 1 B MET 10  ? B MET 1  
17 1 Y 1 B ALA 11  ? B ALA 2  
18 1 Y 1 B HIS 12  ? B HIS 3  
19 1 Y 1 B HIS 13  ? B HIS 4  
20 1 Y 1 B HIS 14  ? B HIS 5  
21 1 Y 1 B HIS 15  ? B HIS 6  
22 1 Y 1 B HIS 16  ? B HIS 7  
23 1 Y 1 B HIS 17  ? B HIS 8  
24 1 Y 1 B VAL 18  ? B VAL 9  
25 1 Y 1 B ASP 19  ? B ASP 10 
26 1 Y 1 B ASP 20  ? B ASP 11 
27 1 Y 1 B ASP 21  ? B ASP 12 
28 1 Y 1 B ASP 22  ? B ASP 13 
29 1 Y 1 B LYS 23  ? B LYS 14 
30 1 Y 1 B LYS 102 ? B LYS 93 
# 
loop_
_chem_comp_atom.comp_id 
_chem_comp_atom.atom_id 
_chem_comp_atom.type_symbol 
_chem_comp_atom.pdbx_aromatic_flag 
_chem_comp_atom.pdbx_stereo_config 
_chem_comp_atom.pdbx_ordinal 
ALA N    N N N 1   
ALA CA   C N S 2   
ALA C    C N N 3   
ALA O    O N N 4   
ALA CB   C N N 5   
ALA OXT  O N N 6   
ALA H    H N N 7   
ALA H2   H N N 8   
ALA HA   H N N 9   
ALA HB1  H N N 10  
ALA HB2  H N N 11  
ALA HB3  H N N 12  
ALA HXT  H N N 13  
ARG N    N N N 14  
ARG CA   C N S 15  
ARG C    C N N 16  
ARG O    O N N 17  
ARG CB   C N N 18  
ARG CG   C N N 19  
ARG CD   C N N 20  
ARG NE   N N N 21  
ARG CZ   C N N 22  
ARG NH1  N N N 23  
ARG NH2  N N N 24  
ARG OXT  O N N 25  
ARG H    H N N 26  
ARG H2   H N N 27  
ARG HA   H N N 28  
ARG HB2  H N N 29  
ARG HB3  H N N 30  
ARG HG2  H N N 31  
ARG HG3  H N N 32  
ARG HD2  H N N 33  
ARG HD3  H N N 34  
ARG HE   H N N 35  
ARG HH11 H N N 36  
ARG HH12 H N N 37  
ARG HH21 H N N 38  
ARG HH22 H N N 39  
ARG HXT  H N N 40  
ASN N    N N N 41  
ASN CA   C N S 42  
ASN C    C N N 43  
ASN O    O N N 44  
ASN CB   C N N 45  
ASN CG   C N N 46  
ASN OD1  O N N 47  
ASN ND2  N N N 48  
ASN OXT  O N N 49  
ASN H    H N N 50  
ASN H2   H N N 51  
ASN HA   H N N 52  
ASN HB2  H N N 53  
ASN HB3  H N N 54  
ASN HD21 H N N 55  
ASN HD22 H N N 56  
ASN HXT  H N N 57  
ASP N    N N N 58  
ASP CA   C N S 59  
ASP C    C N N 60  
ASP O    O N N 61  
ASP CB   C N N 62  
ASP CG   C N N 63  
ASP OD1  O N N 64  
ASP OD2  O N N 65  
ASP OXT  O N N 66  
ASP H    H N N 67  
ASP H2   H N N 68  
ASP HA   H N N 69  
ASP HB2  H N N 70  
ASP HB3  H N N 71  
ASP HD2  H N N 72  
ASP HXT  H N N 73  
GLN N    N N N 74  
GLN CA   C N S 75  
GLN C    C N N 76  
GLN O    O N N 77  
GLN CB   C N N 78  
GLN CG   C N N 79  
GLN CD   C N N 80  
GLN OE1  O N N 81  
GLN NE2  N N N 82  
GLN OXT  O N N 83  
GLN H    H N N 84  
GLN H2   H N N 85  
GLN HA   H N N 86  
GLN HB2  H N N 87  
GLN HB3  H N N 88  
GLN HG2  H N N 89  
GLN HG3  H N N 90  
GLN HE21 H N N 91  
GLN HE22 H N N 92  
GLN HXT  H N N 93  
GLU N    N N N 94  
GLU CA   C N S 95  
GLU C    C N N 96  
GLU O    O N N 97  
GLU CB   C N N 98  
GLU CG   C N N 99  
GLU CD   C N N 100 
GLU OE1  O N N 101 
GLU OE2  O N N 102 
GLU OXT  O N N 103 
GLU H    H N N 104 
GLU H2   H N N 105 
GLU HA   H N N 106 
GLU HB2  H N N 107 
GLU HB3  H N N 108 
GLU HG2  H N N 109 
GLU HG3  H N N 110 
GLU HE2  H N N 111 
GLU HXT  H N N 112 
GLY N    N N N 113 
GLY CA   C N N 114 
GLY C    C N N 115 
GLY O    O N N 116 
GLY OXT  O N N 117 
GLY H    H N N 118 
GLY H2   H N N 119 
GLY HA2  H N N 120 
GLY HA3  H N N 121 
GLY HXT  H N N 122 
HIS N    N N N 123 
HIS CA   C N S 124 
HIS C    C N N 125 
HIS O    O N N 126 
HIS CB   C N N 127 
HIS CG   C Y N 128 
HIS ND1  N Y N 129 
HIS CD2  C Y N 130 
HIS CE1  C Y N 131 
HIS NE2  N Y N 132 
HIS OXT  O N N 133 
HIS H    H N N 134 
HIS H2   H N N 135 
HIS HA   H N N 136 
HIS HB2  H N N 137 
HIS HB3  H N N 138 
HIS HD1  H N N 139 
HIS HD2  H N N 140 
HIS HE1  H N N 141 
HIS HE2  H N N 142 
HIS HXT  H N N 143 
HOH O    O N N 144 
HOH H1   H N N 145 
HOH H2   H N N 146 
ILE N    N N N 147 
ILE CA   C N S 148 
ILE C    C N N 149 
ILE O    O N N 150 
ILE CB   C N S 151 
ILE CG1  C N N 152 
ILE CG2  C N N 153 
ILE CD1  C N N 154 
ILE OXT  O N N 155 
ILE H    H N N 156 
ILE H2   H N N 157 
ILE HA   H N N 158 
ILE HB   H N N 159 
ILE HG12 H N N 160 
ILE HG13 H N N 161 
ILE HG21 H N N 162 
ILE HG22 H N N 163 
ILE HG23 H N N 164 
ILE HD11 H N N 165 
ILE HD12 H N N 166 
ILE HD13 H N N 167 
ILE HXT  H N N 168 
LEU N    N N N 169 
LEU CA   C N S 170 
LEU C    C N N 171 
LEU O    O N N 172 
LEU CB   C N N 173 
LEU CG   C N N 174 
LEU CD1  C N N 175 
LEU CD2  C N N 176 
LEU OXT  O N N 177 
LEU H    H N N 178 
LEU H2   H N N 179 
LEU HA   H N N 180 
LEU HB2  H N N 181 
LEU HB3  H N N 182 
LEU HG   H N N 183 
LEU HD11 H N N 184 
LEU HD12 H N N 185 
LEU HD13 H N N 186 
LEU HD21 H N N 187 
LEU HD22 H N N 188 
LEU HD23 H N N 189 
LEU HXT  H N N 190 
LYS N    N N N 191 
LYS CA   C N S 192 
LYS C    C N N 193 
LYS O    O N N 194 
LYS CB   C N N 195 
LYS CG   C N N 196 
LYS CD   C N N 197 
LYS CE   C N N 198 
LYS NZ   N N N 199 
LYS OXT  O N N 200 
LYS H    H N N 201 
LYS H2   H N N 202 
LYS HA   H N N 203 
LYS HB2  H N N 204 
LYS HB3  H N N 205 
LYS HG2  H N N 206 
LYS HG3  H N N 207 
LYS HD2  H N N 208 
LYS HD3  H N N 209 
LYS HE2  H N N 210 
LYS HE3  H N N 211 
LYS HZ1  H N N 212 
LYS HZ2  H N N 213 
LYS HZ3  H N N 214 
LYS HXT  H N N 215 
MET N    N N N 216 
MET CA   C N S 217 
MET C    C N N 218 
MET O    O N N 219 
MET CB   C N N 220 
MET CG   C N N 221 
MET SD   S N N 222 
MET CE   C N N 223 
MET OXT  O N N 224 
MET H    H N N 225 
MET H2   H N N 226 
MET HA   H N N 227 
MET HB2  H N N 228 
MET HB3  H N N 229 
MET HG2  H N N 230 
MET HG3  H N N 231 
MET HE1  H N N 232 
MET HE2  H N N 233 
MET HE3  H N N 234 
MET HXT  H N N 235 
PHE N    N N N 236 
PHE CA   C N S 237 
PHE C    C N N 238 
PHE O    O N N 239 
PHE CB   C N N 240 
PHE CG   C Y N 241 
PHE CD1  C Y N 242 
PHE CD2  C Y N 243 
PHE CE1  C Y N 244 
PHE CE2  C Y N 245 
PHE CZ   C Y N 246 
PHE OXT  O N N 247 
PHE H    H N N 248 
PHE H2   H N N 249 
PHE HA   H N N 250 
PHE HB2  H N N 251 
PHE HB3  H N N 252 
PHE HD1  H N N 253 
PHE HD2  H N N 254 
PHE HE1  H N N 255 
PHE HE2  H N N 256 
PHE HZ   H N N 257 
PHE HXT  H N N 258 
PRO N    N N N 259 
PRO CA   C N S 260 
PRO C    C N N 261 
PRO O    O N N 262 
PRO CB   C N N 263 
PRO CG   C N N 264 
PRO CD   C N N 265 
PRO OXT  O N N 266 
PRO H    H N N 267 
PRO HA   H N N 268 
PRO HB2  H N N 269 
PRO HB3  H N N 270 
PRO HG2  H N N 271 
PRO HG3  H N N 272 
PRO HD2  H N N 273 
PRO HD3  H N N 274 
PRO HXT  H N N 275 
SCN S    S N N 276 
SCN C    C N N 277 
SCN N    N N N 278 
SER N    N N N 279 
SER CA   C N S 280 
SER C    C N N 281 
SER O    O N N 282 
SER CB   C N N 283 
SER OG   O N N 284 
SER OXT  O N N 285 
SER H    H N N 286 
SER H2   H N N 287 
SER HA   H N N 288 
SER HB2  H N N 289 
SER HB3  H N N 290 
SER HG   H N N 291 
SER HXT  H N N 292 
THR N    N N N 293 
THR CA   C N S 294 
THR C    C N N 295 
THR O    O N N 296 
THR CB   C N R 297 
THR OG1  O N N 298 
THR CG2  C N N 299 
THR OXT  O N N 300 
THR H    H N N 301 
THR H2   H N N 302 
THR HA   H N N 303 
THR HB   H N N 304 
THR HG1  H N N 305 
THR HG21 H N N 306 
THR HG22 H N N 307 
THR HG23 H N N 308 
THR HXT  H N N 309 
TYR N    N N N 310 
TYR CA   C N S 311 
TYR C    C N N 312 
TYR O    O N N 313 
TYR CB   C N N 314 
TYR CG   C Y N 315 
TYR CD1  C Y N 316 
TYR CD2  C Y N 317 
TYR CE1  C Y N 318 
TYR CE2  C Y N 319 
TYR CZ   C Y N 320 
TYR OH   O N N 321 
TYR OXT  O N N 322 
TYR H    H N N 323 
TYR H2   H N N 324 
TYR HA   H N N 325 
TYR HB2  H N N 326 
TYR HB3  H N N 327 
TYR HD1  H N N 328 
TYR HD2  H N N 329 
TYR HE1  H N N 330 
TYR HE2  H N N 331 
TYR HH   H N N 332 
TYR HXT  H N N 333 
VAL N    N N N 334 
VAL CA   C N S 335 
VAL C    C N N 336 
VAL O    O N N 337 
VAL CB   C N N 338 
VAL CG1  C N N 339 
VAL CG2  C N N 340 
VAL OXT  O N N 341 
VAL H    H N N 342 
VAL H2   H N N 343 
VAL HA   H N N 344 
VAL HB   H N N 345 
VAL HG11 H N N 346 
VAL HG12 H N N 347 
VAL HG13 H N N 348 
VAL HG21 H N N 349 
VAL HG22 H N N 350 
VAL HG23 H N N 351 
VAL HXT  H N N 352 
# 
loop_
_chem_comp_bond.comp_id 
_chem_comp_bond.atom_id_1 
_chem_comp_bond.atom_id_2 
_chem_comp_bond.value_order 
_chem_comp_bond.pdbx_aromatic_flag 
_chem_comp_bond.pdbx_stereo_config 
_chem_comp_bond.pdbx_ordinal 
ALA N   CA   sing N N 1   
ALA N   H    sing N N 2   
ALA N   H2   sing N N 3   
ALA CA  C    sing N N 4   
ALA CA  CB   sing N N 5   
ALA CA  HA   sing N N 6   
ALA C   O    doub N N 7   
ALA C   OXT  sing N N 8   
ALA CB  HB1  sing N N 9   
ALA CB  HB2  sing N N 10  
ALA CB  HB3  sing N N 11  
ALA OXT HXT  sing N N 12  
ARG N   CA   sing N N 13  
ARG N   H    sing N N 14  
ARG N   H2   sing N N 15  
ARG CA  C    sing N N 16  
ARG CA  CB   sing N N 17  
ARG CA  HA   sing N N 18  
ARG C   O    doub N N 19  
ARG C   OXT  sing N N 20  
ARG CB  CG   sing N N 21  
ARG CB  HB2  sing N N 22  
ARG CB  HB3  sing N N 23  
ARG CG  CD   sing N N 24  
ARG CG  HG2  sing N N 25  
ARG CG  HG3  sing N N 26  
ARG CD  NE   sing N N 27  
ARG CD  HD2  sing N N 28  
ARG CD  HD3  sing N N 29  
ARG NE  CZ   sing N N 30  
ARG NE  HE   sing N N 31  
ARG CZ  NH1  sing N N 32  
ARG CZ  NH2  doub N N 33  
ARG NH1 HH11 sing N N 34  
ARG NH1 HH12 sing N N 35  
ARG NH2 HH21 sing N N 36  
ARG NH2 HH22 sing N N 37  
ARG OXT HXT  sing N N 38  
ASN N   CA   sing N N 39  
ASN N   H    sing N N 40  
ASN N   H2   sing N N 41  
ASN CA  C    sing N N 42  
ASN CA  CB   sing N N 43  
ASN CA  HA   sing N N 44  
ASN C   O    doub N N 45  
ASN C   OXT  sing N N 46  
ASN CB  CG   sing N N 47  
ASN CB  HB2  sing N N 48  
ASN CB  HB3  sing N N 49  
ASN CG  OD1  doub N N 50  
ASN CG  ND2  sing N N 51  
ASN ND2 HD21 sing N N 52  
ASN ND2 HD22 sing N N 53  
ASN OXT HXT  sing N N 54  
ASP N   CA   sing N N 55  
ASP N   H    sing N N 56  
ASP N   H2   sing N N 57  
ASP CA  C    sing N N 58  
ASP CA  CB   sing N N 59  
ASP CA  HA   sing N N 60  
ASP C   O    doub N N 61  
ASP C   OXT  sing N N 62  
ASP CB  CG   sing N N 63  
ASP CB  HB2  sing N N 64  
ASP CB  HB3  sing N N 65  
ASP CG  OD1  doub N N 66  
ASP CG  OD2  sing N N 67  
ASP OD2 HD2  sing N N 68  
ASP OXT HXT  sing N N 69  
GLN N   CA   sing N N 70  
GLN N   H    sing N N 71  
GLN N   H2   sing N N 72  
GLN CA  C    sing N N 73  
GLN CA  CB   sing N N 74  
GLN CA  HA   sing N N 75  
GLN C   O    doub N N 76  
GLN C   OXT  sing N N 77  
GLN CB  CG   sing N N 78  
GLN CB  HB2  sing N N 79  
GLN CB  HB3  sing N N 80  
GLN CG  CD   sing N N 81  
GLN CG  HG2  sing N N 82  
GLN CG  HG3  sing N N 83  
GLN CD  OE1  doub N N 84  
GLN CD  NE2  sing N N 85  
GLN NE2 HE21 sing N N 86  
GLN NE2 HE22 sing N N 87  
GLN OXT HXT  sing N N 88  
GLU N   CA   sing N N 89  
GLU N   H    sing N N 90  
GLU N   H2   sing N N 91  
GLU CA  C    sing N N 92  
GLU CA  CB   sing N N 93  
GLU CA  HA   sing N N 94  
GLU C   O    doub N N 95  
GLU C   OXT  sing N N 96  
GLU CB  CG   sing N N 97  
GLU CB  HB2  sing N N 98  
GLU CB  HB3  sing N N 99  
GLU CG  CD   sing N N 100 
GLU CG  HG2  sing N N 101 
GLU CG  HG3  sing N N 102 
GLU CD  OE1  doub N N 103 
GLU CD  OE2  sing N N 104 
GLU OE2 HE2  sing N N 105 
GLU OXT HXT  sing N N 106 
GLY N   CA   sing N N 107 
GLY N   H    sing N N 108 
GLY N   H2   sing N N 109 
GLY CA  C    sing N N 110 
GLY CA  HA2  sing N N 111 
GLY CA  HA3  sing N N 112 
GLY C   O    doub N N 113 
GLY C   OXT  sing N N 114 
GLY OXT HXT  sing N N 115 
HIS N   CA   sing N N 116 
HIS N   H    sing N N 117 
HIS N   H2   sing N N 118 
HIS CA  C    sing N N 119 
HIS CA  CB   sing N N 120 
HIS CA  HA   sing N N 121 
HIS C   O    doub N N 122 
HIS C   OXT  sing N N 123 
HIS CB  CG   sing N N 124 
HIS CB  HB2  sing N N 125 
HIS CB  HB3  sing N N 126 
HIS CG  ND1  sing Y N 127 
HIS CG  CD2  doub Y N 128 
HIS ND1 CE1  doub Y N 129 
HIS ND1 HD1  sing N N 130 
HIS CD2 NE2  sing Y N 131 
HIS CD2 HD2  sing N N 132 
HIS CE1 NE2  sing Y N 133 
HIS CE1 HE1  sing N N 134 
HIS NE2 HE2  sing N N 135 
HIS OXT HXT  sing N N 136 
HOH O   H1   sing N N 137 
HOH O   H2   sing N N 138 
ILE N   CA   sing N N 139 
ILE N   H    sing N N 140 
ILE N   H2   sing N N 141 
ILE CA  C    sing N N 142 
ILE CA  CB   sing N N 143 
ILE CA  HA   sing N N 144 
ILE C   O    doub N N 145 
ILE C   OXT  sing N N 146 
ILE CB  CG1  sing N N 147 
ILE CB  CG2  sing N N 148 
ILE CB  HB   sing N N 149 
ILE CG1 CD1  sing N N 150 
ILE CG1 HG12 sing N N 151 
ILE CG1 HG13 sing N N 152 
ILE CG2 HG21 sing N N 153 
ILE CG2 HG22 sing N N 154 
ILE CG2 HG23 sing N N 155 
ILE CD1 HD11 sing N N 156 
ILE CD1 HD12 sing N N 157 
ILE CD1 HD13 sing N N 158 
ILE OXT HXT  sing N N 159 
LEU N   CA   sing N N 160 
LEU N   H    sing N N 161 
LEU N   H2   sing N N 162 
LEU CA  C    sing N N 163 
LEU CA  CB   sing N N 164 
LEU CA  HA   sing N N 165 
LEU C   O    doub N N 166 
LEU C   OXT  sing N N 167 
LEU CB  CG   sing N N 168 
LEU CB  HB2  sing N N 169 
LEU CB  HB3  sing N N 170 
LEU CG  CD1  sing N N 171 
LEU CG  CD2  sing N N 172 
LEU CG  HG   sing N N 173 
LEU CD1 HD11 sing N N 174 
LEU CD1 HD12 sing N N 175 
LEU CD1 HD13 sing N N 176 
LEU CD2 HD21 sing N N 177 
LEU CD2 HD22 sing N N 178 
LEU CD2 HD23 sing N N 179 
LEU OXT HXT  sing N N 180 
LYS N   CA   sing N N 181 
LYS N   H    sing N N 182 
LYS N   H2   sing N N 183 
LYS CA  C    sing N N 184 
LYS CA  CB   sing N N 185 
LYS CA  HA   sing N N 186 
LYS C   O    doub N N 187 
LYS C   OXT  sing N N 188 
LYS CB  CG   sing N N 189 
LYS CB  HB2  sing N N 190 
LYS CB  HB3  sing N N 191 
LYS CG  CD   sing N N 192 
LYS CG  HG2  sing N N 193 
LYS CG  HG3  sing N N 194 
LYS CD  CE   sing N N 195 
LYS CD  HD2  sing N N 196 
LYS CD  HD3  sing N N 197 
LYS CE  NZ   sing N N 198 
LYS CE  HE2  sing N N 199 
LYS CE  HE3  sing N N 200 
LYS NZ  HZ1  sing N N 201 
LYS NZ  HZ2  sing N N 202 
LYS NZ  HZ3  sing N N 203 
LYS OXT HXT  sing N N 204 
MET N   CA   sing N N 205 
MET N   H    sing N N 206 
MET N   H2   sing N N 207 
MET CA  C    sing N N 208 
MET CA  CB   sing N N 209 
MET CA  HA   sing N N 210 
MET C   O    doub N N 211 
MET C   OXT  sing N N 212 
MET CB  CG   sing N N 213 
MET CB  HB2  sing N N 214 
MET CB  HB3  sing N N 215 
MET CG  SD   sing N N 216 
MET CG  HG2  sing N N 217 
MET CG  HG3  sing N N 218 
MET SD  CE   sing N N 219 
MET CE  HE1  sing N N 220 
MET CE  HE2  sing N N 221 
MET CE  HE3  sing N N 222 
MET OXT HXT  sing N N 223 
PHE N   CA   sing N N 224 
PHE N   H    sing N N 225 
PHE N   H2   sing N N 226 
PHE CA  C    sing N N 227 
PHE CA  CB   sing N N 228 
PHE CA  HA   sing N N 229 
PHE C   O    doub N N 230 
PHE C   OXT  sing N N 231 
PHE CB  CG   sing N N 232 
PHE CB  HB2  sing N N 233 
PHE CB  HB3  sing N N 234 
PHE CG  CD1  doub Y N 235 
PHE CG  CD2  sing Y N 236 
PHE CD1 CE1  sing Y N 237 
PHE CD1 HD1  sing N N 238 
PHE CD2 CE2  doub Y N 239 
PHE CD2 HD2  sing N N 240 
PHE CE1 CZ   doub Y N 241 
PHE CE1 HE1  sing N N 242 
PHE CE2 CZ   sing Y N 243 
PHE CE2 HE2  sing N N 244 
PHE CZ  HZ   sing N N 245 
PHE OXT HXT  sing N N 246 
PRO N   CA   sing N N 247 
PRO N   CD   sing N N 248 
PRO N   H    sing N N 249 
PRO CA  C    sing N N 250 
PRO CA  CB   sing N N 251 
PRO CA  HA   sing N N 252 
PRO C   O    doub N N 253 
PRO C   OXT  sing N N 254 
PRO CB  CG   sing N N 255 
PRO CB  HB2  sing N N 256 
PRO CB  HB3  sing N N 257 
PRO CG  CD   sing N N 258 
PRO CG  HG2  sing N N 259 
PRO CG  HG3  sing N N 260 
PRO CD  HD2  sing N N 261 
PRO CD  HD3  sing N N 262 
PRO OXT HXT  sing N N 263 
SCN S   C    sing N N 264 
SCN C   N    trip N N 265 
SER N   CA   sing N N 266 
SER N   H    sing N N 267 
SER N   H2   sing N N 268 
SER CA  C    sing N N 269 
SER CA  CB   sing N N 270 
SER CA  HA   sing N N 271 
SER C   O    doub N N 272 
SER C   OXT  sing N N 273 
SER CB  OG   sing N N 274 
SER CB  HB2  sing N N 275 
SER CB  HB3  sing N N 276 
SER OG  HG   sing N N 277 
SER OXT HXT  sing N N 278 
THR N   CA   sing N N 279 
THR N   H    sing N N 280 
THR N   H2   sing N N 281 
THR CA  C    sing N N 282 
THR CA  CB   sing N N 283 
THR CA  HA   sing N N 284 
THR C   O    doub N N 285 
THR C   OXT  sing N N 286 
THR CB  OG1  sing N N 287 
THR CB  CG2  sing N N 288 
THR CB  HB   sing N N 289 
THR OG1 HG1  sing N N 290 
THR CG2 HG21 sing N N 291 
THR CG2 HG22 sing N N 292 
THR CG2 HG23 sing N N 293 
THR OXT HXT  sing N N 294 
TYR N   CA   sing N N 295 
TYR N   H    sing N N 296 
TYR N   H2   sing N N 297 
TYR CA  C    sing N N 298 
TYR CA  CB   sing N N 299 
TYR CA  HA   sing N N 300 
TYR C   O    doub N N 301 
TYR C   OXT  sing N N 302 
TYR CB  CG   sing N N 303 
TYR CB  HB2  sing N N 304 
TYR CB  HB3  sing N N 305 
TYR CG  CD1  doub Y N 306 
TYR CG  CD2  sing Y N 307 
TYR CD1 CE1  sing Y N 308 
TYR CD1 HD1  sing N N 309 
TYR CD2 CE2  doub Y N 310 
TYR CD2 HD2  sing N N 311 
TYR CE1 CZ   doub Y N 312 
TYR CE1 HE1  sing N N 313 
TYR CE2 CZ   sing Y N 314 
TYR CE2 HE2  sing N N 315 
TYR CZ  OH   sing N N 316 
TYR OH  HH   sing N N 317 
TYR OXT HXT  sing N N 318 
VAL N   CA   sing N N 319 
VAL N   H    sing N N 320 
VAL N   H2   sing N N 321 
VAL CA  C    sing N N 322 
VAL CA  CB   sing N N 323 
VAL CA  HA   sing N N 324 
VAL C   O    doub N N 325 
VAL C   OXT  sing N N 326 
VAL CB  CG1  sing N N 327 
VAL CB  CG2  sing N N 328 
VAL CB  HB   sing N N 329 
VAL CG1 HG11 sing N N 330 
VAL CG1 HG12 sing N N 331 
VAL CG1 HG13 sing N N 332 
VAL CG2 HG21 sing N N 333 
VAL CG2 HG22 sing N N 334 
VAL CG2 HG23 sing N N 335 
VAL OXT HXT  sing N N 336 
# 
loop_
_pdbx_entity_nonpoly.entity_id 
_pdbx_entity_nonpoly.name 
_pdbx_entity_nonpoly.comp_id 
2 'THIOCYANATE ION' SCN 
3 water             HOH 
# 
_pdbx_initial_refinement_model.id               1 
_pdbx_initial_refinement_model.entity_id_list   ? 
_pdbx_initial_refinement_model.type             'experimental model' 
_pdbx_initial_refinement_model.source_name      PDB 
_pdbx_initial_refinement_model.accession_code   3QZ0 
_pdbx_initial_refinement_model.details          ? 
# 
